data_1GYY
# 
_entry.id   1GYY 
# 
_audit_conform.dict_name       mmcif_pdbx.dic 
_audit_conform.dict_version    5.391 
_audit_conform.dict_location   http://mmcif.pdb.org/dictionaries/ascii/mmcif_pdbx.dic 
# 
loop_
_database_2.database_id 
_database_2.database_code 
_database_2.pdbx_database_accession 
_database_2.pdbx_DOI 
PDB   1GYY         pdb_00001gyy 10.2210/pdb1gyy/pdb 
PDBE  EBI-9762     ?            ?                   
WWPDB D_1290009762 ?            ?                   
# 
loop_
_pdbx_audit_revision_history.ordinal 
_pdbx_audit_revision_history.data_content_type 
_pdbx_audit_revision_history.major_revision 
_pdbx_audit_revision_history.minor_revision 
_pdbx_audit_revision_history.revision_date 
1 'Structure model' 1 0 2002-10-10 
2 'Structure model' 1 1 2011-05-08 
3 'Structure model' 1 2 2011-07-13 
4 'Structure model' 1 3 2019-02-27 
5 'Structure model' 1 4 2024-05-01 
# 
_pdbx_audit_revision_details.ordinal             1 
_pdbx_audit_revision_details.revision_ordinal    1 
_pdbx_audit_revision_details.data_content_type   'Structure model' 
_pdbx_audit_revision_details.provider            repository 
_pdbx_audit_revision_details.type                'Initial release' 
_pdbx_audit_revision_details.description         ? 
_pdbx_audit_revision_details.details             ? 
# 
loop_
_pdbx_audit_revision_group.ordinal 
_pdbx_audit_revision_group.revision_ordinal 
_pdbx_audit_revision_group.data_content_type 
_pdbx_audit_revision_group.group 
1  2 'Structure model' 'Version format compliance' 
2  3 'Structure model' 'Version format compliance' 
3  4 'Structure model' 'Data collection'           
4  4 'Structure model' 'Experimental preparation'  
5  4 'Structure model' Other                       
6  5 'Structure model' 'Data collection'           
7  5 'Structure model' 'Database references'       
8  5 'Structure model' 'Derived calculations'      
9  5 'Structure model' Other                       
10 5 'Structure model' 'Refinement description'    
# 
loop_
_pdbx_audit_revision_category.ordinal 
_pdbx_audit_revision_category.revision_ordinal 
_pdbx_audit_revision_category.data_content_type 
_pdbx_audit_revision_category.category 
1  4 'Structure model' exptl_crystal_grow            
2  4 'Structure model' pdbx_database_proc            
3  4 'Structure model' pdbx_database_status          
4  4 'Structure model' struct_biol                   
5  5 'Structure model' chem_comp_atom                
6  5 'Structure model' chem_comp_bond                
7  5 'Structure model' database_2                    
8  5 'Structure model' pdbx_database_status          
9  5 'Structure model' pdbx_initial_refinement_model 
10 5 'Structure model' struct_site                   
# 
loop_
_pdbx_audit_revision_item.ordinal 
_pdbx_audit_revision_item.revision_ordinal 
_pdbx_audit_revision_item.data_content_type 
_pdbx_audit_revision_item.item 
1 4 'Structure model' '_exptl_crystal_grow.method'                  
2 4 'Structure model' '_exptl_crystal_grow.temp'                    
3 4 'Structure model' '_pdbx_database_status.recvd_author_approval' 
4 5 'Structure model' '_database_2.pdbx_DOI'                        
5 5 'Structure model' '_database_2.pdbx_database_accession'         
6 5 'Structure model' '_pdbx_database_status.status_code_sf'        
7 5 'Structure model' '_struct_site.pdbx_auth_asym_id'              
8 5 'Structure model' '_struct_site.pdbx_auth_comp_id'              
9 5 'Structure model' '_struct_site.pdbx_auth_seq_id'               
# 
_pdbx_database_status.status_code                     REL 
_pdbx_database_status.entry_id                        1GYY 
_pdbx_database_status.deposit_site                    PDBE 
_pdbx_database_status.process_site                    PDBE 
_pdbx_database_status.SG_entry                        . 
_pdbx_database_status.recvd_initial_deposition_date   2002-04-30 
_pdbx_database_status.pdb_format_compatible           Y 
_pdbx_database_status.status_code_sf                  REL 
_pdbx_database_status.status_code_mr                  ? 
_pdbx_database_status.status_code_cs                  ? 
_pdbx_database_status.methods_development_category    ? 
_pdbx_database_status.status_code_nmr_data            ? 
# 
loop_
_pdbx_database_related.db_name 
_pdbx_database_related.db_id 
_pdbx_database_related.content_type 
_pdbx_database_related.details 
PDB 1GYJ unspecified 
;THE CRYSTAL STRUCTURE OF YDCE, A 4- OXALOCROTONATE TAUTOMERASE HOMOLOGUE FROM ESCHERICHIA COLI, CONFIRMS THE STRUCTURAL BASIS FOR OLIGOMER DIVERSITY
;
PDB 1GYX unspecified 
;THE CRYSTAL STRUCTURE OF YDCE, A 4- OXALOCROTONATE TAUTOMERASE HOMOLOGUE FROM ESCHERICHIA COLI, CONFIRMS THE STRUCTURAL BASIS FOR OLIGOMER DIVERSITY
;
# 
loop_
_audit_author.name 
_audit_author.pdbx_ordinal 
_audit_author.identifier_ORCID 
'Almrud, J.'     1 ? 
'Kern, A.'       2 ? 
'Wang, S.'       3 ? 
'Czerwinski, R.' 4 ? 
'Johnson, W.'    5 ? 
'Murzin, A.'     6 ? 
'Hackert, M.'    7 ? 
'Whitman, C.'    8 ? 
# 
_citation.id                        primary 
_citation.title                     
;The Crystal Structure of Ydce, a 4-Oxalocrotonate Tautomerase Homologue from Escherichia Coli, Confirms the Structural Basis for Oligomer Diversity
;
_citation.journal_abbrev            Biochemistry 
_citation.journal_volume            41 
_citation.page_first                12010 
_citation.page_last                 ? 
_citation.year                      2002 
_citation.journal_id_ASTM           BICHAW 
_citation.country                   US 
_citation.journal_id_ISSN           0006-2960 
_citation.journal_id_CSD            0033 
_citation.book_publisher            ? 
_citation.pdbx_database_id_PubMed   12356301 
_citation.pdbx_database_id_DOI      10.1021/BI020271H 
# 
loop_
_citation_author.citation_id 
_citation_author.name 
_citation_author.ordinal 
_citation_author.identifier_ORCID 
primary 'Almrud, J.'     1 ? 
primary 'Kern, A.'       2 ? 
primary 'Wang, S.'       3 ? 
primary 'Czerwinski, R.' 4 ? 
primary 'Johnson, W.'    5 ? 
primary 'Murzin, A.'     6 ? 
primary 'Hackert, M.'    7 ? 
primary 'Whitman, C.'    8 ? 
# 
loop_
_entity.id 
_entity.type 
_entity.src_method 
_entity.pdbx_description 
_entity.formula_weight 
_entity.pdbx_number_of_molecules 
_entity.pdbx_ec 
_entity.pdbx_mutation 
_entity.pdbx_fragment 
_entity.details 
1 polymer     man 'HYPOTHETICAL PROTEIN YDCE'                   8550.729 2   5.3.2.1 ? ? 
'INACTIVATED BY (E)-2-FLUORO-P-HYDROXYCINNAMATE' 
2 non-polymer syn '2-FLUORO-3-(4-HYDROXYPHENYL)-2E-PROPENEOATE' 181.141  2   ?       ? ? ? 
3 water       nat water                                         18.015   283 ?       ? ? ? 
# 
_entity_name_com.entity_id   1 
_entity_name_com.name        'YDCE, B1461' 
# 
_entity_poly.entity_id                      1 
_entity_poly.type                           'polypeptide(L)' 
_entity_poly.nstd_linkage                   no 
_entity_poly.nstd_monomer                   no 
_entity_poly.pdbx_seq_one_letter_code       PHIDIKCFPRELDEQQKAALAADITDVIIRHLNSKDSSISIALQQIQPESWQAIWDAEIAPQMEALIKKPGYSMNA 
_entity_poly.pdbx_seq_one_letter_code_can   PHIDIKCFPRELDEQQKAALAADITDVIIRHLNSKDSSISIALQQIQPESWQAIWDAEIAPQMEALIKKPGYSMNA 
_entity_poly.pdbx_strand_id                 A,B 
_entity_poly.pdbx_target_identifier         ? 
# 
loop_
_pdbx_entity_nonpoly.entity_id 
_pdbx_entity_nonpoly.name 
_pdbx_entity_nonpoly.comp_id 
2 '2-FLUORO-3-(4-HYDROXYPHENYL)-2E-PROPENEOATE' FHC 
3 water                                         HOH 
# 
loop_
_entity_poly_seq.entity_id 
_entity_poly_seq.num 
_entity_poly_seq.mon_id 
_entity_poly_seq.hetero 
1 1  PRO n 
1 2  HIS n 
1 3  ILE n 
1 4  ASP n 
1 5  ILE n 
1 6  LYS n 
1 7  CYS n 
1 8  PHE n 
1 9  PRO n 
1 10 ARG n 
1 11 GLU n 
1 12 LEU n 
1 13 ASP n 
1 14 GLU n 
1 15 GLN n 
1 16 GLN n 
1 17 LYS n 
1 18 ALA n 
1 19 ALA n 
1 20 LEU n 
1 21 ALA n 
1 22 ALA n 
1 23 ASP n 
1 24 ILE n 
1 25 THR n 
1 26 ASP n 
1 27 VAL n 
1 28 ILE n 
1 29 ILE n 
1 30 ARG n 
1 31 HIS n 
1 32 LEU n 
1 33 ASN n 
1 34 SER n 
1 35 LYS n 
1 36 ASP n 
1 37 SER n 
1 38 SER n 
1 39 ILE n 
1 40 SER n 
1 41 ILE n 
1 42 ALA n 
1 43 LEU n 
1 44 GLN n 
1 45 GLN n 
1 46 ILE n 
1 47 GLN n 
1 48 PRO n 
1 49 GLU n 
1 50 SER n 
1 51 TRP n 
1 52 GLN n 
1 53 ALA n 
1 54 ILE n 
1 55 TRP n 
1 56 ASP n 
1 57 ALA n 
1 58 GLU n 
1 59 ILE n 
1 60 ALA n 
1 61 PRO n 
1 62 GLN n 
1 63 MET n 
1 64 GLU n 
1 65 ALA n 
1 66 LEU n 
1 67 ILE n 
1 68 LYS n 
1 69 LYS n 
1 70 PRO n 
1 71 GLY n 
1 72 TYR n 
1 73 SER n 
1 74 MET n 
1 75 ASN n 
1 76 ALA n 
# 
_entity_src_gen.entity_id                          1 
_entity_src_gen.pdbx_src_id                        1 
_entity_src_gen.pdbx_alt_source_flag               sample 
_entity_src_gen.pdbx_seq_type                      ? 
_entity_src_gen.pdbx_beg_seq_num                   ? 
_entity_src_gen.pdbx_end_seq_num                   ? 
_entity_src_gen.gene_src_common_name               ? 
_entity_src_gen.gene_src_genus                     ? 
_entity_src_gen.pdbx_gene_src_gene                 ? 
_entity_src_gen.gene_src_species                   ? 
_entity_src_gen.gene_src_strain                    ? 
_entity_src_gen.gene_src_tissue                    ? 
_entity_src_gen.gene_src_tissue_fraction           ? 
_entity_src_gen.gene_src_details                   ? 
_entity_src_gen.pdbx_gene_src_fragment             ? 
_entity_src_gen.pdbx_gene_src_scientific_name      'ESCHERICHIA COLI' 
_entity_src_gen.pdbx_gene_src_ncbi_taxonomy_id     562 
_entity_src_gen.pdbx_gene_src_variant              ? 
_entity_src_gen.pdbx_gene_src_cell_line            ? 
_entity_src_gen.pdbx_gene_src_atcc                 ? 
_entity_src_gen.pdbx_gene_src_organ                ? 
_entity_src_gen.pdbx_gene_src_organelle            ? 
_entity_src_gen.pdbx_gene_src_cell                 ? 
_entity_src_gen.pdbx_gene_src_cellular_location    ? 
_entity_src_gen.host_org_common_name               ? 
_entity_src_gen.pdbx_host_org_scientific_name      'ESCHERICHIA COLI' 
_entity_src_gen.pdbx_host_org_ncbi_taxonomy_id     469008 
_entity_src_gen.host_org_genus                     ? 
_entity_src_gen.pdbx_host_org_gene                 ? 
_entity_src_gen.pdbx_host_org_organ                ? 
_entity_src_gen.host_org_species                   ? 
_entity_src_gen.pdbx_host_org_tissue               ? 
_entity_src_gen.pdbx_host_org_tissue_fraction      ? 
_entity_src_gen.pdbx_host_org_strain               'BL21(DE3)' 
_entity_src_gen.pdbx_host_org_variant              ? 
_entity_src_gen.pdbx_host_org_cell_line            ? 
_entity_src_gen.pdbx_host_org_atcc                 ? 
_entity_src_gen.pdbx_host_org_culture_collection   ? 
_entity_src_gen.pdbx_host_org_cell                 ? 
_entity_src_gen.pdbx_host_org_organelle            ? 
_entity_src_gen.pdbx_host_org_cellular_location    ? 
_entity_src_gen.pdbx_host_org_vector_type          ? 
_entity_src_gen.pdbx_host_org_vector               ? 
_entity_src_gen.host_org_details                   ? 
_entity_src_gen.expression_system_id               ? 
_entity_src_gen.plasmid_name                       PET24A+ 
_entity_src_gen.plasmid_details                    ? 
_entity_src_gen.pdbx_description                   ? 
# 
loop_
_chem_comp.id 
_chem_comp.type 
_chem_comp.mon_nstd_flag 
_chem_comp.name 
_chem_comp.pdbx_synonyms 
_chem_comp.formula 
_chem_comp.formula_weight 
ALA 'L-peptide linking' y ALANINE                                       ?                                 'C3 H7 N O2'     89.093  
ARG 'L-peptide linking' y ARGININE                                      ?                                 'C6 H15 N4 O2 1' 175.209 
ASN 'L-peptide linking' y ASPARAGINE                                    ?                                 'C4 H8 N2 O3'    132.118 
ASP 'L-peptide linking' y 'ASPARTIC ACID'                               ?                                 'C4 H7 N O4'     133.103 
CYS 'L-peptide linking' y CYSTEINE                                      ?                                 'C3 H7 N O2 S'   121.158 
FHC non-polymer         . '2-FLUORO-3-(4-HYDROXYPHENYL)-2E-PROPENEOATE' '(E)-2-FLUORO-P-HYDROXYCINNAMATE' 'C9 H6 F O3 -1'  181.141 
GLN 'L-peptide linking' y GLUTAMINE                                     ?                                 'C5 H10 N2 O3'   146.144 
GLU 'L-peptide linking' y 'GLUTAMIC ACID'                               ?                                 'C5 H9 N O4'     147.129 
GLY 'peptide linking'   y GLYCINE                                       ?                                 'C2 H5 N O2'     75.067  
HIS 'L-peptide linking' y HISTIDINE                                     ?                                 'C6 H10 N3 O2 1' 156.162 
HOH non-polymer         . WATER                                         ?                                 'H2 O'           18.015  
ILE 'L-peptide linking' y ISOLEUCINE                                    ?                                 'C6 H13 N O2'    131.173 
LEU 'L-peptide linking' y LEUCINE                                       ?                                 'C6 H13 N O2'    131.173 
LYS 'L-peptide linking' y LYSINE                                        ?                                 'C6 H15 N2 O2 1' 147.195 
MET 'L-peptide linking' y METHIONINE                                    ?                                 'C5 H11 N O2 S'  149.211 
PHE 'L-peptide linking' y PHENYLALANINE                                 ?                                 'C9 H11 N O2'    165.189 
PRO 'L-peptide linking' y PROLINE                                       ?                                 'C5 H9 N O2'     115.130 
SER 'L-peptide linking' y SERINE                                        ?                                 'C3 H7 N O3'     105.093 
THR 'L-peptide linking' y THREONINE                                     ?                                 'C4 H9 N O3'     119.119 
TRP 'L-peptide linking' y TRYPTOPHAN                                    ?                                 'C11 H12 N2 O2'  204.225 
TYR 'L-peptide linking' y TYROSINE                                      ?                                 'C9 H11 N O3'    181.189 
VAL 'L-peptide linking' y VALINE                                        ?                                 'C5 H11 N O2'    117.146 
# 
loop_
_pdbx_poly_seq_scheme.asym_id 
_pdbx_poly_seq_scheme.entity_id 
_pdbx_poly_seq_scheme.seq_id 
_pdbx_poly_seq_scheme.mon_id 
_pdbx_poly_seq_scheme.ndb_seq_num 
_pdbx_poly_seq_scheme.pdb_seq_num 
_pdbx_poly_seq_scheme.auth_seq_num 
_pdbx_poly_seq_scheme.pdb_mon_id 
_pdbx_poly_seq_scheme.auth_mon_id 
_pdbx_poly_seq_scheme.pdb_strand_id 
_pdbx_poly_seq_scheme.pdb_ins_code 
_pdbx_poly_seq_scheme.hetero 
A 1 1  PRO 1  1  1  PRO PRO A . n 
A 1 2  HIS 2  2  2  HIS HIS A . n 
A 1 3  ILE 3  3  3  ILE ILE A . n 
A 1 4  ASP 4  4  4  ASP ASP A . n 
A 1 5  ILE 5  5  5  ILE ILE A . n 
A 1 6  LYS 6  6  6  LYS LYS A . n 
A 1 7  CYS 7  7  7  CYS CYS A . n 
A 1 8  PHE 8  8  8  PHE PHE A . n 
A 1 9  PRO 9  9  9  PRO PRO A . n 
A 1 10 ARG 10 10 10 ARG ARG A . n 
A 1 11 GLU 11 11 11 GLU GLU A . n 
A 1 12 LEU 12 12 12 LEU LEU A . n 
A 1 13 ASP 13 13 13 ASP ASP A . n 
A 1 14 GLU 14 14 14 GLU GLU A . n 
A 1 15 GLN 15 15 15 GLN GLN A . n 
A 1 16 GLN 16 16 16 GLN GLN A . n 
A 1 17 LYS 17 17 17 LYS LYS A . n 
A 1 18 ALA 18 18 18 ALA ALA A . n 
A 1 19 ALA 19 19 19 ALA ALA A . n 
A 1 20 LEU 20 20 20 LEU LEU A . n 
A 1 21 ALA 21 21 21 ALA ALA A . n 
A 1 22 ALA 22 22 22 ALA ALA A . n 
A 1 23 ASP 23 23 23 ASP ASP A . n 
A 1 24 ILE 24 24 24 ILE ILE A . n 
A 1 25 THR 25 25 25 THR THR A . n 
A 1 26 ASP 26 26 26 ASP ASP A . n 
A 1 27 VAL 27 27 27 VAL VAL A . n 
A 1 28 ILE 28 28 28 ILE ILE A . n 
A 1 29 ILE 29 29 29 ILE ILE A . n 
A 1 30 ARG 30 30 30 ARG ARG A . n 
A 1 31 HIS 31 31 31 HIS HIS A . n 
A 1 32 LEU 32 32 32 LEU LEU A . n 
A 1 33 ASN 33 33 33 ASN ASN A . n 
A 1 34 SER 34 34 34 SER SER A . n 
A 1 35 LYS 35 35 35 LYS LYS A . n 
A 1 36 ASP 36 36 36 ASP ASP A . n 
A 1 37 SER 37 37 37 SER SER A . n 
A 1 38 SER 38 38 38 SER SER A . n 
A 1 39 ILE 39 39 39 ILE ILE A . n 
A 1 40 SER 40 40 40 SER SER A . n 
A 1 41 ILE 41 41 41 ILE ILE A . n 
A 1 42 ALA 42 42 42 ALA ALA A . n 
A 1 43 LEU 43 43 43 LEU LEU A . n 
A 1 44 GLN 44 44 44 GLN GLN A . n 
A 1 45 GLN 45 45 45 GLN GLN A . n 
A 1 46 ILE 46 46 46 ILE ILE A . n 
A 1 47 GLN 47 47 47 GLN GLN A . n 
A 1 48 PRO 48 48 48 PRO PRO A . n 
A 1 49 GLU 49 49 49 GLU GLU A . n 
A 1 50 SER 50 50 50 SER SER A . n 
A 1 51 TRP 51 51 51 TRP TRP A . n 
A 1 52 GLN 52 52 52 GLN GLN A . n 
A 1 53 ALA 53 53 53 ALA ALA A . n 
A 1 54 ILE 54 54 54 ILE ILE A . n 
A 1 55 TRP 55 55 55 TRP TRP A . n 
A 1 56 ASP 56 56 56 ASP ASP A . n 
A 1 57 ALA 57 57 57 ALA ALA A . n 
A 1 58 GLU 58 58 58 GLU GLU A . n 
A 1 59 ILE 59 59 59 ILE ILE A . n 
A 1 60 ALA 60 60 60 ALA ALA A . n 
A 1 61 PRO 61 61 61 PRO PRO A . n 
A 1 62 GLN 62 62 62 GLN GLN A . n 
A 1 63 MET 63 63 63 MET MET A . n 
A 1 64 GLU 64 64 64 GLU GLU A . n 
A 1 65 ALA 65 65 65 ALA ALA A . n 
A 1 66 LEU 66 66 66 LEU LEU A . n 
A 1 67 ILE 67 67 67 ILE ILE A . n 
A 1 68 LYS 68 68 68 LYS LYS A . n 
A 1 69 LYS 69 69 69 LYS LYS A . n 
A 1 70 PRO 70 70 70 PRO PRO A . n 
A 1 71 GLY 71 71 71 GLY GLY A . n 
A 1 72 TYR 72 72 72 TYR TYR A . n 
A 1 73 SER 73 73 73 SER SER A . n 
A 1 74 MET 74 74 74 MET MET A . n 
A 1 75 ASN 75 75 75 ASN ASN A . n 
A 1 76 ALA 76 76 76 ALA ALA A . n 
B 1 1  PRO 1  1  1  PRO PRO B . n 
B 1 2  HIS 2  2  2  HIS HIS B . n 
B 1 3  ILE 3  3  3  ILE ILE B . n 
B 1 4  ASP 4  4  4  ASP ASP B . n 
B 1 5  ILE 5  5  5  ILE ILE B . n 
B 1 6  LYS 6  6  6  LYS LYS B . n 
B 1 7  CYS 7  7  7  CYS CYS B . n 
B 1 8  PHE 8  8  8  PHE PHE B . n 
B 1 9  PRO 9  9  9  PRO PRO B . n 
B 1 10 ARG 10 10 10 ARG ARG B . n 
B 1 11 GLU 11 11 11 GLU GLU B . n 
B 1 12 LEU 12 12 12 LEU LEU B . n 
B 1 13 ASP 13 13 13 ASP ASP B . n 
B 1 14 GLU 14 14 14 GLU GLU B . n 
B 1 15 GLN 15 15 15 GLN GLN B . n 
B 1 16 GLN 16 16 16 GLN GLN B . n 
B 1 17 LYS 17 17 17 LYS LYS B . n 
B 1 18 ALA 18 18 18 ALA ALA B . n 
B 1 19 ALA 19 19 19 ALA ALA B . n 
B 1 20 LEU 20 20 20 LEU LEU B . n 
B 1 21 ALA 21 21 21 ALA ALA B . n 
B 1 22 ALA 22 22 22 ALA ALA B . n 
B 1 23 ASP 23 23 23 ASP ASP B . n 
B 1 24 ILE 24 24 24 ILE ILE B . n 
B 1 25 THR 25 25 25 THR THR B . n 
B 1 26 ASP 26 26 26 ASP ASP B . n 
B 1 27 VAL 27 27 27 VAL VAL B . n 
B 1 28 ILE 28 28 28 ILE ILE B . n 
B 1 29 ILE 29 29 29 ILE ILE B . n 
B 1 30 ARG 30 30 30 ARG ARG B . n 
B 1 31 HIS 31 31 31 HIS HIS B . n 
B 1 32 LEU 32 32 32 LEU LEU B . n 
B 1 33 ASN 33 33 33 ASN ASN B . n 
B 1 34 SER 34 34 34 SER SER B . n 
B 1 35 LYS 35 35 35 LYS LYS B . n 
B 1 36 ASP 36 36 36 ASP ASP B . n 
B 1 37 SER 37 37 37 SER SER B . n 
B 1 38 SER 38 38 38 SER SER B . n 
B 1 39 ILE 39 39 39 ILE ILE B . n 
B 1 40 SER 40 40 40 SER SER B . n 
B 1 41 ILE 41 41 41 ILE ILE B . n 
B 1 42 ALA 42 42 42 ALA ALA B . n 
B 1 43 LEU 43 43 43 LEU LEU B . n 
B 1 44 GLN 44 44 44 GLN GLN B . n 
B 1 45 GLN 45 45 45 GLN GLN B . n 
B 1 46 ILE 46 46 46 ILE ILE B . n 
B 1 47 GLN 47 47 47 GLN GLN B . n 
B 1 48 PRO 48 48 48 PRO PRO B . n 
B 1 49 GLU 49 49 49 GLU GLU B . n 
B 1 50 SER 50 50 50 SER SER B . n 
B 1 51 TRP 51 51 51 TRP TRP B . n 
B 1 52 GLN 52 52 52 GLN GLN B . n 
B 1 53 ALA 53 53 53 ALA ALA B . n 
B 1 54 ILE 54 54 54 ILE ILE B . n 
B 1 55 TRP 55 55 55 TRP TRP B . n 
B 1 56 ASP 56 56 56 ASP ASP B . n 
B 1 57 ALA 57 57 57 ALA ALA B . n 
B 1 58 GLU 58 58 58 GLU GLU B . n 
B 1 59 ILE 59 59 59 ILE ILE B . n 
B 1 60 ALA 60 60 60 ALA ALA B . n 
B 1 61 PRO 61 61 61 PRO PRO B . n 
B 1 62 GLN 62 62 62 GLN GLN B . n 
B 1 63 MET 63 63 63 MET MET B . n 
B 1 64 GLU 64 64 64 GLU GLU B . n 
B 1 65 ALA 65 65 65 ALA ALA B . n 
B 1 66 LEU 66 66 66 LEU LEU B . n 
B 1 67 ILE 67 67 67 ILE ILE B . n 
B 1 68 LYS 68 68 68 LYS LYS B . n 
B 1 69 LYS 69 69 69 LYS LYS B . n 
B 1 70 PRO 70 70 70 PRO PRO B . n 
B 1 71 GLY 71 71 71 GLY GLY B . n 
B 1 72 TYR 72 72 72 TYR TYR B . n 
B 1 73 SER 73 73 73 SER SER B . n 
B 1 74 MET 74 74 74 MET MET B . n 
B 1 75 ASN 75 75 75 ASN ASN B . n 
B 1 76 ALA 76 76 76 ALA ALA B . n 
# 
loop_
_pdbx_nonpoly_scheme.asym_id 
_pdbx_nonpoly_scheme.entity_id 
_pdbx_nonpoly_scheme.mon_id 
_pdbx_nonpoly_scheme.ndb_seq_num 
_pdbx_nonpoly_scheme.pdb_seq_num 
_pdbx_nonpoly_scheme.auth_seq_num 
_pdbx_nonpoly_scheme.pdb_mon_id 
_pdbx_nonpoly_scheme.auth_mon_id 
_pdbx_nonpoly_scheme.pdb_strand_id 
_pdbx_nonpoly_scheme.pdb_ins_code 
C 2 FHC 1   500  500  FHC FHC A . 
D 2 FHC 1   500  500  FHC FHC B . 
E 3 HOH 1   2001 2001 HOH HOH A . 
E 3 HOH 2   2002 2002 HOH HOH A . 
E 3 HOH 3   2003 2003 HOH HOH A . 
E 3 HOH 4   2004 2004 HOH HOH A . 
E 3 HOH 5   2005 2005 HOH HOH A . 
E 3 HOH 6   2006 2006 HOH HOH A . 
E 3 HOH 7   2007 2007 HOH HOH A . 
E 3 HOH 8   2008 2008 HOH HOH A . 
E 3 HOH 9   2009 2009 HOH HOH A . 
E 3 HOH 10  2010 2010 HOH HOH A . 
E 3 HOH 11  2011 2011 HOH HOH A . 
E 3 HOH 12  2012 2012 HOH HOH A . 
E 3 HOH 13  2013 2013 HOH HOH A . 
E 3 HOH 14  2014 2014 HOH HOH A . 
E 3 HOH 15  2015 2015 HOH HOH A . 
E 3 HOH 16  2016 2016 HOH HOH A . 
E 3 HOH 17  2017 2017 HOH HOH A . 
E 3 HOH 18  2018 2018 HOH HOH A . 
E 3 HOH 19  2019 2019 HOH HOH A . 
E 3 HOH 20  2020 2020 HOH HOH A . 
E 3 HOH 21  2021 2021 HOH HOH A . 
E 3 HOH 22  2022 2022 HOH HOH A . 
E 3 HOH 23  2023 2023 HOH HOH A . 
E 3 HOH 24  2024 2024 HOH HOH A . 
E 3 HOH 25  2025 2025 HOH HOH A . 
E 3 HOH 26  2026 2026 HOH HOH A . 
E 3 HOH 27  2027 2027 HOH HOH A . 
E 3 HOH 28  2028 2028 HOH HOH A . 
E 3 HOH 29  2029 2029 HOH HOH A . 
E 3 HOH 30  2030 2030 HOH HOH A . 
E 3 HOH 31  2031 2031 HOH HOH A . 
E 3 HOH 32  2032 2032 HOH HOH A . 
E 3 HOH 33  2033 2033 HOH HOH A . 
E 3 HOH 34  2034 2034 HOH HOH A . 
E 3 HOH 35  2035 2035 HOH HOH A . 
E 3 HOH 36  2036 2036 HOH HOH A . 
E 3 HOH 37  2037 2037 HOH HOH A . 
E 3 HOH 38  2038 2038 HOH HOH A . 
E 3 HOH 39  2039 2039 HOH HOH A . 
E 3 HOH 40  2040 2040 HOH HOH A . 
E 3 HOH 41  2041 2041 HOH HOH A . 
E 3 HOH 42  2042 2042 HOH HOH A . 
E 3 HOH 43  2043 2043 HOH HOH A . 
E 3 HOH 44  2044 2044 HOH HOH A . 
E 3 HOH 45  2045 2045 HOH HOH A . 
E 3 HOH 46  2046 2046 HOH HOH A . 
E 3 HOH 47  2047 2047 HOH HOH A . 
E 3 HOH 48  2048 2048 HOH HOH A . 
E 3 HOH 49  2049 2049 HOH HOH A . 
E 3 HOH 50  2050 2050 HOH HOH A . 
E 3 HOH 51  2051 2051 HOH HOH A . 
E 3 HOH 52  2052 2052 HOH HOH A . 
E 3 HOH 53  2053 2053 HOH HOH A . 
E 3 HOH 54  2054 2054 HOH HOH A . 
E 3 HOH 55  2055 2055 HOH HOH A . 
E 3 HOH 56  2056 2056 HOH HOH A . 
E 3 HOH 57  2057 2057 HOH HOH A . 
E 3 HOH 58  2058 2058 HOH HOH A . 
E 3 HOH 59  2059 2059 HOH HOH A . 
E 3 HOH 60  2060 2060 HOH HOH A . 
E 3 HOH 61  2061 2061 HOH HOH A . 
E 3 HOH 62  2062 2062 HOH HOH A . 
E 3 HOH 63  2063 2063 HOH HOH A . 
E 3 HOH 64  2064 2064 HOH HOH A . 
E 3 HOH 65  2065 2065 HOH HOH A . 
E 3 HOH 66  2066 2066 HOH HOH A . 
E 3 HOH 67  2067 2067 HOH HOH A . 
E 3 HOH 68  2068 2068 HOH HOH A . 
E 3 HOH 69  2069 2069 HOH HOH A . 
E 3 HOH 70  2070 2070 HOH HOH A . 
E 3 HOH 71  2071 2071 HOH HOH A . 
E 3 HOH 72  2072 2072 HOH HOH A . 
E 3 HOH 73  2073 2073 HOH HOH A . 
E 3 HOH 74  2074 2074 HOH HOH A . 
E 3 HOH 75  2075 2075 HOH HOH A . 
E 3 HOH 76  2076 2076 HOH HOH A . 
E 3 HOH 77  2077 2077 HOH HOH A . 
E 3 HOH 78  2078 2078 HOH HOH A . 
E 3 HOH 79  2079 2079 HOH HOH A . 
E 3 HOH 80  2080 2080 HOH HOH A . 
E 3 HOH 81  2081 2081 HOH HOH A . 
E 3 HOH 82  2082 2082 HOH HOH A . 
E 3 HOH 83  2083 2083 HOH HOH A . 
E 3 HOH 84  2084 2084 HOH HOH A . 
E 3 HOH 85  2085 2085 HOH HOH A . 
E 3 HOH 86  2086 2086 HOH HOH A . 
E 3 HOH 87  2087 2087 HOH HOH A . 
E 3 HOH 88  2088 2088 HOH HOH A . 
E 3 HOH 89  2089 2089 HOH HOH A . 
E 3 HOH 90  2090 2090 HOH HOH A . 
E 3 HOH 91  2091 2091 HOH HOH A . 
E 3 HOH 92  2092 2092 HOH HOH A . 
E 3 HOH 93  2093 2093 HOH HOH A . 
E 3 HOH 94  2094 2094 HOH HOH A . 
E 3 HOH 95  2095 2095 HOH HOH A . 
E 3 HOH 96  2096 2096 HOH HOH A . 
E 3 HOH 97  2097 2097 HOH HOH A . 
E 3 HOH 98  2098 2098 HOH HOH A . 
E 3 HOH 99  2099 2099 HOH HOH A . 
E 3 HOH 100 2100 2100 HOH HOH A . 
E 3 HOH 101 2101 2101 HOH HOH A . 
E 3 HOH 102 2102 2102 HOH HOH A . 
E 3 HOH 103 2103 2103 HOH HOH A . 
E 3 HOH 104 2104 2104 HOH HOH A . 
E 3 HOH 105 2105 2105 HOH HOH A . 
E 3 HOH 106 2106 2106 HOH HOH A . 
E 3 HOH 107 2107 2107 HOH HOH A . 
E 3 HOH 108 2108 2108 HOH HOH A . 
E 3 HOH 109 2109 2109 HOH HOH A . 
E 3 HOH 110 2110 2110 HOH HOH A . 
E 3 HOH 111 2111 2111 HOH HOH A . 
E 3 HOH 112 2112 2112 HOH HOH A . 
E 3 HOH 113 2113 2113 HOH HOH A . 
E 3 HOH 114 2114 2114 HOH HOH A . 
E 3 HOH 115 2115 2115 HOH HOH A . 
E 3 HOH 116 2116 2116 HOH HOH A . 
E 3 HOH 117 2117 2117 HOH HOH A . 
E 3 HOH 118 2118 2118 HOH HOH A . 
E 3 HOH 119 2119 2119 HOH HOH A . 
E 3 HOH 120 2120 2120 HOH HOH A . 
E 3 HOH 121 2121 2121 HOH HOH A . 
E 3 HOH 122 2122 2122 HOH HOH A . 
E 3 HOH 123 2123 2123 HOH HOH A . 
E 3 HOH 124 2124 2124 HOH HOH A . 
E 3 HOH 125 2125 2125 HOH HOH A . 
E 3 HOH 126 2126 2126 HOH HOH A . 
E 3 HOH 127 2127 2127 HOH HOH A . 
E 3 HOH 128 2128 2128 HOH HOH A . 
E 3 HOH 129 2129 2129 HOH HOH A . 
E 3 HOH 130 2130 2130 HOH HOH A . 
E 3 HOH 131 2131 2131 HOH HOH A . 
E 3 HOH 132 2132 2132 HOH HOH A . 
E 3 HOH 133 2133 2133 HOH HOH A . 
E 3 HOH 134 2134 2134 HOH HOH A . 
E 3 HOH 135 2135 2135 HOH HOH A . 
E 3 HOH 136 2136 2136 HOH HOH A . 
E 3 HOH 137 2137 2137 HOH HOH A . 
E 3 HOH 138 2138 2138 HOH HOH A . 
E 3 HOH 139 2139 2139 HOH HOH A . 
E 3 HOH 140 2140 2140 HOH HOH A . 
E 3 HOH 141 2141 2141 HOH HOH A . 
E 3 HOH 142 2142 2142 HOH HOH A . 
E 3 HOH 143 2143 2143 HOH HOH A . 
E 3 HOH 144 2144 2144 HOH HOH A . 
E 3 HOH 145 2145 2145 HOH HOH A . 
E 3 HOH 146 2146 2146 HOH HOH A . 
E 3 HOH 147 2147 2147 HOH HOH A . 
E 3 HOH 148 2148 2148 HOH HOH A . 
E 3 HOH 149 2149 2149 HOH HOH A . 
E 3 HOH 150 2150 2150 HOH HOH A . 
F 3 HOH 1   2001 2001 HOH HOH B . 
F 3 HOH 2   2002 2002 HOH HOH B . 
F 3 HOH 3   2003 2003 HOH HOH B . 
F 3 HOH 4   2004 2004 HOH HOH B . 
F 3 HOH 5   2005 2005 HOH HOH B . 
F 3 HOH 6   2006 2006 HOH HOH B . 
F 3 HOH 7   2007 2007 HOH HOH B . 
F 3 HOH 8   2008 2008 HOH HOH B . 
F 3 HOH 9   2009 2009 HOH HOH B . 
F 3 HOH 10  2010 2010 HOH HOH B . 
F 3 HOH 11  2011 2011 HOH HOH B . 
F 3 HOH 12  2012 2012 HOH HOH B . 
F 3 HOH 13  2013 2013 HOH HOH B . 
F 3 HOH 14  2014 2014 HOH HOH B . 
F 3 HOH 15  2015 2015 HOH HOH B . 
F 3 HOH 16  2016 2016 HOH HOH B . 
F 3 HOH 17  2017 2017 HOH HOH B . 
F 3 HOH 18  2018 2018 HOH HOH B . 
F 3 HOH 19  2019 2019 HOH HOH B . 
F 3 HOH 20  2020 2020 HOH HOH B . 
F 3 HOH 21  2021 2021 HOH HOH B . 
F 3 HOH 22  2022 2022 HOH HOH B . 
F 3 HOH 23  2023 2023 HOH HOH B . 
F 3 HOH 24  2024 2024 HOH HOH B . 
F 3 HOH 25  2025 2025 HOH HOH B . 
F 3 HOH 26  2026 2026 HOH HOH B . 
F 3 HOH 27  2027 2027 HOH HOH B . 
F 3 HOH 28  2028 2028 HOH HOH B . 
F 3 HOH 29  2029 2029 HOH HOH B . 
F 3 HOH 30  2030 2030 HOH HOH B . 
F 3 HOH 31  2031 2031 HOH HOH B . 
F 3 HOH 32  2032 2032 HOH HOH B . 
F 3 HOH 33  2033 2033 HOH HOH B . 
F 3 HOH 34  2034 2034 HOH HOH B . 
F 3 HOH 35  2035 2035 HOH HOH B . 
F 3 HOH 36  2036 2036 HOH HOH B . 
F 3 HOH 37  2037 2037 HOH HOH B . 
F 3 HOH 38  2038 2038 HOH HOH B . 
F 3 HOH 39  2039 2039 HOH HOH B . 
F 3 HOH 40  2040 2040 HOH HOH B . 
F 3 HOH 41  2041 2041 HOH HOH B . 
F 3 HOH 42  2042 2042 HOH HOH B . 
F 3 HOH 43  2043 2043 HOH HOH B . 
F 3 HOH 44  2044 2044 HOH HOH B . 
F 3 HOH 45  2045 2045 HOH HOH B . 
F 3 HOH 46  2046 2046 HOH HOH B . 
F 3 HOH 47  2047 2047 HOH HOH B . 
F 3 HOH 48  2048 2048 HOH HOH B . 
F 3 HOH 49  2049 2049 HOH HOH B . 
F 3 HOH 50  2050 2050 HOH HOH B . 
F 3 HOH 51  2051 2051 HOH HOH B . 
F 3 HOH 52  2052 2052 HOH HOH B . 
F 3 HOH 53  2053 2053 HOH HOH B . 
F 3 HOH 54  2054 2054 HOH HOH B . 
F 3 HOH 55  2055 2055 HOH HOH B . 
F 3 HOH 56  2056 2056 HOH HOH B . 
F 3 HOH 57  2057 2057 HOH HOH B . 
F 3 HOH 58  2058 2058 HOH HOH B . 
F 3 HOH 59  2059 2059 HOH HOH B . 
F 3 HOH 60  2060 2060 HOH HOH B . 
F 3 HOH 61  2061 2061 HOH HOH B . 
F 3 HOH 62  2062 2062 HOH HOH B . 
F 3 HOH 63  2063 2063 HOH HOH B . 
F 3 HOH 64  2064 2064 HOH HOH B . 
F 3 HOH 65  2065 2065 HOH HOH B . 
F 3 HOH 66  2066 2066 HOH HOH B . 
F 3 HOH 67  2067 2067 HOH HOH B . 
F 3 HOH 68  2068 2068 HOH HOH B . 
F 3 HOH 69  2069 2069 HOH HOH B . 
F 3 HOH 70  2070 2070 HOH HOH B . 
F 3 HOH 71  2071 2071 HOH HOH B . 
F 3 HOH 72  2072 2072 HOH HOH B . 
F 3 HOH 73  2073 2073 HOH HOH B . 
F 3 HOH 74  2074 2074 HOH HOH B . 
F 3 HOH 75  2075 2075 HOH HOH B . 
F 3 HOH 76  2076 2076 HOH HOH B . 
F 3 HOH 77  2077 2077 HOH HOH B . 
F 3 HOH 78  2078 2078 HOH HOH B . 
F 3 HOH 79  2079 2079 HOH HOH B . 
F 3 HOH 80  2080 2080 HOH HOH B . 
F 3 HOH 81  2081 2081 HOH HOH B . 
F 3 HOH 82  2082 2082 HOH HOH B . 
F 3 HOH 83  2083 2083 HOH HOH B . 
F 3 HOH 84  2084 2084 HOH HOH B . 
F 3 HOH 85  2085 2085 HOH HOH B . 
F 3 HOH 86  2086 2086 HOH HOH B . 
F 3 HOH 87  2087 2087 HOH HOH B . 
F 3 HOH 88  2088 2088 HOH HOH B . 
F 3 HOH 89  2089 2089 HOH HOH B . 
F 3 HOH 90  2090 2090 HOH HOH B . 
F 3 HOH 91  2091 2091 HOH HOH B . 
F 3 HOH 92  2092 2092 HOH HOH B . 
F 3 HOH 93  2093 2093 HOH HOH B . 
F 3 HOH 94  2094 2094 HOH HOH B . 
F 3 HOH 95  2095 2095 HOH HOH B . 
F 3 HOH 96  2096 2096 HOH HOH B . 
F 3 HOH 97  2097 2097 HOH HOH B . 
F 3 HOH 98  2098 2098 HOH HOH B . 
F 3 HOH 99  2099 2099 HOH HOH B . 
F 3 HOH 100 2100 2100 HOH HOH B . 
F 3 HOH 101 2101 2101 HOH HOH B . 
F 3 HOH 102 2102 2102 HOH HOH B . 
F 3 HOH 103 2103 2103 HOH HOH B . 
F 3 HOH 104 2104 2104 HOH HOH B . 
F 3 HOH 105 2105 2105 HOH HOH B . 
F 3 HOH 106 2106 2106 HOH HOH B . 
F 3 HOH 107 2107 2107 HOH HOH B . 
F 3 HOH 108 2108 2108 HOH HOH B . 
F 3 HOH 109 2109 2109 HOH HOH B . 
F 3 HOH 110 2110 2110 HOH HOH B . 
F 3 HOH 111 2111 2111 HOH HOH B . 
F 3 HOH 112 2112 2112 HOH HOH B . 
F 3 HOH 113 2113 2113 HOH HOH B . 
F 3 HOH 114 2114 2114 HOH HOH B . 
F 3 HOH 115 2115 2115 HOH HOH B . 
F 3 HOH 116 2116 2116 HOH HOH B . 
F 3 HOH 117 2117 2117 HOH HOH B . 
F 3 HOH 118 2118 2118 HOH HOH B . 
F 3 HOH 119 2119 2119 HOH HOH B . 
F 3 HOH 120 2120 2120 HOH HOH B . 
F 3 HOH 121 2121 2121 HOH HOH B . 
F 3 HOH 122 2122 2122 HOH HOH B . 
F 3 HOH 123 2123 2123 HOH HOH B . 
F 3 HOH 124 2124 2124 HOH HOH B . 
F 3 HOH 125 2125 2125 HOH HOH B . 
F 3 HOH 126 2126 2126 HOH HOH B . 
F 3 HOH 127 2127 2127 HOH HOH B . 
F 3 HOH 128 2128 2128 HOH HOH B . 
F 3 HOH 129 2129 2129 HOH HOH B . 
F 3 HOH 130 2130 2130 HOH HOH B . 
F 3 HOH 131 2131 2131 HOH HOH B . 
F 3 HOH 132 2132 2132 HOH HOH B . 
F 3 HOH 133 2133 2133 HOH HOH B . 
# 
loop_
_pdbx_unobs_or_zero_occ_atoms.id 
_pdbx_unobs_or_zero_occ_atoms.PDB_model_num 
_pdbx_unobs_or_zero_occ_atoms.polymer_flag 
_pdbx_unobs_or_zero_occ_atoms.occupancy_flag 
_pdbx_unobs_or_zero_occ_atoms.auth_asym_id 
_pdbx_unobs_or_zero_occ_atoms.auth_comp_id 
_pdbx_unobs_or_zero_occ_atoms.auth_seq_id 
_pdbx_unobs_or_zero_occ_atoms.PDB_ins_code 
_pdbx_unobs_or_zero_occ_atoms.auth_atom_id 
_pdbx_unobs_or_zero_occ_atoms.label_alt_id 
_pdbx_unobs_or_zero_occ_atoms.label_asym_id 
_pdbx_unobs_or_zero_occ_atoms.label_comp_id 
_pdbx_unobs_or_zero_occ_atoms.label_seq_id 
_pdbx_unobs_or_zero_occ_atoms.label_atom_id 
1  1 Y 1 A GLU 11 ? CG  ? A GLU 11 CG  
2  1 Y 1 A GLU 11 ? CD  ? A GLU 11 CD  
3  1 Y 1 A GLU 11 ? OE1 ? A GLU 11 OE1 
4  1 Y 1 A GLU 11 ? OE2 ? A GLU 11 OE2 
5  1 Y 1 A GLN 15 ? CG  ? A GLN 15 CG  
6  1 Y 1 A GLN 15 ? CD  ? A GLN 15 CD  
7  1 Y 1 A GLN 15 ? OE1 ? A GLN 15 OE1 
8  1 Y 1 A GLN 15 ? NE2 ? A GLN 15 NE2 
9  1 Y 1 B GLU 11 ? CG  ? B GLU 11 CG  
10 1 Y 1 B GLU 11 ? CD  ? B GLU 11 CD  
11 1 Y 1 B GLU 11 ? OE1 ? B GLU 11 OE1 
12 1 Y 1 B GLU 11 ? OE2 ? B GLU 11 OE2 
# 
loop_
_software.name 
_software.classification 
_software.version 
_software.citation_id 
_software.pdbx_ordinal 
_software.date 
_software.type 
_software.location 
_software.language 
REFMAC    refinement       . ? 1 ? ? ? ? 
DENZO     'data reduction' . ? 2 ? ? ? ? 
SCALEPACK 'data scaling'   . ? 3 ? ? ? ? 
AMoRE     phasing          . ? 4 ? ? ? ? 
# 
_cell.entry_id           1GYY 
_cell.length_a           44.700 
_cell.length_b           46.700 
_cell.length_c           76.200 
_cell.angle_alpha        90.00 
_cell.angle_beta         90.00 
_cell.angle_gamma        90.00 
_cell.Z_PDB              8 
_cell.pdbx_unique_axis   ? 
# 
_symmetry.entry_id                         1GYY 
_symmetry.space_group_name_H-M             'P 21 21 21' 
_symmetry.pdbx_full_space_group_name_H-M   ? 
_symmetry.cell_setting                     ? 
_symmetry.Int_Tables_number                19 
# 
_exptl.entry_id          1GYY 
_exptl.method            'X-RAY DIFFRACTION' 
_exptl.crystals_number   1 
# 
_exptl_crystal.id                    1 
_exptl_crystal.density_meas          ? 
_exptl_crystal.density_Matthews      2.87 
_exptl_crystal.density_percent_sol   56.8 
_exptl_crystal.description           ? 
_exptl_crystal.preparation           ? 
# 
_exptl_crystal_grow.crystal_id      1 
_exptl_crystal_grow.method          'VAPOR DIFFUSION, SITTING DROP' 
_exptl_crystal_grow.temp            277 
_exptl_crystal_grow.temp_details    ? 
_exptl_crystal_grow.pH              6.50 
_exptl_crystal_grow.pdbx_pH_range   ? 
_exptl_crystal_grow.pdbx_details    
'PROTEIN: 25MG/ML IN 50MM HEPES, PH 7.3, 4 CELCIUS, SITTING DROP: MIX 15UL PROTEIN WITH 5UL 40% SODIUM CITRATE PH 6.5' 
# 
_diffrn.id                               1 
_diffrn.ambient_temp                     110.0 
_diffrn.ambient_temp_details             ? 
_diffrn.crystal_id                       1 
_diffrn.pdbx_serial_crystal_experiment   ? 
# 
_diffrn_detector.diffrn_id              1 
_diffrn_detector.detector               'IMAGE PLATE' 
_diffrn_detector.type                   'RIGAKU IMAGE PLATE' 
_diffrn_detector.pdbx_collection_date   2000-10-15 
_diffrn_detector.details                MIRRORS 
# 
_diffrn_radiation.diffrn_id                        1 
_diffrn_radiation.wavelength_id                    1 
_diffrn_radiation.pdbx_monochromatic_or_laue_m_l   M 
_diffrn_radiation.monochromator                    ? 
_diffrn_radiation.pdbx_diffrn_protocol             'SINGLE WAVELENGTH' 
_diffrn_radiation.pdbx_scattering_type             x-ray 
# 
_diffrn_radiation_wavelength.id           1 
_diffrn_radiation_wavelength.wavelength   1.5418 
_diffrn_radiation_wavelength.wt           1.0 
# 
_diffrn_source.diffrn_id                   1 
_diffrn_source.source                      'ROTATING ANODE' 
_diffrn_source.type                        'RIGAKU RU200' 
_diffrn_source.pdbx_synchrotron_site       ? 
_diffrn_source.pdbx_synchrotron_beamline   ? 
_diffrn_source.pdbx_wavelength             1.5418 
_diffrn_source.pdbx_wavelength_list        ? 
# 
_reflns.pdbx_diffrn_id               1 
_reflns.pdbx_ordinal                 1 
_reflns.entry_id                     1GYY 
_reflns.observed_criterion_sigma_I   3.000 
_reflns.observed_criterion_sigma_F   ? 
_reflns.d_resolution_low             25.000 
_reflns.d_resolution_high            1.350 
_reflns.number_obs                   276503 
_reflns.number_all                   ? 
_reflns.percent_possible_obs         91.4 
_reflns.pdbx_Rmerge_I_obs            0.03700 
_reflns.pdbx_Rsym_value              ? 
_reflns.pdbx_netI_over_sigmaI        29.5000 
_reflns.B_iso_Wilson_estimate        ? 
_reflns.pdbx_redundancy              7.500 
# 
_reflns_shell.pdbx_diffrn_id         1 
_reflns_shell.pdbx_ordinal           1 
_reflns_shell.d_res_high             1.35 
_reflns_shell.d_res_low              1.39 
_reflns_shell.percent_possible_all   35.0 
_reflns_shell.Rmerge_I_obs           0.16000 
_reflns_shell.pdbx_Rsym_value        ? 
_reflns_shell.meanI_over_sigI_obs    4.200 
_reflns_shell.pdbx_redundancy        2.00 
# 
_refine.pdbx_refine_id                           'X-RAY DIFFRACTION' 
_refine.entry_id                                 1GYY 
_refine.pdbx_diffrn_id                           1 
_refine.pdbx_TLS_residual_ADP_flag               ? 
_refine.ls_number_reflns_obs                     36652 
_refine.ls_number_reflns_all                     ? 
_refine.pdbx_ls_sigma_I                          ? 
_refine.pdbx_ls_sigma_F                          ? 
_refine.pdbx_data_cutoff_high_absF               ? 
_refine.pdbx_data_cutoff_low_absF                ? 
_refine.pdbx_data_cutoff_high_rms_absF           ? 
_refine.ls_d_res_low                             25.0 
_refine.ls_d_res_high                            1.35 
_refine.ls_percent_reflns_obs                    91.4 
_refine.ls_R_factor_obs                          ? 
_refine.ls_R_factor_all                          ? 
_refine.ls_R_factor_R_work                       .151 
_refine.ls_R_factor_R_free                       .173 
_refine.ls_R_factor_R_free_error                 ? 
_refine.ls_R_factor_R_free_error_details         ? 
_refine.ls_percent_reflns_R_free                 4.6 
_refine.ls_number_reflns_R_free                  1678 
_refine.ls_number_parameters                     ? 
_refine.ls_number_restraints                     ? 
_refine.occupancy_min                            ? 
_refine.occupancy_max                            ? 
_refine.correlation_coeff_Fo_to_Fc               ? 
_refine.correlation_coeff_Fo_to_Fc_free          ? 
_refine.B_iso_mean                               11.0 
_refine.aniso_B[1][1]                            ? 
_refine.aniso_B[2][2]                            ? 
_refine.aniso_B[3][3]                            ? 
_refine.aniso_B[1][2]                            ? 
_refine.aniso_B[1][3]                            ? 
_refine.aniso_B[2][3]                            ? 
_refine.solvent_model_details                    ? 
_refine.solvent_model_param_ksol                 ? 
_refine.solvent_model_param_bsol                 ? 
_refine.pdbx_solvent_vdw_probe_radii             ? 
_refine.pdbx_solvent_ion_probe_radii             ? 
_refine.pdbx_solvent_shrinkage_radii             ? 
_refine.pdbx_ls_cross_valid_method               THROUGHOUT 
_refine.details                                  ? 
_refine.pdbx_starting_model                      'PARTIALLY REFINED 1.5A RESOLUTION NATIVE' 
_refine.pdbx_method_to_determine_struct          'MOLECULAR REPLACEMENT' 
_refine.pdbx_isotropic_thermal_model             ? 
_refine.pdbx_stereochemistry_target_values       ? 
_refine.pdbx_stereochem_target_val_spec_case     ? 
_refine.pdbx_R_Free_selection_details            RANDOM 
_refine.pdbx_overall_ESU_R                       0.06350 
_refine.pdbx_overall_ESU_R_Free                  0.05446 
_refine.overall_SU_ML                            0.35 
_refine.pdbx_overall_phase_error                 ? 
_refine.overall_SU_B                             8.66 
_refine.overall_SU_R_Cruickshank_DPI             ? 
_refine.pdbx_overall_SU_R_free_Cruickshank_DPI   ? 
_refine.pdbx_overall_SU_R_Blow_DPI               ? 
_refine.pdbx_overall_SU_R_free_Blow_DPI          ? 
# 
_refine_hist.pdbx_refine_id                   'X-RAY DIFFRACTION' 
_refine_hist.cycle_id                         LAST 
_refine_hist.pdbx_number_atoms_protein        1188 
_refine_hist.pdbx_number_atoms_nucleic_acid   0 
_refine_hist.pdbx_number_atoms_ligand         26 
_refine_hist.number_atoms_solvent             283 
_refine_hist.number_atoms_total               1497 
_refine_hist.d_res_high                       1.35 
_refine_hist.d_res_low                        25.0 
# 
_struct_ncs_oper.id             1 
_struct_ncs_oper.code           given 
_struct_ncs_oper.details        ? 
_struct_ncs_oper.matrix[1][1]   0.80523845 
_struct_ncs_oper.matrix[1][2]   0.54000173 
_struct_ncs_oper.matrix[1][3]   0.24492827 
_struct_ncs_oper.matrix[2][1]   0.54234139 
_struct_ncs_oper.matrix[2][2]   -0.83772236 
_struct_ncs_oper.matrix[2][3]   0.06392618 
_struct_ncs_oper.matrix[3][1]   0.23970271 
_struct_ncs_oper.matrix[3][2]   0.08135861 
_struct_ncs_oper.matrix[3][3]   -0.96743109 
_struct_ncs_oper.vector[1]      -0.02053 
_struct_ncs_oper.vector[2]      -0.32435 
_struct_ncs_oper.vector[3]      0.24731 
# 
_struct.entry_id                  1GYY 
_struct.title                     
;The Crystal Structure of YdcE, a 4-Oxalocrotonate Tautomerase Homologue from Escherichia coli, Confirms the Structural Basis for Oligomer Diversity
;
_struct.pdbx_model_details        ? 
_struct.pdbx_CASP_flag            ? 
_struct.pdbx_model_type_details   ? 
# 
_struct_keywords.entry_id        1GYY 
_struct_keywords.pdbx_keywords   ISOMERASE 
_struct_keywords.text            'TAUTOMERASE, ISOMERASE, HYPOTHETICAL PROTEIN, COMPLETE PROTE' 
# 
loop_
_struct_asym.id 
_struct_asym.pdbx_blank_PDB_chainid_flag 
_struct_asym.pdbx_modified 
_struct_asym.entity_id 
_struct_asym.details 
A N N 1 ? 
B N N 1 ? 
C N N 2 ? 
D N N 2 ? 
E N N 3 ? 
F N N 3 ? 
# 
_struct_ref.id                         1 
_struct_ref.db_name                    UNP 
_struct_ref.db_code                    YDCE_ECOLI 
_struct_ref.entity_id                  1 
_struct_ref.pdbx_seq_one_letter_code   ? 
_struct_ref.pdbx_align_begin           ? 
_struct_ref.pdbx_db_accession          P31992 
_struct_ref.pdbx_db_isoform            ? 
# 
loop_
_struct_ref_seq.align_id 
_struct_ref_seq.ref_id 
_struct_ref_seq.pdbx_PDB_id_code 
_struct_ref_seq.pdbx_strand_id 
_struct_ref_seq.seq_align_beg 
_struct_ref_seq.pdbx_seq_align_beg_ins_code 
_struct_ref_seq.seq_align_end 
_struct_ref_seq.pdbx_seq_align_end_ins_code 
_struct_ref_seq.pdbx_db_accession 
_struct_ref_seq.db_align_beg 
_struct_ref_seq.pdbx_db_align_beg_ins_code 
_struct_ref_seq.db_align_end 
_struct_ref_seq.pdbx_db_align_end_ins_code 
_struct_ref_seq.pdbx_auth_seq_align_beg 
_struct_ref_seq.pdbx_auth_seq_align_end 
1 1 1GYY A 1 ? 76 ? P31992 2 ? 77 ? 1 76 
2 1 1GYY B 1 ? 76 ? P31992 2 ? 77 ? 1 76 
# 
_pdbx_struct_assembly.id                   1 
_pdbx_struct_assembly.details              author_and_software_defined_assembly 
_pdbx_struct_assembly.method_details       PQS 
_pdbx_struct_assembly.oligomeric_details   dimeric 
_pdbx_struct_assembly.oligomeric_count     2 
# 
_pdbx_struct_assembly_gen.assembly_id       1 
_pdbx_struct_assembly_gen.oper_expression   1 
_pdbx_struct_assembly_gen.asym_id_list      A,B,C,D,E,F 
# 
_pdbx_struct_oper_list.id                   1 
_pdbx_struct_oper_list.type                 'identity operation' 
_pdbx_struct_oper_list.name                 1_555 
_pdbx_struct_oper_list.symmetry_operation   x,y,z 
_pdbx_struct_oper_list.matrix[1][1]         1.0000000000 
_pdbx_struct_oper_list.matrix[1][2]         0.0000000000 
_pdbx_struct_oper_list.matrix[1][3]         0.0000000000 
_pdbx_struct_oper_list.vector[1]            0.0000000000 
_pdbx_struct_oper_list.matrix[2][1]         0.0000000000 
_pdbx_struct_oper_list.matrix[2][2]         1.0000000000 
_pdbx_struct_oper_list.matrix[2][3]         0.0000000000 
_pdbx_struct_oper_list.vector[2]            0.0000000000 
_pdbx_struct_oper_list.matrix[3][1]         0.0000000000 
_pdbx_struct_oper_list.matrix[3][2]         0.0000000000 
_pdbx_struct_oper_list.matrix[3][3]         1.0000000000 
_pdbx_struct_oper_list.vector[3]            0.0000000000 
# 
loop_
_struct_conf.conf_type_id 
_struct_conf.id 
_struct_conf.pdbx_PDB_helix_id 
_struct_conf.beg_label_comp_id 
_struct_conf.beg_label_asym_id 
_struct_conf.beg_label_seq_id 
_struct_conf.pdbx_beg_PDB_ins_code 
_struct_conf.end_label_comp_id 
_struct_conf.end_label_asym_id 
_struct_conf.end_label_seq_id 
_struct_conf.pdbx_end_PDB_ins_code 
_struct_conf.beg_auth_comp_id 
_struct_conf.beg_auth_asym_id 
_struct_conf.beg_auth_seq_id 
_struct_conf.end_auth_comp_id 
_struct_conf.end_auth_asym_id 
_struct_conf.end_auth_seq_id 
_struct_conf.pdbx_PDB_helix_class 
_struct_conf.details 
_struct_conf.pdbx_PDB_helix_length 
HELX_P HELX_P1 1 ASP A 13 ? ASN A 33 ? ASP A 13 ASN A 33 1 ? 21 
HELX_P HELX_P2 2 LYS A 35 ? ILE A 39 ? LYS A 35 ILE A 39 5 ? 5  
HELX_P HELX_P3 3 GLN A 47 ? GLU A 49 ? GLN A 47 GLU A 49 5 ? 3  
HELX_P HELX_P4 4 SER A 50 ? GLU A 58 ? SER A 50 GLU A 58 1 ? 9  
HELX_P HELX_P5 5 ASP B 13 ? ASN B 33 ? ASP B 13 ASN B 33 1 ? 21 
HELX_P HELX_P6 6 LYS B 35 ? ILE B 39 ? LYS B 35 ILE B 39 5 ? 5  
HELX_P HELX_P7 7 GLN B 47 ? GLU B 49 ? GLN B 47 GLU B 49 5 ? 3  
HELX_P HELX_P8 8 SER B 50 ? ILE B 59 ? SER B 50 ILE B 59 1 ? 10 
HELX_P HELX_P9 9 ALA B 60 ? LEU B 66 ? ALA B 60 LEU B 66 5 ? 7  
# 
_struct_conf_type.id          HELX_P 
_struct_conf_type.criteria    ? 
_struct_conf_type.reference   ? 
# 
_struct_sheet.id               AA 
_struct_sheet.type             ? 
_struct_sheet.number_strands   4 
_struct_sheet.details          ? 
# 
loop_
_struct_sheet_order.sheet_id 
_struct_sheet_order.range_id_1 
_struct_sheet_order.range_id_2 
_struct_sheet_order.offset 
_struct_sheet_order.sense 
AA 1 2 ? parallel      
AA 2 3 ? anti-parallel 
AA 3 4 ? parallel      
# 
loop_
_struct_sheet_range.sheet_id 
_struct_sheet_range.id 
_struct_sheet_range.beg_label_comp_id 
_struct_sheet_range.beg_label_asym_id 
_struct_sheet_range.beg_label_seq_id 
_struct_sheet_range.pdbx_beg_PDB_ins_code 
_struct_sheet_range.end_label_comp_id 
_struct_sheet_range.end_label_asym_id 
_struct_sheet_range.end_label_seq_id 
_struct_sheet_range.pdbx_end_PDB_ins_code 
_struct_sheet_range.beg_auth_comp_id 
_struct_sheet_range.beg_auth_asym_id 
_struct_sheet_range.beg_auth_seq_id 
_struct_sheet_range.end_auth_comp_id 
_struct_sheet_range.end_auth_asym_id 
_struct_sheet_range.end_auth_seq_id 
AA 1 SER A 40 ? GLN A 45 ? SER A 40 GLN A 45 
AA 2 HIS A 2  ? CYS A 7  ? HIS A 2  CYS A 7  
AA 3 HIS B 2  ? CYS B 7  ? HIS B 2  CYS B 7  
AA 4 SER B 40 ? GLN B 45 ? SER B 40 GLN B 45 
# 
loop_
_pdbx_struct_sheet_hbond.sheet_id 
_pdbx_struct_sheet_hbond.range_id_1 
_pdbx_struct_sheet_hbond.range_id_2 
_pdbx_struct_sheet_hbond.range_1_label_atom_id 
_pdbx_struct_sheet_hbond.range_1_label_comp_id 
_pdbx_struct_sheet_hbond.range_1_label_asym_id 
_pdbx_struct_sheet_hbond.range_1_label_seq_id 
_pdbx_struct_sheet_hbond.range_1_PDB_ins_code 
_pdbx_struct_sheet_hbond.range_1_auth_atom_id 
_pdbx_struct_sheet_hbond.range_1_auth_comp_id 
_pdbx_struct_sheet_hbond.range_1_auth_asym_id 
_pdbx_struct_sheet_hbond.range_1_auth_seq_id 
_pdbx_struct_sheet_hbond.range_2_label_atom_id 
_pdbx_struct_sheet_hbond.range_2_label_comp_id 
_pdbx_struct_sheet_hbond.range_2_label_asym_id 
_pdbx_struct_sheet_hbond.range_2_label_seq_id 
_pdbx_struct_sheet_hbond.range_2_PDB_ins_code 
_pdbx_struct_sheet_hbond.range_2_auth_atom_id 
_pdbx_struct_sheet_hbond.range_2_auth_comp_id 
_pdbx_struct_sheet_hbond.range_2_auth_asym_id 
_pdbx_struct_sheet_hbond.range_2_auth_seq_id 
AA 1 2 N ALA A 42 ? N ALA A 42 O ILE A 3  ? O ILE A 3  
AA 2 3 N LYS A 6  ? N LYS A 6  O HIS B 2  ? O HIS B 2  
AA 3 4 N ILE B 3  ? N ILE B 3  O SER B 40 ? O SER B 40 
# 
loop_
_struct_site.id 
_struct_site.pdbx_evidence_code 
_struct_site.pdbx_auth_asym_id 
_struct_site.pdbx_auth_comp_id 
_struct_site.pdbx_auth_seq_id 
_struct_site.pdbx_auth_ins_code 
_struct_site.pdbx_num_residues 
_struct_site.details 
AC1 Software A FHC 500 ? 9  'BINDING SITE FOR RESIDUE FHC A 500' 
AC2 Software B FHC 500 ? 10 'BINDING SITE FOR RESIDUE FHC B 500' 
# 
loop_
_struct_site_gen.id 
_struct_site_gen.site_id 
_struct_site_gen.pdbx_num_res 
_struct_site_gen.label_comp_id 
_struct_site_gen.label_asym_id 
_struct_site_gen.label_seq_id 
_struct_site_gen.pdbx_auth_ins_code 
_struct_site_gen.auth_comp_id 
_struct_site_gen.auth_asym_id 
_struct_site_gen.auth_seq_id 
_struct_site_gen.label_atom_id 
_struct_site_gen.label_alt_id 
_struct_site_gen.symmetry 
_struct_site_gen.details 
1  AC1 9  PRO A 1  ? PRO A 1    . ? 1_555 ? 
2  AC1 9  SER A 38 ? SER A 38   . ? 1_555 ? 
3  AC1 9  HOH E .  ? HOH A 2149 . ? 1_555 ? 
4  AC1 9  HOH E .  ? HOH A 2150 . ? 1_555 ? 
5  AC1 9  CYS B 7  ? CYS B 7    . ? 1_555 ? 
6  AC1 9  PHE B 8  ? PHE B 8    . ? 1_555 ? 
7  AC1 9  ARG B 10 ? ARG B 10   . ? 1_555 ? 
8  AC1 9  TRP B 51 ? TRP B 51   . ? 1_555 ? 
9  AC1 9  TYR B 72 ? TYR B 72   . ? 1_555 ? 
10 AC2 10 CYS A 7  ? CYS A 7    . ? 1_555 ? 
11 AC2 10 PHE A 8  ? PHE A 8    . ? 1_555 ? 
12 AC2 10 ARG A 10 ? ARG A 10   . ? 1_555 ? 
13 AC2 10 TRP A 51 ? TRP A 51   . ? 1_555 ? 
14 AC2 10 TYR A 72 ? TYR A 72   . ? 1_555 ? 
15 AC2 10 PRO B 1  ? PRO B 1    . ? 1_555 ? 
16 AC2 10 SER B 38 ? SER B 38   . ? 1_555 ? 
17 AC2 10 HOH F .  ? HOH B 2131 . ? 1_555 ? 
18 AC2 10 HOH F .  ? HOH B 2132 . ? 1_555 ? 
19 AC2 10 HOH F .  ? HOH B 2133 . ? 1_555 ? 
# 
loop_
_pdbx_validate_symm_contact.id 
_pdbx_validate_symm_contact.PDB_model_num 
_pdbx_validate_symm_contact.auth_atom_id_1 
_pdbx_validate_symm_contact.auth_asym_id_1 
_pdbx_validate_symm_contact.auth_comp_id_1 
_pdbx_validate_symm_contact.auth_seq_id_1 
_pdbx_validate_symm_contact.PDB_ins_code_1 
_pdbx_validate_symm_contact.label_alt_id_1 
_pdbx_validate_symm_contact.site_symmetry_1 
_pdbx_validate_symm_contact.auth_atom_id_2 
_pdbx_validate_symm_contact.auth_asym_id_2 
_pdbx_validate_symm_contact.auth_comp_id_2 
_pdbx_validate_symm_contact.auth_seq_id_2 
_pdbx_validate_symm_contact.PDB_ins_code_2 
_pdbx_validate_symm_contact.label_alt_id_2 
_pdbx_validate_symm_contact.site_symmetry_2 
_pdbx_validate_symm_contact.dist 
1 1 O A HOH 2132 ? ? 1_555 O B HOH 2063 ? ? 3_645 2.10 
2 1 O A HOH 2062 ? ? 1_555 O B HOH 2121 ? ? 4_555 2.19 
# 
loop_
_pdbx_validate_rmsd_angle.id 
_pdbx_validate_rmsd_angle.PDB_model_num 
_pdbx_validate_rmsd_angle.auth_atom_id_1 
_pdbx_validate_rmsd_angle.auth_asym_id_1 
_pdbx_validate_rmsd_angle.auth_comp_id_1 
_pdbx_validate_rmsd_angle.auth_seq_id_1 
_pdbx_validate_rmsd_angle.PDB_ins_code_1 
_pdbx_validate_rmsd_angle.label_alt_id_1 
_pdbx_validate_rmsd_angle.auth_atom_id_2 
_pdbx_validate_rmsd_angle.auth_asym_id_2 
_pdbx_validate_rmsd_angle.auth_comp_id_2 
_pdbx_validate_rmsd_angle.auth_seq_id_2 
_pdbx_validate_rmsd_angle.PDB_ins_code_2 
_pdbx_validate_rmsd_angle.label_alt_id_2 
_pdbx_validate_rmsd_angle.auth_atom_id_3 
_pdbx_validate_rmsd_angle.auth_asym_id_3 
_pdbx_validate_rmsd_angle.auth_comp_id_3 
_pdbx_validate_rmsd_angle.auth_seq_id_3 
_pdbx_validate_rmsd_angle.PDB_ins_code_3 
_pdbx_validate_rmsd_angle.label_alt_id_3 
_pdbx_validate_rmsd_angle.angle_value 
_pdbx_validate_rmsd_angle.angle_target_value 
_pdbx_validate_rmsd_angle.angle_deviation 
_pdbx_validate_rmsd_angle.angle_standard_deviation 
_pdbx_validate_rmsd_angle.linker_flag 
1 1 NE A ARG 30 ? ? CZ A ARG 30 ? ? NH2 A ARG 30 ? ? 116.53 120.30 -3.77 0.50 N 
2 1 NE B ARG 30 ? ? CZ B ARG 30 ? ? NH1 B ARG 30 ? ? 125.14 120.30 4.84  0.50 N 
3 1 NE B ARG 30 ? ? CZ B ARG 30 ? ? NH2 B ARG 30 ? ? 112.87 120.30 -7.43 0.50 N 
4 1 CA B GLN 62 ? ? CB B GLN 62 ? ? CG  B GLN 62 ? ? 127.05 113.40 13.65 2.20 N 
# 
_pdbx_validate_torsion.id              1 
_pdbx_validate_torsion.PDB_model_num   1 
_pdbx_validate_torsion.auth_comp_id    ILE 
_pdbx_validate_torsion.auth_asym_id    B 
_pdbx_validate_torsion.auth_seq_id     59 
_pdbx_validate_torsion.PDB_ins_code    ? 
_pdbx_validate_torsion.label_alt_id    ? 
_pdbx_validate_torsion.phi             -103.83 
_pdbx_validate_torsion.psi             -61.02 
# 
_pdbx_validate_main_chain_plane.id                       1 
_pdbx_validate_main_chain_plane.PDB_model_num            1 
_pdbx_validate_main_chain_plane.auth_comp_id             LYS 
_pdbx_validate_main_chain_plane.auth_asym_id             A 
_pdbx_validate_main_chain_plane.auth_seq_id              35 
_pdbx_validate_main_chain_plane.PDB_ins_code             ? 
_pdbx_validate_main_chain_plane.label_alt_id             B 
_pdbx_validate_main_chain_plane.improper_torsion_angle   -12.13 
# 
loop_
_pdbx_distant_solvent_atoms.id 
_pdbx_distant_solvent_atoms.PDB_model_num 
_pdbx_distant_solvent_atoms.auth_atom_id 
_pdbx_distant_solvent_atoms.label_alt_id 
_pdbx_distant_solvent_atoms.auth_asym_id 
_pdbx_distant_solvent_atoms.auth_comp_id 
_pdbx_distant_solvent_atoms.auth_seq_id 
_pdbx_distant_solvent_atoms.PDB_ins_code 
_pdbx_distant_solvent_atoms.neighbor_macromolecule_distance 
_pdbx_distant_solvent_atoms.neighbor_ligand_distance 
1 1 O ? A HOH 2020 ? 6.11 . 
2 1 O ? B HOH 2002 ? 7.82 . 
# 
loop_
_chem_comp_atom.comp_id 
_chem_comp_atom.atom_id 
_chem_comp_atom.type_symbol 
_chem_comp_atom.pdbx_aromatic_flag 
_chem_comp_atom.pdbx_stereo_config 
_chem_comp_atom.pdbx_ordinal 
ALA N    N N N 1   
ALA CA   C N S 2   
ALA C    C N N 3   
ALA O    O N N 4   
ALA CB   C N N 5   
ALA OXT  O N N 6   
ALA H    H N N 7   
ALA H2   H N N 8   
ALA HA   H N N 9   
ALA HB1  H N N 10  
ALA HB2  H N N 11  
ALA HB3  H N N 12  
ALA HXT  H N N 13  
ARG N    N N N 14  
ARG CA   C N S 15  
ARG C    C N N 16  
ARG O    O N N 17  
ARG CB   C N N 18  
ARG CG   C N N 19  
ARG CD   C N N 20  
ARG NE   N N N 21  
ARG CZ   C N N 22  
ARG NH1  N N N 23  
ARG NH2  N N N 24  
ARG OXT  O N N 25  
ARG H    H N N 26  
ARG H2   H N N 27  
ARG HA   H N N 28  
ARG HB2  H N N 29  
ARG HB3  H N N 30  
ARG HG2  H N N 31  
ARG HG3  H N N 32  
ARG HD2  H N N 33  
ARG HD3  H N N 34  
ARG HE   H N N 35  
ARG HH11 H N N 36  
ARG HH12 H N N 37  
ARG HH21 H N N 38  
ARG HH22 H N N 39  
ARG HXT  H N N 40  
ASN N    N N N 41  
ASN CA   C N S 42  
ASN C    C N N 43  
ASN O    O N N 44  
ASN CB   C N N 45  
ASN CG   C N N 46  
ASN OD1  O N N 47  
ASN ND2  N N N 48  
ASN OXT  O N N 49  
ASN H    H N N 50  
ASN H2   H N N 51  
ASN HA   H N N 52  
ASN HB2  H N N 53  
ASN HB3  H N N 54  
ASN HD21 H N N 55  
ASN HD22 H N N 56  
ASN HXT  H N N 57  
ASP N    N N N 58  
ASP CA   C N S 59  
ASP C    C N N 60  
ASP O    O N N 61  
ASP CB   C N N 62  
ASP CG   C N N 63  
ASP OD1  O N N 64  
ASP OD2  O N N 65  
ASP OXT  O N N 66  
ASP H    H N N 67  
ASP H2   H N N 68  
ASP HA   H N N 69  
ASP HB2  H N N 70  
ASP HB3  H N N 71  
ASP HD2  H N N 72  
ASP HXT  H N N 73  
CYS N    N N N 74  
CYS CA   C N R 75  
CYS C    C N N 76  
CYS O    O N N 77  
CYS CB   C N N 78  
CYS SG   S N N 79  
CYS OXT  O N N 80  
CYS H    H N N 81  
CYS H2   H N N 82  
CYS HA   H N N 83  
CYS HB2  H N N 84  
CYS HB3  H N N 85  
CYS HG   H N N 86  
CYS HXT  H N N 87  
FHC C1   C Y N 88  
FHC C7   C N N 89  
FHC C8   C N N 90  
FHC C9   C N N 91  
FHC O3   O N N 92  
FHC O2   O N N 93  
FHC F1   F N N 94  
FHC C6   C Y N 95  
FHC C5   C Y N 96  
FHC C4   C Y N 97  
FHC O1   O N N 98  
FHC C3   C Y N 99  
FHC C2   C Y N 100 
FHC HC7  H N N 101 
FHC HC6  H N N 102 
FHC HC5  H N N 103 
FHC HO1  H N N 104 
FHC HC3  H N N 105 
FHC HC2  H N N 106 
GLN N    N N N 107 
GLN CA   C N S 108 
GLN C    C N N 109 
GLN O    O N N 110 
GLN CB   C N N 111 
GLN CG   C N N 112 
GLN CD   C N N 113 
GLN OE1  O N N 114 
GLN NE2  N N N 115 
GLN OXT  O N N 116 
GLN H    H N N 117 
GLN H2   H N N 118 
GLN HA   H N N 119 
GLN HB2  H N N 120 
GLN HB3  H N N 121 
GLN HG2  H N N 122 
GLN HG3  H N N 123 
GLN HE21 H N N 124 
GLN HE22 H N N 125 
GLN HXT  H N N 126 
GLU N    N N N 127 
GLU CA   C N S 128 
GLU C    C N N 129 
GLU O    O N N 130 
GLU CB   C N N 131 
GLU CG   C N N 132 
GLU CD   C N N 133 
GLU OE1  O N N 134 
GLU OE2  O N N 135 
GLU OXT  O N N 136 
GLU H    H N N 137 
GLU H2   H N N 138 
GLU HA   H N N 139 
GLU HB2  H N N 140 
GLU HB3  H N N 141 
GLU HG2  H N N 142 
GLU HG3  H N N 143 
GLU HE2  H N N 144 
GLU HXT  H N N 145 
GLY N    N N N 146 
GLY CA   C N N 147 
GLY C    C N N 148 
GLY O    O N N 149 
GLY OXT  O N N 150 
GLY H    H N N 151 
GLY H2   H N N 152 
GLY HA2  H N N 153 
GLY HA3  H N N 154 
GLY HXT  H N N 155 
HIS N    N N N 156 
HIS CA   C N S 157 
HIS C    C N N 158 
HIS O    O N N 159 
HIS CB   C N N 160 
HIS CG   C Y N 161 
HIS ND1  N Y N 162 
HIS CD2  C Y N 163 
HIS CE1  C Y N 164 
HIS NE2  N Y N 165 
HIS OXT  O N N 166 
HIS H    H N N 167 
HIS H2   H N N 168 
HIS HA   H N N 169 
HIS HB2  H N N 170 
HIS HB3  H N N 171 
HIS HD1  H N N 172 
HIS HD2  H N N 173 
HIS HE1  H N N 174 
HIS HE2  H N N 175 
HIS HXT  H N N 176 
HOH O    O N N 177 
HOH H1   H N N 178 
HOH H2   H N N 179 
ILE N    N N N 180 
ILE CA   C N S 181 
ILE C    C N N 182 
ILE O    O N N 183 
ILE CB   C N S 184 
ILE CG1  C N N 185 
ILE CG2  C N N 186 
ILE CD1  C N N 187 
ILE OXT  O N N 188 
ILE H    H N N 189 
ILE H2   H N N 190 
ILE HA   H N N 191 
ILE HB   H N N 192 
ILE HG12 H N N 193 
ILE HG13 H N N 194 
ILE HG21 H N N 195 
ILE HG22 H N N 196 
ILE HG23 H N N 197 
ILE HD11 H N N 198 
ILE HD12 H N N 199 
ILE HD13 H N N 200 
ILE HXT  H N N 201 
LEU N    N N N 202 
LEU CA   C N S 203 
LEU C    C N N 204 
LEU O    O N N 205 
LEU CB   C N N 206 
LEU CG   C N N 207 
LEU CD1  C N N 208 
LEU CD2  C N N 209 
LEU OXT  O N N 210 
LEU H    H N N 211 
LEU H2   H N N 212 
LEU HA   H N N 213 
LEU HB2  H N N 214 
LEU HB3  H N N 215 
LEU HG   H N N 216 
LEU HD11 H N N 217 
LEU HD12 H N N 218 
LEU HD13 H N N 219 
LEU HD21 H N N 220 
LEU HD22 H N N 221 
LEU HD23 H N N 222 
LEU HXT  H N N 223 
LYS N    N N N 224 
LYS CA   C N S 225 
LYS C    C N N 226 
LYS O    O N N 227 
LYS CB   C N N 228 
LYS CG   C N N 229 
LYS CD   C N N 230 
LYS CE   C N N 231 
LYS NZ   N N N 232 
LYS OXT  O N N 233 
LYS H    H N N 234 
LYS H2   H N N 235 
LYS HA   H N N 236 
LYS HB2  H N N 237 
LYS HB3  H N N 238 
LYS HG2  H N N 239 
LYS HG3  H N N 240 
LYS HD2  H N N 241 
LYS HD3  H N N 242 
LYS HE2  H N N 243 
LYS HE3  H N N 244 
LYS HZ1  H N N 245 
LYS HZ2  H N N 246 
LYS HZ3  H N N 247 
LYS HXT  H N N 248 
MET N    N N N 249 
MET CA   C N S 250 
MET C    C N N 251 
MET O    O N N 252 
MET CB   C N N 253 
MET CG   C N N 254 
MET SD   S N N 255 
MET CE   C N N 256 
MET OXT  O N N 257 
MET H    H N N 258 
MET H2   H N N 259 
MET HA   H N N 260 
MET HB2  H N N 261 
MET HB3  H N N 262 
MET HG2  H N N 263 
MET HG3  H N N 264 
MET HE1  H N N 265 
MET HE2  H N N 266 
MET HE3  H N N 267 
MET HXT  H N N 268 
PHE N    N N N 269 
PHE CA   C N S 270 
PHE C    C N N 271 
PHE O    O N N 272 
PHE CB   C N N 273 
PHE CG   C Y N 274 
PHE CD1  C Y N 275 
PHE CD2  C Y N 276 
PHE CE1  C Y N 277 
PHE CE2  C Y N 278 
PHE CZ   C Y N 279 
PHE OXT  O N N 280 
PHE H    H N N 281 
PHE H2   H N N 282 
PHE HA   H N N 283 
PHE HB2  H N N 284 
PHE HB3  H N N 285 
PHE HD1  H N N 286 
PHE HD2  H N N 287 
PHE HE1  H N N 288 
PHE HE2  H N N 289 
PHE HZ   H N N 290 
PHE HXT  H N N 291 
PRO N    N N N 292 
PRO CA   C N S 293 
PRO C    C N N 294 
PRO O    O N N 295 
PRO CB   C N N 296 
PRO CG   C N N 297 
PRO CD   C N N 298 
PRO OXT  O N N 299 
PRO H    H N N 300 
PRO HA   H N N 301 
PRO HB2  H N N 302 
PRO HB3  H N N 303 
PRO HG2  H N N 304 
PRO HG3  H N N 305 
PRO HD2  H N N 306 
PRO HD3  H N N 307 
PRO HXT  H N N 308 
SER N    N N N 309 
SER CA   C N S 310 
SER C    C N N 311 
SER O    O N N 312 
SER CB   C N N 313 
SER OG   O N N 314 
SER OXT  O N N 315 
SER H    H N N 316 
SER H2   H N N 317 
SER HA   H N N 318 
SER HB2  H N N 319 
SER HB3  H N N 320 
SER HG   H N N 321 
SER HXT  H N N 322 
THR N    N N N 323 
THR CA   C N S 324 
THR C    C N N 325 
THR O    O N N 326 
THR CB   C N R 327 
THR OG1  O N N 328 
THR CG2  C N N 329 
THR OXT  O N N 330 
THR H    H N N 331 
THR H2   H N N 332 
THR HA   H N N 333 
THR HB   H N N 334 
THR HG1  H N N 335 
THR HG21 H N N 336 
THR HG22 H N N 337 
THR HG23 H N N 338 
THR HXT  H N N 339 
TRP N    N N N 340 
TRP CA   C N S 341 
TRP C    C N N 342 
TRP O    O N N 343 
TRP CB   C N N 344 
TRP CG   C Y N 345 
TRP CD1  C Y N 346 
TRP CD2  C Y N 347 
TRP NE1  N Y N 348 
TRP CE2  C Y N 349 
TRP CE3  C Y N 350 
TRP CZ2  C Y N 351 
TRP CZ3  C Y N 352 
TRP CH2  C Y N 353 
TRP OXT  O N N 354 
TRP H    H N N 355 
TRP H2   H N N 356 
TRP HA   H N N 357 
TRP HB2  H N N 358 
TRP HB3  H N N 359 
TRP HD1  H N N 360 
TRP HE1  H N N 361 
TRP HE3  H N N 362 
TRP HZ2  H N N 363 
TRP HZ3  H N N 364 
TRP HH2  H N N 365 
TRP HXT  H N N 366 
TYR N    N N N 367 
TYR CA   C N S 368 
TYR C    C N N 369 
TYR O    O N N 370 
TYR CB   C N N 371 
TYR CG   C Y N 372 
TYR CD1  C Y N 373 
TYR CD2  C Y N 374 
TYR CE1  C Y N 375 
TYR CE2  C Y N 376 
TYR CZ   C Y N 377 
TYR OH   O N N 378 
TYR OXT  O N N 379 
TYR H    H N N 380 
TYR H2   H N N 381 
TYR HA   H N N 382 
TYR HB2  H N N 383 
TYR HB3  H N N 384 
TYR HD1  H N N 385 
TYR HD2  H N N 386 
TYR HE1  H N N 387 
TYR HE2  H N N 388 
TYR HH   H N N 389 
TYR HXT  H N N 390 
VAL N    N N N 391 
VAL CA   C N S 392 
VAL C    C N N 393 
VAL O    O N N 394 
VAL CB   C N N 395 
VAL CG1  C N N 396 
VAL CG2  C N N 397 
VAL OXT  O N N 398 
VAL H    H N N 399 
VAL H2   H N N 400 
VAL HA   H N N 401 
VAL HB   H N N 402 
VAL HG11 H N N 403 
VAL HG12 H N N 404 
VAL HG13 H N N 405 
VAL HG21 H N N 406 
VAL HG22 H N N 407 
VAL HG23 H N N 408 
VAL HXT  H N N 409 
# 
loop_
_chem_comp_bond.comp_id 
_chem_comp_bond.atom_id_1 
_chem_comp_bond.atom_id_2 
_chem_comp_bond.value_order 
_chem_comp_bond.pdbx_aromatic_flag 
_chem_comp_bond.pdbx_stereo_config 
_chem_comp_bond.pdbx_ordinal 
ALA N   CA   sing N N 1   
ALA N   H    sing N N 2   
ALA N   H2   sing N N 3   
ALA CA  C    sing N N 4   
ALA CA  CB   sing N N 5   
ALA CA  HA   sing N N 6   
ALA C   O    doub N N 7   
ALA C   OXT  sing N N 8   
ALA CB  HB1  sing N N 9   
ALA CB  HB2  sing N N 10  
ALA CB  HB3  sing N N 11  
ALA OXT HXT  sing N N 12  
ARG N   CA   sing N N 13  
ARG N   H    sing N N 14  
ARG N   H2   sing N N 15  
ARG CA  C    sing N N 16  
ARG CA  CB   sing N N 17  
ARG CA  HA   sing N N 18  
ARG C   O    doub N N 19  
ARG C   OXT  sing N N 20  
ARG CB  CG   sing N N 21  
ARG CB  HB2  sing N N 22  
ARG CB  HB3  sing N N 23  
ARG CG  CD   sing N N 24  
ARG CG  HG2  sing N N 25  
ARG CG  HG3  sing N N 26  
ARG CD  NE   sing N N 27  
ARG CD  HD2  sing N N 28  
ARG CD  HD3  sing N N 29  
ARG NE  CZ   sing N N 30  
ARG NE  HE   sing N N 31  
ARG CZ  NH1  sing N N 32  
ARG CZ  NH2  doub N N 33  
ARG NH1 HH11 sing N N 34  
ARG NH1 HH12 sing N N 35  
ARG NH2 HH21 sing N N 36  
ARG NH2 HH22 sing N N 37  
ARG OXT HXT  sing N N 38  
ASN N   CA   sing N N 39  
ASN N   H    sing N N 40  
ASN N   H2   sing N N 41  
ASN CA  C    sing N N 42  
ASN CA  CB   sing N N 43  
ASN CA  HA   sing N N 44  
ASN C   O    doub N N 45  
ASN C   OXT  sing N N 46  
ASN CB  CG   sing N N 47  
ASN CB  HB2  sing N N 48  
ASN CB  HB3  sing N N 49  
ASN CG  OD1  doub N N 50  
ASN CG  ND2  sing N N 51  
ASN ND2 HD21 sing N N 52  
ASN ND2 HD22 sing N N 53  
ASN OXT HXT  sing N N 54  
ASP N   CA   sing N N 55  
ASP N   H    sing N N 56  
ASP N   H2   sing N N 57  
ASP CA  C    sing N N 58  
ASP CA  CB   sing N N 59  
ASP CA  HA   sing N N 60  
ASP C   O    doub N N 61  
ASP C   OXT  sing N N 62  
ASP CB  CG   sing N N 63  
ASP CB  HB2  sing N N 64  
ASP CB  HB3  sing N N 65  
ASP CG  OD1  doub N N 66  
ASP CG  OD2  sing N N 67  
ASP OD2 HD2  sing N N 68  
ASP OXT HXT  sing N N 69  
CYS N   CA   sing N N 70  
CYS N   H    sing N N 71  
CYS N   H2   sing N N 72  
CYS CA  C    sing N N 73  
CYS CA  CB   sing N N 74  
CYS CA  HA   sing N N 75  
CYS C   O    doub N N 76  
CYS C   OXT  sing N N 77  
CYS CB  SG   sing N N 78  
CYS CB  HB2  sing N N 79  
CYS CB  HB3  sing N N 80  
CYS SG  HG   sing N N 81  
CYS OXT HXT  sing N N 82  
FHC C1  C7   sing N N 83  
FHC C1  C6   sing Y N 84  
FHC C1  C2   doub Y N 85  
FHC C7  C8   doub N E 86  
FHC C7  HC7  sing N N 87  
FHC C8  C9   sing N N 88  
FHC C8  F1   sing N N 89  
FHC C9  O3   doub N N 90  
FHC C9  O2   sing N N 91  
FHC C6  C5   doub Y N 92  
FHC C6  HC6  sing N N 93  
FHC C5  C4   sing Y N 94  
FHC C5  HC5  sing N N 95  
FHC C4  O1   sing N N 96  
FHC C4  C3   doub Y N 97  
FHC O1  HO1  sing N N 98  
FHC C3  C2   sing Y N 99  
FHC C3  HC3  sing N N 100 
FHC C2  HC2  sing N N 101 
GLN N   CA   sing N N 102 
GLN N   H    sing N N 103 
GLN N   H2   sing N N 104 
GLN CA  C    sing N N 105 
GLN CA  CB   sing N N 106 
GLN CA  HA   sing N N 107 
GLN C   O    doub N N 108 
GLN C   OXT  sing N N 109 
GLN CB  CG   sing N N 110 
GLN CB  HB2  sing N N 111 
GLN CB  HB3  sing N N 112 
GLN CG  CD   sing N N 113 
GLN CG  HG2  sing N N 114 
GLN CG  HG3  sing N N 115 
GLN CD  OE1  doub N N 116 
GLN CD  NE2  sing N N 117 
GLN NE2 HE21 sing N N 118 
GLN NE2 HE22 sing N N 119 
GLN OXT HXT  sing N N 120 
GLU N   CA   sing N N 121 
GLU N   H    sing N N 122 
GLU N   H2   sing N N 123 
GLU CA  C    sing N N 124 
GLU CA  CB   sing N N 125 
GLU CA  HA   sing N N 126 
GLU C   O    doub N N 127 
GLU C   OXT  sing N N 128 
GLU CB  CG   sing N N 129 
GLU CB  HB2  sing N N 130 
GLU CB  HB3  sing N N 131 
GLU CG  CD   sing N N 132 
GLU CG  HG2  sing N N 133 
GLU CG  HG3  sing N N 134 
GLU CD  OE1  doub N N 135 
GLU CD  OE2  sing N N 136 
GLU OE2 HE2  sing N N 137 
GLU OXT HXT  sing N N 138 
GLY N   CA   sing N N 139 
GLY N   H    sing N N 140 
GLY N   H2   sing N N 141 
GLY CA  C    sing N N 142 
GLY CA  HA2  sing N N 143 
GLY CA  HA3  sing N N 144 
GLY C   O    doub N N 145 
GLY C   OXT  sing N N 146 
GLY OXT HXT  sing N N 147 
HIS N   CA   sing N N 148 
HIS N   H    sing N N 149 
HIS N   H2   sing N N 150 
HIS CA  C    sing N N 151 
HIS CA  CB   sing N N 152 
HIS CA  HA   sing N N 153 
HIS C   O    doub N N 154 
HIS C   OXT  sing N N 155 
HIS CB  CG   sing N N 156 
HIS CB  HB2  sing N N 157 
HIS CB  HB3  sing N N 158 
HIS CG  ND1  sing Y N 159 
HIS CG  CD2  doub Y N 160 
HIS ND1 CE1  doub Y N 161 
HIS ND1 HD1  sing N N 162 
HIS CD2 NE2  sing Y N 163 
HIS CD2 HD2  sing N N 164 
HIS CE1 NE2  sing Y N 165 
HIS CE1 HE1  sing N N 166 
HIS NE2 HE2  sing N N 167 
HIS OXT HXT  sing N N 168 
HOH O   H1   sing N N 169 
HOH O   H2   sing N N 170 
ILE N   CA   sing N N 171 
ILE N   H    sing N N 172 
ILE N   H2   sing N N 173 
ILE CA  C    sing N N 174 
ILE CA  CB   sing N N 175 
ILE CA  HA   sing N N 176 
ILE C   O    doub N N 177 
ILE C   OXT  sing N N 178 
ILE CB  CG1  sing N N 179 
ILE CB  CG2  sing N N 180 
ILE CB  HB   sing N N 181 
ILE CG1 CD1  sing N N 182 
ILE CG1 HG12 sing N N 183 
ILE CG1 HG13 sing N N 184 
ILE CG2 HG21 sing N N 185 
ILE CG2 HG22 sing N N 186 
ILE CG2 HG23 sing N N 187 
ILE CD1 HD11 sing N N 188 
ILE CD1 HD12 sing N N 189 
ILE CD1 HD13 sing N N 190 
ILE OXT HXT  sing N N 191 
LEU N   CA   sing N N 192 
LEU N   H    sing N N 193 
LEU N   H2   sing N N 194 
LEU CA  C    sing N N 195 
LEU CA  CB   sing N N 196 
LEU CA  HA   sing N N 197 
LEU C   O    doub N N 198 
LEU C   OXT  sing N N 199 
LEU CB  CG   sing N N 200 
LEU CB  HB2  sing N N 201 
LEU CB  HB3  sing N N 202 
LEU CG  CD1  sing N N 203 
LEU CG  CD2  sing N N 204 
LEU CG  HG   sing N N 205 
LEU CD1 HD11 sing N N 206 
LEU CD1 HD12 sing N N 207 
LEU CD1 HD13 sing N N 208 
LEU CD2 HD21 sing N N 209 
LEU CD2 HD22 sing N N 210 
LEU CD2 HD23 sing N N 211 
LEU OXT HXT  sing N N 212 
LYS N   CA   sing N N 213 
LYS N   H    sing N N 214 
LYS N   H2   sing N N 215 
LYS CA  C    sing N N 216 
LYS CA  CB   sing N N 217 
LYS CA  HA   sing N N 218 
LYS C   O    doub N N 219 
LYS C   OXT  sing N N 220 
LYS CB  CG   sing N N 221 
LYS CB  HB2  sing N N 222 
LYS CB  HB3  sing N N 223 
LYS CG  CD   sing N N 224 
LYS CG  HG2  sing N N 225 
LYS CG  HG3  sing N N 226 
LYS CD  CE   sing N N 227 
LYS CD  HD2  sing N N 228 
LYS CD  HD3  sing N N 229 
LYS CE  NZ   sing N N 230 
LYS CE  HE2  sing N N 231 
LYS CE  HE3  sing N N 232 
LYS NZ  HZ1  sing N N 233 
LYS NZ  HZ2  sing N N 234 
LYS NZ  HZ3  sing N N 235 
LYS OXT HXT  sing N N 236 
MET N   CA   sing N N 237 
MET N   H    sing N N 238 
MET N   H2   sing N N 239 
MET CA  C    sing N N 240 
MET CA  CB   sing N N 241 
MET CA  HA   sing N N 242 
MET C   O    doub N N 243 
MET C   OXT  sing N N 244 
MET CB  CG   sing N N 245 
MET CB  HB2  sing N N 246 
MET CB  HB3  sing N N 247 
MET CG  SD   sing N N 248 
MET CG  HG2  sing N N 249 
MET CG  HG3  sing N N 250 
MET SD  CE   sing N N 251 
MET CE  HE1  sing N N 252 
MET CE  HE2  sing N N 253 
MET CE  HE3  sing N N 254 
MET OXT HXT  sing N N 255 
PHE N   CA   sing N N 256 
PHE N   H    sing N N 257 
PHE N   H2   sing N N 258 
PHE CA  C    sing N N 259 
PHE CA  CB   sing N N 260 
PHE CA  HA   sing N N 261 
PHE C   O    doub N N 262 
PHE C   OXT  sing N N 263 
PHE CB  CG   sing N N 264 
PHE CB  HB2  sing N N 265 
PHE CB  HB3  sing N N 266 
PHE CG  CD1  doub Y N 267 
PHE CG  CD2  sing Y N 268 
PHE CD1 CE1  sing Y N 269 
PHE CD1 HD1  sing N N 270 
PHE CD2 CE2  doub Y N 271 
PHE CD2 HD2  sing N N 272 
PHE CE1 CZ   doub Y N 273 
PHE CE1 HE1  sing N N 274 
PHE CE2 CZ   sing Y N 275 
PHE CE2 HE2  sing N N 276 
PHE CZ  HZ   sing N N 277 
PHE OXT HXT  sing N N 278 
PRO N   CA   sing N N 279 
PRO N   CD   sing N N 280 
PRO N   H    sing N N 281 
PRO CA  C    sing N N 282 
PRO CA  CB   sing N N 283 
PRO CA  HA   sing N N 284 
PRO C   O    doub N N 285 
PRO C   OXT  sing N N 286 
PRO CB  CG   sing N N 287 
PRO CB  HB2  sing N N 288 
PRO CB  HB3  sing N N 289 
PRO CG  CD   sing N N 290 
PRO CG  HG2  sing N N 291 
PRO CG  HG3  sing N N 292 
PRO CD  HD2  sing N N 293 
PRO CD  HD3  sing N N 294 
PRO OXT HXT  sing N N 295 
SER N   CA   sing N N 296 
SER N   H    sing N N 297 
SER N   H2   sing N N 298 
SER CA  C    sing N N 299 
SER CA  CB   sing N N 300 
SER CA  HA   sing N N 301 
SER C   O    doub N N 302 
SER C   OXT  sing N N 303 
SER CB  OG   sing N N 304 
SER CB  HB2  sing N N 305 
SER CB  HB3  sing N N 306 
SER OG  HG   sing N N 307 
SER OXT HXT  sing N N 308 
THR N   CA   sing N N 309 
THR N   H    sing N N 310 
THR N   H2   sing N N 311 
THR CA  C    sing N N 312 
THR CA  CB   sing N N 313 
THR CA  HA   sing N N 314 
THR C   O    doub N N 315 
THR C   OXT  sing N N 316 
THR CB  OG1  sing N N 317 
THR CB  CG2  sing N N 318 
THR CB  HB   sing N N 319 
THR OG1 HG1  sing N N 320 
THR CG2 HG21 sing N N 321 
THR CG2 HG22 sing N N 322 
THR CG2 HG23 sing N N 323 
THR OXT HXT  sing N N 324 
TRP N   CA   sing N N 325 
TRP N   H    sing N N 326 
TRP N   H2   sing N N 327 
TRP CA  C    sing N N 328 
TRP CA  CB   sing N N 329 
TRP CA  HA   sing N N 330 
TRP C   O    doub N N 331 
TRP C   OXT  sing N N 332 
TRP CB  CG   sing N N 333 
TRP CB  HB2  sing N N 334 
TRP CB  HB3  sing N N 335 
TRP CG  CD1  doub Y N 336 
TRP CG  CD2  sing Y N 337 
TRP CD1 NE1  sing Y N 338 
TRP CD1 HD1  sing N N 339 
TRP CD2 CE2  doub Y N 340 
TRP CD2 CE3  sing Y N 341 
TRP NE1 CE2  sing Y N 342 
TRP NE1 HE1  sing N N 343 
TRP CE2 CZ2  sing Y N 344 
TRP CE3 CZ3  doub Y N 345 
TRP CE3 HE3  sing N N 346 
TRP CZ2 CH2  doub Y N 347 
TRP CZ2 HZ2  sing N N 348 
TRP CZ3 CH2  sing Y N 349 
TRP CZ3 HZ3  sing N N 350 
TRP CH2 HH2  sing N N 351 
TRP OXT HXT  sing N N 352 
TYR N   CA   sing N N 353 
TYR N   H    sing N N 354 
TYR N   H2   sing N N 355 
TYR CA  C    sing N N 356 
TYR CA  CB   sing N N 357 
TYR CA  HA   sing N N 358 
TYR C   O    doub N N 359 
TYR C   OXT  sing N N 360 
TYR CB  CG   sing N N 361 
TYR CB  HB2  sing N N 362 
TYR CB  HB3  sing N N 363 
TYR CG  CD1  doub Y N 364 
TYR CG  CD2  sing Y N 365 
TYR CD1 CE1  sing Y N 366 
TYR CD1 HD1  sing N N 367 
TYR CD2 CE2  doub Y N 368 
TYR CD2 HD2  sing N N 369 
TYR CE1 CZ   doub Y N 370 
TYR CE1 HE1  sing N N 371 
TYR CE2 CZ   sing Y N 372 
TYR CE2 HE2  sing N N 373 
TYR CZ  OH   sing N N 374 
TYR OH  HH   sing N N 375 
TYR OXT HXT  sing N N 376 
VAL N   CA   sing N N 377 
VAL N   H    sing N N 378 
VAL N   H2   sing N N 379 
VAL CA  C    sing N N 380 
VAL CA  CB   sing N N 381 
VAL CA  HA   sing N N 382 
VAL C   O    doub N N 383 
VAL C   OXT  sing N N 384 
VAL CB  CG1  sing N N 385 
VAL CB  CG2  sing N N 386 
VAL CB  HB   sing N N 387 
VAL CG1 HG11 sing N N 388 
VAL CG1 HG12 sing N N 389 
VAL CG1 HG13 sing N N 390 
VAL CG2 HG21 sing N N 391 
VAL CG2 HG22 sing N N 392 
VAL CG2 HG23 sing N N 393 
VAL OXT HXT  sing N N 394 
# 
_pdbx_initial_refinement_model.accession_code   ? 
_pdbx_initial_refinement_model.id               1 
_pdbx_initial_refinement_model.entity_id_list   ? 
_pdbx_initial_refinement_model.type             'experimental model' 
_pdbx_initial_refinement_model.source_name      Other 
_pdbx_initial_refinement_model.details          'PARTIALLY REFINED 1.5A RESOLUTION NATIVE' 
# 
_atom_sites.entry_id                    1GYY 
_atom_sites.fract_transf_matrix[1][1]   0.00552591 
_atom_sites.fract_transf_matrix[1][2]   0.01981331 
_atom_sites.fract_transf_matrix[1][3]   0.00879537 
_atom_sites.fract_transf_matrix[2][1]   0.02074946 
_atom_sites.fract_transf_matrix[2][2]   -0.00483113 
_atom_sites.fract_transf_matrix[2][3]   -0.00215329 
_atom_sites.fract_transf_matrix[3][1]   -0.00000472 
_atom_sites.fract_transf_matrix[3][2]   0.00532552 
_atom_sites.fract_transf_matrix[3][3]   -0.01199383 
_atom_sites.fract_transf_vector[1]      0.291723 
_atom_sites.fract_transf_vector[2]      0.074609 
_atom_sites.fract_transf_vector[3]      0.133371 
# 
loop_
_atom_type.symbol 
C 
F 
N 
O 
S 
# 
loop_
_atom_site.group_PDB 
_atom_site.id 
_atom_site.type_symbol 
_atom_site.label_atom_id 
_atom_site.label_alt_id 
_atom_site.label_comp_id 
_atom_site.label_asym_id 
_atom_site.label_entity_id 
_atom_site.label_seq_id 
_atom_site.pdbx_PDB_ins_code 
_atom_site.Cartn_x 
_atom_site.Cartn_y 
_atom_site.Cartn_z 
_atom_site.occupancy 
_atom_site.B_iso_or_equiv 
_atom_site.pdbx_formal_charge 
_atom_site.auth_seq_id 
_atom_site.auth_comp_id 
_atom_site.auth_asym_id 
_atom_site.auth_atom_id 
_atom_site.pdbx_PDB_model_num 
ATOM   1    N N   . PRO A 1 1  ? 0.785   -4.447  9.726   1.00 5.53  ? 1    PRO A N   1 
ATOM   2    C CA  . PRO A 1 1  ? 0.050   -3.687  8.710   1.00 4.66  ? 1    PRO A CA  1 
ATOM   3    C C   . PRO A 1 1  ? -0.020  -4.463  7.421   1.00 3.88  ? 1    PRO A C   1 
ATOM   4    O O   . PRO A 1 1  ? 0.864   -5.275  7.129   1.00 3.40  ? 1    PRO A O   1 
ATOM   5    C CB  . PRO A 1 1  ? 0.822   -2.382  8.536   1.00 7.05  ? 1    PRO A CB  1 
ATOM   6    C CG  . PRO A 1 1  ? 1.643   -2.271  9.795   1.00 6.84  ? 1    PRO A CG  1 
ATOM   7    C CD  . PRO A 1 1  ? 2.025   -3.694  10.062  1.00 7.71  ? 1    PRO A CD  1 
ATOM   8    N N   . HIS A 1 2  ? -1.020  -4.150  6.601   1.00 3.21  ? 2    HIS A N   1 
ATOM   9    C CA  . HIS A 1 2  ? -1.189  -4.771  5.293   1.00 3.20  ? 2    HIS A CA  1 
ATOM   10   C C   . HIS A 1 2  ? -1.086  -3.681  4.241   1.00 3.50  ? 2    HIS A C   1 
ATOM   11   O O   . HIS A 1 2  ? -1.831  -2.690  4.292   1.00 3.96  ? 2    HIS A O   1 
ATOM   12   C CB  . HIS A 1 2  ? -2.512  -5.550  5.165   1.00 3.26  ? 2    HIS A CB  1 
ATOM   13   C CG  . HIS A 1 2  ? -2.644  -6.137  3.800   1.00 3.78  ? 2    HIS A CG  1 
ATOM   14   N ND1 . HIS A 1 2  ? -1.850  -7.182  3.384   1.00 3.53  ? 2    HIS A ND1 1 
ATOM   15   C CD2 . HIS A 1 2  ? -3.474  -5.830  2.776   1.00 3.46  ? 2    HIS A CD2 1 
ATOM   16   C CE1 . HIS A 1 2  ? -2.163  -7.457  2.127   1.00 3.28  ? 2    HIS A CE1 1 
ATOM   17   N NE2 . HIS A 1 2  ? -3.159  -6.654  1.730   1.00 3.80  ? 2    HIS A NE2 1 
ATOM   18   N N   . ILE A 1 3  ? -0.170  -3.802  3.305   1.00 3.01  ? 3    ILE A N   1 
ATOM   19   C CA  . ILE A 1 3  ? 0.084   -2.823  2.253   1.00 3.40  ? 3    ILE A CA  1 
ATOM   20   C C   . ILE A 1 3  ? -0.345  -3.418  0.920   1.00 4.10  ? 3    ILE A C   1 
ATOM   21   O O   . ILE A 1 3  ? 0.082   -4.518  0.547   1.00 4.39  ? 3    ILE A O   1 
ATOM   22   C CB  . ILE A 1 3  ? 1.557   -2.379  2.210   1.00 4.11  ? 3    ILE A CB  1 
ATOM   23   C CG1 . ILE A 1 3  ? 1.995   -1.748  3.541   1.00 6.07  ? 3    ILE A CG1 1 
ATOM   24   C CG2 . ILE A 1 3  ? 1.770   -1.323  1.130   1.00 4.17  ? 3    ILE A CG2 1 
ATOM   25   C CD1 . ILE A 1 3  ? 2.438   -2.728  4.599   1.00 7.44  ? 3    ILE A CD1 1 
ATOM   26   N N   . ASP A 1 4  ? -1.161  -2.679  0.193   1.00 3.48  ? 4    ASP A N   1 
ATOM   27   C CA  . ASP A 1 4  ? -1.612  -3.080  -1.135  1.00 3.18  ? 4    ASP A CA  1 
ATOM   28   C C   . ASP A 1 4  ? -1.091  -2.090  -2.171  1.00 2.95  ? 4    ASP A C   1 
ATOM   29   O O   . ASP A 1 4  ? -1.325  -0.891  -2.018  1.00 3.68  ? 4    ASP A O   1 
ATOM   30   C CB  . ASP A 1 4  ? -3.135  -3.156  -1.206  1.00 3.59  ? 4    ASP A CB  1 
ATOM   31   C CG  . ASP A 1 4  ? -3.634  -3.682  -2.530  1.00 4.58  ? 4    ASP A CG  1 
ATOM   32   O OD1 . ASP A 1 4  ? -3.792  -2.888  -3.481  1.00 4.80  ? 4    ASP A OD1 1 
ATOM   33   O OD2 . ASP A 1 4  ? -3.878  -4.894  -2.660  1.00 7.26  ? 4    ASP A OD2 1 
ATOM   34   N N   . ILE A 1 5  ? -0.390  -2.565  -3.177  1.00 2.77  ? 5    ILE A N   1 
ATOM   35   C CA  . ILE A 1 5  ? 0.176   -1.709  -4.227  1.00 3.09  ? 5    ILE A CA  1 
ATOM   36   C C   . ILE A 1 5  ? -0.511  -2.077  -5.539  1.00 3.25  ? 5    ILE A C   1 
ATOM   37   O O   . ILE A 1 5  ? -0.430  -3.230  -5.961  1.00 3.77  ? 5    ILE A O   1 
ATOM   38   C CB  . ILE A 1 5  ? 1.686   -1.917  -4.382  1.00 3.75  ? 5    ILE A CB  1 
ATOM   39   C CG1 . ILE A 1 5  ? 2.407   -1.589  -3.066  1.00 4.57  ? 5    ILE A CG1 1 
ATOM   40   C CG2 . ILE A 1 5  ? 2.250   -1.058  -5.524  1.00 5.12  ? 5    ILE A CG2 1 
ATOM   41   C CD1 . ILE A 1 5  ? 3.826   -2.091  -2.991  1.00 4.75  ? 5    ILE A CD1 1 
ATOM   42   N N   . LYS A 1 6  ? -1.180  -1.080  -6.130  1.00 3.15  ? 6    LYS A N   1 
ATOM   43   C CA  . LYS A 1 6  ? -1.805  -1.270  -7.430  1.00 3.32  ? 6    LYS A CA  1 
ATOM   44   C C   . LYS A 1 6  ? -1.030  -0.458  -8.470  1.00 3.50  ? 6    LYS A C   1 
ATOM   45   O O   . LYS A 1 6  ? -0.759  0.738   -8.270  1.00 3.97  ? 6    LYS A O   1 
ATOM   46   C CB  . LYS A 1 6  ? -3.284  -0.852  -7.459  1.00 4.16  ? 6    LYS A CB  1 
ATOM   47   C CG  . LYS A 1 6  ? -4.142  -1.898  -6.736  1.00 5.24  ? 6    LYS A CG  1 
ATOM   48   C CD  . LYS A 1 6  ? -5.599  -1.469  -6.687  1.00 7.29  ? 6    LYS A CD  1 
ATOM   49   C CE  . LYS A 1 6  ? -6.498  -2.481  -6.018  1.00 7.57  ? 6    LYS A CE  1 
ATOM   50   N NZ  . LYS A 1 6  ? -6.317  -2.608  -4.560  1.00 8.08  ? 6    LYS A NZ  1 
ATOM   51   N N   . CYS A 1 7  ? -0.724  -1.069  -9.611  1.00 3.49  ? 7    CYS A N   1 
ATOM   52   C CA  . CYS A 1 7  ? 0.018   -0.391  -10.652 1.00 4.35  ? 7    CYS A CA  1 
ATOM   53   C C   . CYS A 1 7  ? -0.291  -0.995  -12.039 1.00 4.88  ? 7    CYS A C   1 
ATOM   54   O O   . CYS A 1 7  ? -0.787  -2.104  -12.100 1.00 4.39  ? 7    CYS A O   1 
ATOM   55   C CB  . CYS A 1 7  ? 1.527   -0.496  -10.379 1.00 5.27  ? 7    CYS A CB  1 
ATOM   56   S SG  . CYS A 1 7  ? 2.235   -2.167  -10.429 1.00 5.53  ? 7    CYS A SG  1 
ATOM   57   N N   . PHE A 1 8  ? 0.124   -0.242  -13.055 1.00 5.86  ? 8    PHE A N   1 
ATOM   58   C CA  . PHE A 1 8  ? 0.005   -0.755  -14.426 1.00 7.55  ? 8    PHE A CA  1 
ATOM   59   C C   . PHE A 1 8  ? 0.993   -1.903  -14.606 1.00 9.16  ? 8    PHE A C   1 
ATOM   60   O O   . PHE A 1 8  ? 2.005   -2.002  -13.917 1.00 8.44  ? 8    PHE A O   1 
ATOM   61   C CB  . PHE A 1 8  ? 0.271   0.345   -15.445 1.00 9.16  ? 8    PHE A CB  1 
ATOM   62   C CG  . PHE A 1 8  ? -0.714  1.473   -15.542 1.00 10.32 ? 8    PHE A CG  1 
ATOM   63   C CD1 . PHE A 1 8  ? -1.941  1.453   -14.899 1.00 11.06 ? 8    PHE A CD1 1 
ATOM   64   C CD2 . PHE A 1 8  ? -0.416  2.586   -16.332 1.00 12.03 ? 8    PHE A CD2 1 
ATOM   65   C CE1 . PHE A 1 8  ? -2.815  2.510   -15.014 1.00 11.47 ? 8    PHE A CE1 1 
ATOM   66   C CE2 . PHE A 1 8  ? -1.303  3.629   -16.458 1.00 12.66 ? 8    PHE A CE2 1 
ATOM   67   C CZ  . PHE A 1 8  ? -2.511  3.607   -15.793 1.00 12.59 ? 8    PHE A CZ  1 
ATOM   68   N N   . PRO A 1 9  ? 0.723   -2.795  -15.546 1.00 11.14 ? 9    PRO A N   1 
ATOM   69   C CA  . PRO A 1 9  ? 1.577   -3.956  -15.747 1.00 12.66 ? 9    PRO A CA  1 
ATOM   70   C C   . PRO A 1 9  ? 3.004   -3.631  -16.138 1.00 13.75 ? 9    PRO A C   1 
ATOM   71   O O   . PRO A 1 9  ? 3.303   -2.685  -16.863 1.00 14.44 ? 9    PRO A O   1 
ATOM   72   C CB  . PRO A 1 9  ? 0.869   -4.734  -16.867 1.00 13.32 ? 9    PRO A CB  1 
ATOM   73   C CG  . PRO A 1 9  ? -0.555  -4.291  -16.767 1.00 13.54 ? 9    PRO A CG  1 
ATOM   74   C CD  . PRO A 1 9  ? -0.456  -2.807  -16.459 1.00 11.98 ? 9    PRO A CD  1 
ATOM   75   N N   . ARG A 1 10 ? 3.914   -4.427  -15.595 1.00 14.83 ? 10   ARG A N   1 
ATOM   76   C CA  . ARG A 1 10 ? 5.319   -4.313  -16.000 1.00 16.96 ? 10   ARG A CA  1 
ATOM   77   C C   . ARG A 1 10 ? 5.950   -5.677  -15.726 1.00 17.94 ? 10   ARG A C   1 
ATOM   78   O O   . ARG A 1 10 ? 5.431   -6.450  -14.930 1.00 18.01 ? 10   ARG A O   1 
ATOM   79   C CB  . ARG A 1 10 ? 6.073   -3.189  -15.322 1.00 17.77 ? 10   ARG A CB  1 
ATOM   80   C CG  . ARG A 1 10 ? 6.035   -3.156  -13.810 1.00 17.62 ? 10   ARG A CG  1 
ATOM   81   C CD  . ARG A 1 10 ? 5.125   -2.069  -13.296 1.00 17.27 ? 10   ARG A CD  1 
ATOM   82   N NE  . ARG A 1 10 ? 5.675   -0.719  -13.290 1.00 17.25 ? 10   ARG A NE  1 
ATOM   83   C CZ  . ARG A 1 10 ? 4.887   0.354   -13.280 1.00 16.72 ? 10   ARG A CZ  1 
ATOM   84   N NH1 . ARG A 1 10 ? 5.392   1.596   -13.273 1.00 18.03 ? 10   ARG A NH1 1 
ATOM   85   N NH2 . ARG A 1 10 ? 3.574   0.269   -13.261 1.00 14.78 ? 10   ARG A NH2 1 
ATOM   86   N N   . GLU A 1 11 ? 7.059   -5.934  -16.397 1.00 18.37 ? 11   GLU A N   1 
ATOM   87   C CA  . GLU A 1 11 ? 7.802   -7.172  -16.163 1.00 18.14 ? 11   GLU A CA  1 
ATOM   88   C C   . GLU A 1 11 ? 8.533   -7.055  -14.835 1.00 17.43 ? 11   GLU A C   1 
ATOM   89   O O   . GLU A 1 11 ? 9.360   -6.158  -14.644 1.00 18.49 ? 11   GLU A O   1 
ATOM   90   C CB  . GLU A 1 11 ? 8.809   -7.388  -17.285 1.00 19.35 ? 11   GLU A CB  1 
ATOM   91   N N   . LEU A 1 12 ? 8.201   -7.890  -13.869 1.00 15.64 ? 12   LEU A N   1 
ATOM   92   C CA  . LEU A 1 12 ? 8.811   -7.908  -12.558 1.00 15.46 ? 12   LEU A CA  1 
ATOM   93   C C   . LEU A 1 12 ? 9.027   -9.373  -12.137 1.00 14.19 ? 12   LEU A C   1 
ATOM   94   O O   . LEU A 1 12 ? 8.068   -10.126 -12.045 1.00 14.95 ? 12   LEU A O   1 
ATOM   95   C CB  . LEU A 1 12 ? 7.977   -7.202  -11.507 1.00 16.09 ? 12   LEU A CB  1 
ATOM   96   C CG  . LEU A 1 12 ? 7.821   -5.679  -11.589 1.00 16.96 ? 12   LEU A CG  1 
ATOM   97   C CD1 . LEU A 1 12 ? 6.749   -5.259  -10.584 1.00 18.16 ? 12   LEU A CD1 1 
ATOM   98   C CD2 . LEU A 1 12 ? 9.118   -4.944  -11.316 1.00 17.60 ? 12   LEU A CD2 1 
ATOM   99   N N   . ASP A 1 13 ? 10.287  -9.728  -11.936 1.00 11.70 ? 13   ASP A N   1 
ATOM   100  C CA  . ASP A 1 13 ? 10.581  -11.121 -11.566 1.00 10.95 ? 13   ASP A CA  1 
ATOM   101  C C   . ASP A 1 13 ? 10.540  -11.272 -10.069 1.00 9.37  ? 13   ASP A C   1 
ATOM   102  O O   . ASP A 1 13 ? 10.304  -10.299 -9.308  1.00 9.78  ? 13   ASP A O   1 
ATOM   103  C CB  . ASP A 1 13 ? 11.880  -11.576 -12.228 1.00 11.82 ? 13   ASP A CB  1 
ATOM   104  C CG  . ASP A 1 13 ? 13.127  -10.902 -11.741 1.00 12.38 ? 13   ASP A CG  1 
ATOM   105  O OD1 . ASP A 1 13 ? 13.156  -10.443 -10.562 1.00 11.14 ? 13   ASP A OD1 1 
ATOM   106  O OD2 . ASP A 1 13 ? 14.126  -10.790 -12.508 1.00 14.32 ? 13   ASP A OD2 1 
ATOM   107  N N   . GLU A 1 14 ? 10.761  -12.461 -9.538  1.00 8.94  ? 14   GLU A N   1 
ATOM   108  C CA  . GLU A 1 14 ? 10.658  -12.705 -8.096  1.00 9.78  ? 14   GLU A CA  1 
ATOM   109  C C   . GLU A 1 14 ? 11.708  -11.956 -7.302  1.00 9.34  ? 14   GLU A C   1 
ATOM   110  O O   . GLU A 1 14 ? 11.407  -11.467 -6.202  1.00 10.10 ? 14   GLU A O   1 
ATOM   111  C CB  . GLU A 1 14 ? 10.673  -14.203 -7.836  1.00 11.43 ? 14   GLU A CB  1 
ATOM   112  C CG  . GLU A 1 14 ? 9.474   -14.956 -8.427  1.00 14.74 ? 14   GLU A CG  1 
ATOM   113  C CD  . GLU A 1 14 ? 8.154   -14.276 -8.073  1.00 17.33 ? 14   GLU A CD  1 
ATOM   114  O OE1 . GLU A 1 14 ? 7.944   -14.142 -6.845  1.00 18.92 ? 14   GLU A OE1 1 
ATOM   115  O OE2 . GLU A 1 14 ? 7.434   -13.854 -9.007  1.00 18.67 ? 14   GLU A OE2 1 
ATOM   116  N N   . GLN A 1 15 ? 12.930  -11.808 -7.801  1.00 9.26  ? 15   GLN A N   1 
ATOM   117  C CA  . GLN A 1 15 ? 13.948  -11.036 -7.084  1.00 9.33  ? 15   GLN A CA  1 
ATOM   118  C C   . GLN A 1 15 ? 13.494  -9.581  -6.978  1.00 8.36  ? 15   GLN A C   1 
ATOM   119  O O   . GLN A 1 15 ? 13.629  -8.974  -5.921  1.00 8.44  ? 15   GLN A O   1 
ATOM   120  C CB  . GLN A 1 15 ? 15.302  -11.137 -7.769  1.00 10.85 ? 15   GLN A CB  1 
ATOM   121  N N   . GLN A 1 16 ? 12.948  -9.030  -8.041  1.00 8.01  ? 16   GLN A N   1 
ATOM   122  C CA  . GLN A 1 16 ? 12.481  -7.640  -8.046  1.00 8.11  ? 16   GLN A CA  1 
ATOM   123  C C   . GLN A 1 16 ? 11.311  -7.461  -7.112  1.00 7.20  ? 16   GLN A C   1 
ATOM   124  O O   . GLN A 1 16 ? 11.232  -6.457  -6.389  1.00 6.99  ? 16   GLN A O   1 
ATOM   125  C CB  . GLN A 1 16 ? 12.136  -7.215  -9.474  1.00 8.85  ? 16   GLN A CB  1 
ATOM   126  C CG  . GLN A 1 16 ? 13.371  -7.119  -10.362 1.00 10.23 ? 16   GLN A CG  1 
ATOM   127  C CD  . GLN A 1 16 ? 12.985  -6.929  -11.821 1.00 12.21 ? 16   GLN A CD  1 
ATOM   128  O OE1 . GLN A 1 16 ? 12.120  -7.614  -12.350 1.00 11.85 ? 16   GLN A OE1 1 
ATOM   129  N NE2 . GLN A 1 16 ? 13.642  -5.969  -12.475 1.00 14.75 ? 16   GLN A NE2 1 
ATOM   130  N N   . LYS A 1 17 ? 10.378  -8.405  -7.042  1.00 6.89  ? 17   LYS A N   1 
ATOM   131  C CA  . LYS A 1 17 ? 9.239   -8.305  -6.122  1.00 7.49  ? 17   LYS A CA  1 
ATOM   132  C C   . LYS A 1 17 ? 9.748   -8.376  -4.697  1.00 6.67  ? 17   LYS A C   1 
ATOM   133  O O   . LYS A 1 17 ? 9.301   -7.604  -3.836  1.00 5.99  ? 17   LYS A O   1 
ATOM   134  C CB  . LYS A 1 17 ? 8.208   -9.406  -6.379  1.00 8.87  ? 17   LYS A CB  1 
ATOM   135  C CG  . LYS A 1 17 ? 7.527   -9.279  -7.734  1.00 10.67 ? 17   LYS A CG  1 
ATOM   136  C CD  . LYS A 1 17 ? 6.573   -10.446 -7.939  1.00 14.55 ? 17   LYS A CD  1 
ATOM   137  C CE  . LYS A 1 17 ? 6.063   -10.537 -9.359  1.00 17.30 ? 17   LYS A CE  1 
ATOM   138  N NZ  . LYS A 1 17 ? 5.257   -11.810 -9.463  1.00 19.60 ? 17   LYS A NZ  1 
ATOM   139  N N   . ALA A 1 18 ? 10.720  -9.245  -4.394  1.00 7.08  ? 18   ALA A N   1 
ATOM   140  C CA  . ALA A 1 18 ? 11.251  -9.367  -3.057  1.00 7.10  ? 18   ALA A CA  1 
ATOM   141  C C   . ALA A 1 18 ? 11.981  -8.087  -2.635  1.00 6.50  ? 18   ALA A C   1 
ATOM   142  O O   . ALA A 1 18 ? 11.858  -7.685  -1.476  1.00 7.12  ? 18   ALA A O   1 
ATOM   143  C CB  . ALA A 1 18 ? 12.176  -10.562 -2.884  1.00 7.32  ? 18   ALA A CB  1 
ATOM   144  N N   . ALA A 1 19 ? 12.691  -7.446  -3.546  1.00 6.38  ? 19   ALA A N   1 
ATOM   145  C CA  . ALA A 1 19 ? 13.427  -6.234  -3.229  1.00 5.82  ? 19   ALA A CA  1 
ATOM   146  C C   . ALA A 1 19 ? 12.471  -5.082  -2.941  1.00 5.38  ? 19   ALA A C   1 
ATOM   147  O O   . ALA A 1 19 ? 12.685  -4.293  -2.004  1.00 5.49  ? 19   ALA A O   1 
ATOM   148  C CB  . ALA A 1 19 ? 14.420  -5.849  -4.323  1.00 6.10  ? 19   ALA A CB  1 
ATOM   149  N N   . LEU A 1 20 ? 11.406  -4.991  -3.719  1.00 4.59  ? 20   LEU A N   1 
ATOM   150  C CA  . LEU A 1 20 ? 10.340  -4.012  -3.463  1.00 3.97  ? 20   LEU A CA  1 
ATOM   151  C C   . LEU A 1 20 ? 9.749   -4.267  -2.078  1.00 4.27  ? 20   LEU A C   1 
ATOM   152  O O   . LEU A 1 20 ? 9.603   -3.348  -1.264  1.00 3.17  ? 20   LEU A O   1 
ATOM   153  C CB  . LEU A 1 20 ? 9.295   -4.089  -4.559  1.00 3.46  ? 20   LEU A CB  1 
ATOM   154  C CG  . LEU A 1 20 ? 7.973   -3.355  -4.240  1.00 3.37  ? 20   LEU A CG  1 
ATOM   155  C CD1 . LEU A 1 20 ? 8.210   -1.856  -4.050  1.00 3.56  ? 20   LEU A CD1 1 
ATOM   156  C CD2 . LEU A 1 20 ? 6.988   -3.594  -5.358  1.00 4.46  ? 20   LEU A CD2 1 
ATOM   157  N N   . ALA A 1 21 ? 9.407   -5.533  -1.794  1.00 3.89  ? 21   ALA A N   1 
ATOM   158  C CA  . ALA A 1 21 ? 8.827   -5.819  -0.478  1.00 4.01  ? 21   ALA A CA  1 
ATOM   159  C C   . ALA A 1 21 ? 9.759   -5.456  0.670   1.00 3.84  ? 21   ALA A C   1 
ATOM   160  O O   . ALA A 1 21 ? 9.308   -4.929  1.694   1.00 4.38  ? 21   ALA A O   1 
ATOM   161  C CB  . ALA A 1 21 ? 8.487   -7.301  -0.394  1.00 4.29  ? 21   ALA A CB  1 
ATOM   162  N N   . ALA A 1 22 ? 11.065  -5.701  0.530   1.00 4.11  ? 22   ALA A N   1 
ATOM   163  C CA  . ALA A 1 22 ? 12.020  -5.405  1.572   1.00 4.30  ? 22   ALA A CA  1 
ATOM   164  C C   . ALA A 1 22 ? 12.091  -3.905  1.869   1.00 4.32  ? 22   ALA A C   1 
ATOM   165  O O   . ALA A 1 22 ? 12.127  -3.479  3.028   1.00 3.98  ? 22   ALA A O   1 
ATOM   166  C CB  . ALA A 1 22 ? 13.400  -5.941  1.242   1.00 4.67  ? 22   ALA A CB  1 
ATOM   167  N N   . ASP A 1 23 ? 12.099  -3.101  0.795   1.00 3.80  ? 23   ASP A N   1 
ATOM   168  C CA  . ASP A 1 23 ? 12.174  -1.654  0.973   1.00 4.49  ? 23   ASP A CA  1 
ATOM   169  C C   . ASP A 1 23 ? 10.892  -1.093  1.561   1.00 4.07  ? 23   ASP A C   1 
ATOM   170  O O   . ASP A 1 23 ? 10.937  -0.217  2.439   1.00 4.02  ? 23   ASP A O   1 
ATOM   171  C CB  . ASP A 1 23 ? 12.547  -0.973  -0.336  1.00 5.79  ? 23   ASP A CB  1 
ATOM   172  C CG  . ASP A 1 23 ? 14.003  -1.079  -0.706  1.00 8.30  ? 23   ASP A CG  1 
ATOM   173  O OD1 . ASP A 1 23 ? 14.794  -1.677  0.050   1.00 10.44 ? 23   ASP A OD1 1 
ATOM   174  O OD2 . ASP A 1 23 ? 14.346  -0.528  -1.768  1.00 10.06 ? 23   ASP A OD2 1 
ATOM   175  N N   . ILE A 1 24 ? 9.734   -1.611  1.164   1.00 3.48  ? 24   ILE A N   1 
ATOM   176  C CA  . ILE A 1 24 ? 8.478   -1.187  1.773   1.00 3.43  ? 24   ILE A CA  1 
ATOM   177  C C   . ILE A 1 24 ? 8.497   -1.535  3.255   1.00 4.00  ? 24   ILE A C   1 
ATOM   178  O O   . ILE A 1 24 ? 8.109   -0.743  4.121   1.00 3.03  ? 24   ILE A O   1 
ATOM   179  C CB  . ILE A 1 24 ? 7.259   -1.816  1.068   1.00 3.58  ? 24   ILE A CB  1 
ATOM   180  C CG1 . ILE A 1 24 ? 7.069   -1.267  -0.346  1.00 3.39  ? 24   ILE A CG1 1 
ATOM   181  C CG2 . ILE A 1 24 ? 5.992   -1.623  1.879   1.00 4.66  ? 24   ILE A CG2 1 
ATOM   182  C CD1 . ILE A 1 24 ? 6.664   0.190   -0.464  1.00 3.65  ? 24   ILE A CD1 1 
ATOM   183  N N   . THR A 1 25 ? 8.932   -2.762  3.567   1.00 3.43  ? 25   THR A N   1 
ATOM   184  C CA  . THR A 1 25 ? 9.003   -3.249  4.937   1.00 4.21  ? 25   THR A CA  1 
ATOM   185  C C   . THR A 1 25 ? 9.846   -2.317  5.795   1.00 3.52  ? 25   THR A C   1 
ATOM   186  O O   . THR A 1 25 ? 9.413   -1.957  6.911   1.00 4.34  ? 25   THR A O   1 
ATOM   187  C CB  . THR A 1 25 ? 9.579   -4.681  4.959   1.00 4.50  ? 25   THR A CB  1 
ATOM   188  O OG1 . THR A 1 25 ? 8.605   -5.560  4.352   1.00 4.89  ? 25   THR A OG1 1 
ATOM   189  C CG2 . THR A 1 25 ? 9.882   -5.158  6.363   1.00 6.05  ? 25   THR A CG2 1 
ATOM   190  N N   . ASP A 1 26 ? 11.036  -1.890  5.343   1.00 4.13  ? 26   ASP A N   1 
ATOM   191  C CA  . ASP A 1 26 ? 11.851  -1.006  6.165   1.00 4.69  ? 26   ASP A CA  1 
ATOM   192  C C   . ASP A 1 26 ? 11.136  0.299   6.448   1.00 4.24  ? 26   ASP A C   1 
ATOM   193  O O   . ASP A 1 26 ? 11.194  0.796   7.578   1.00 4.44  ? 26   ASP A O   1 
ATOM   194  C CB  . ASP A 1 26 ? 13.198  -0.733  5.486   1.00 7.21  ? 26   ASP A CB  1 
ATOM   195  C CG  . ASP A 1 26 ? 13.915  0.457   6.122   1.00 10.24 ? 26   ASP A CG  1 
ATOM   196  O OD1 . ASP A 1 26 ? 14.491  0.201   7.210   1.00 13.80 ? 26   ASP A OD1 1 
ATOM   197  O OD2 . ASP A 1 26 ? 13.853  1.607   5.618   1.00 10.20 ? 26   ASP A OD2 1 
ATOM   198  N N   . VAL A 1 27 ? 10.465  0.852   5.452   1.00 3.29  ? 27   VAL A N   1 
ATOM   199  C CA  . VAL A 1 27 ? 9.743   2.109   5.658   1.00 3.68  ? 27   VAL A CA  1 
ATOM   200  C C   . VAL A 1 27 ? 8.645   1.964   6.684   1.00 3.42  ? 27   VAL A C   1 
ATOM   201  O O   . VAL A 1 27 ? 8.515   2.796   7.600   1.00 3.18  ? 27   VAL A O   1 
ATOM   202  C CB  . VAL A 1 27 ? 9.179   2.591   4.313   1.00 3.15  ? 27   VAL A CB  1 
ATOM   203  C CG1 . VAL A 1 27 ? 8.243   3.791   4.526   1.00 4.00  ? 27   VAL A CG1 1 
ATOM   204  C CG2 . VAL A 1 27 ? 10.327  3.020   3.411   1.00 4.17  ? 27   VAL A CG2 1 
ATOM   205  N N   . ILE A 1 28 ? 7.885   0.875   6.608   1.00 3.05  ? 28   ILE A N   1 
ATOM   206  C CA  . ILE A 1 28 ? 6.775   0.645   7.529   1.00 3.09  ? 28   ILE A CA  1 
ATOM   207  C C   . ILE A 1 28 ? 7.281   0.428   8.951   1.00 3.23  ? 28   ILE A C   1 
ATOM   208  O O   . ILE A 1 28 ? 6.718   0.948   9.909   1.00 3.31  ? 28   ILE A O   1 
ATOM   209  C CB  . ILE A 1 28 ? 5.917   -0.532  7.020   1.00 3.13  ? 28   ILE A CB  1 
ATOM   210  C CG1 . ILE A 1 28 ? 5.258   -0.193  5.692   1.00 3.80  ? 28   ILE A CG1 1 
ATOM   211  C CG2 . ILE A 1 28 ? 4.877   -0.989  8.039   1.00 3.27  ? 28   ILE A CG2 1 
ATOM   212  C CD1 . ILE A 1 28 ? 4.216   0.919   5.729   1.00 4.37  ? 28   ILE A CD1 1 
ATOM   213  N N   . ILE A 1 29 ? 8.365   -0.347  9.110   1.00 3.30  ? 29   ILE A N   1 
ATOM   214  C CA  . ILE A 1 29 ? 8.958   -0.535  10.439  1.00 3.69  ? 29   ILE A CA  1 
ATOM   215  C C   . ILE A 1 29 ? 9.332   0.811   11.046  1.00 3.25  ? 29   ILE A C   1 
ATOM   216  O O   . ILE A 1 29 ? 8.991   1.122   12.198  1.00 4.22  ? 29   ILE A O   1 
ATOM   217  C CB  . ILE A 1 29 ? 10.194  -1.448  10.376  1.00 4.04  ? 29   ILE A CB  1 
ATOM   218  C CG1 . ILE A 1 29 ? 9.748   -2.905  10.088  1.00 4.91  ? 29   ILE A CG1 1 
ATOM   219  C CG2 . ILE A 1 29 ? 11.010  -1.400  11.656  1.00 4.33  ? 29   ILE A CG2 1 
ATOM   220  C CD1 . ILE A 1 29 ? 10.897  -3.853  9.768   1.00 4.98  ? 29   ILE A CD1 1 
ATOM   221  N N   . ARG A 1 30 ? 10.051  1.665   10.273  1.00 2.96  ? 30   ARG A N   1 
ATOM   222  C CA  . ARG A 1 30 ? 10.515  2.928   10.835  1.00 2.88  ? 30   ARG A CA  1 
ATOM   223  C C   . ARG A 1 30 ? 9.436   3.950   11.096  1.00 3.25  ? 30   ARG A C   1 
ATOM   224  O O   . ARG A 1 30 ? 9.536   4.708   12.059  1.00 4.82  ? 30   ARG A O   1 
ATOM   225  C CB  . ARG A 1 30 ? 11.589  3.551   9.943   1.00 2.81  ? 30   ARG A CB  1 
ATOM   226  C CG  . ARG A 1 30 ? 12.872  2.735   9.895   1.00 3.13  ? 30   ARG A CG  1 
ATOM   227  C CD  . ARG A 1 30 ? 13.962  3.434   9.109   1.00 3.24  ? 30   ARG A CD  1 
ATOM   228  N NE  . ARG A 1 30 ? 13.625  3.631   7.703   1.00 3.01  ? 30   ARG A NE  1 
ATOM   229  C CZ  . ARG A 1 30 ? 13.147  4.760   7.167   1.00 4.20  ? 30   ARG A CZ  1 
ATOM   230  N NH1 . ARG A 1 30 ? 12.948  5.843   7.894   1.00 3.68  ? 30   ARG A NH1 1 
ATOM   231  N NH2 . ARG A 1 30 ? 12.875  4.731   5.866   1.00 5.23  ? 30   ARG A NH2 1 
ATOM   232  N N   . HIS A 1 31 ? 8.384   3.993   10.292  1.00 3.07  ? 31   HIS A N   1 
ATOM   233  C CA  . HIS A 1 31 ? 7.341   5.010   10.441  1.00 3.63  ? 31   HIS A CA  1 
ATOM   234  C C   . HIS A 1 31 ? 6.167   4.589   11.291  1.00 4.01  ? 31   HIS A C   1 
ATOM   235  O O   . HIS A 1 31 ? 5.539   5.467   11.901  1.00 5.56  ? 31   HIS A O   1 
ATOM   236  C CB  . HIS A 1 31 ? 6.852   5.422   9.045   1.00 3.29  ? 31   HIS A CB  1 
ATOM   237  C CG  . HIS A 1 31 ? 7.843   6.280   8.310   1.00 3.44  ? 31   HIS A CG  1 
ATOM   238  N ND1 . HIS A 1 31 ? 7.876   7.655   8.387   1.00 3.59  ? 31   HIS A ND1 1 
ATOM   239  C CD2 . HIS A 1 31 ? 8.846   5.897   7.481   1.00 2.94  ? 31   HIS A CD2 1 
ATOM   240  C CE1 . HIS A 1 31 ? 8.876   8.080   7.634   1.00 3.28  ? 31   HIS A CE1 1 
ATOM   241  N NE2 . HIS A 1 31 ? 9.484   7.049   7.086   1.00 2.87  ? 31   HIS A NE2 1 
ATOM   242  N N   . LEU A 1 32 ? 5.825   3.288   11.337  1.00 4.37  ? 32   LEU A N   1 
ATOM   243  C CA  . LEU A 1 32 ? 4.667   2.840   12.097  1.00 4.88  ? 32   LEU A CA  1 
ATOM   244  C C   . LEU A 1 32 ? 5.066   2.050   13.323  1.00 6.08  ? 32   LEU A C   1 
ATOM   245  O O   . LEU A 1 32 ? 4.222   1.482   14.014  1.00 7.37  ? 32   LEU A O   1 
ATOM   246  C CB  . LEU A 1 32 ? 3.714   2.046   11.192  1.00 5.76  ? 32   LEU A CB  1 
ATOM   247  C CG  . LEU A 1 32 ? 3.120   2.814   10.004  1.00 6.81  ? 32   LEU A CG  1 
ATOM   248  C CD1 . LEU A 1 32 ? 2.115   1.922   9.267   1.00 7.73  ? 32   LEU A CD1 1 
ATOM   249  C CD2 . LEU A 1 32 ? 2.465   4.126   10.442  1.00 7.17  ? 32   LEU A CD2 1 
ATOM   250  N N   . ASN A 1 33 ? 6.343   1.958   13.651  1.00 6.07  ? 33   ASN A N   1 
ATOM   251  C CA  . ASN A 1 33 ? 6.838   1.227   14.808  1.00 7.08  ? 33   ASN A CA  1 
ATOM   252  C C   . ASN A 1 33 ? 6.349   -0.221  14.744  1.00 7.07  ? 33   ASN A C   1 
ATOM   253  O O   . ASN A 1 33 ? 5.876   -0.826  15.704  1.00 9.47  ? 33   ASN A O   1 
ATOM   254  C CB  . ASN A 1 33 ? 6.381   1.885   16.120  1.00 11.27 ? 33   ASN A CB  1 
ATOM   255  C CG  . ASN A 1 33 ? 7.341   2.948   16.596  1.00 18.76 ? 33   ASN A CG  1 
ATOM   256  O OD1 . ASN A 1 33 ? 8.567   2.890   16.434  1.00 22.19 ? 33   ASN A OD1 1 
ATOM   257  N ND2 . ASN A 1 33 ? 6.768   3.981   17.211  1.00 22.22 ? 33   ASN A ND2 1 
ATOM   258  N N   A SER A 1 34 ? 6.455   -0.816  13.562  0.50 6.49  ? 34   SER A N   1 
ATOM   259  N N   B SER A 1 34 ? 6.547   -0.829  13.593  0.50 6.46  ? 34   SER A N   1 
ATOM   260  C CA  A SER A 1 34 ? 5.984   -2.158  13.285  0.50 6.95  ? 34   SER A CA  1 
ATOM   261  C CA  B SER A 1 34 ? 6.045   -2.154  13.291  0.50 7.14  ? 34   SER A CA  1 
ATOM   262  C C   A SER A 1 34 ? 7.144   -3.143  13.412  0.50 8.45  ? 34   SER A C   1 
ATOM   263  C C   B SER A 1 34 ? 7.110   -3.233  13.261  0.50 8.70  ? 34   SER A C   1 
ATOM   264  O O   A SER A 1 34 ? 8.300   -2.828  13.692  0.50 8.42  ? 34   SER A O   1 
ATOM   265  O O   B SER A 1 34 ? 8.300   -2.972  13.172  0.50 9.06  ? 34   SER A O   1 
ATOM   266  C CB  A SER A 1 34 ? 5.337   -2.277  11.908  0.50 7.31  ? 34   SER A CB  1 
ATOM   267  C CB  B SER A 1 34 ? 5.365   -2.039  11.914  0.50 8.01  ? 34   SER A CB  1 
ATOM   268  O OG  A SER A 1 34 ? 4.197   -1.450  11.782  0.50 7.90  ? 34   SER A OG  1 
ATOM   269  O OG  B SER A 1 34 ? 4.720   -3.256  11.636  0.50 8.11  ? 34   SER A OG  1 
ATOM   270  N N   A LYS A 1 35 ? 6.760   -4.396  13.331  0.50 11.10 ? 35   LYS A N   1 
ATOM   271  N N   B LYS A 1 35 ? 6.660   -4.469  13.464  0.50 10.99 ? 35   LYS A N   1 
ATOM   272  C CA  A LYS A 1 35 ? 7.611   -5.569  13.427  0.50 11.75 ? 35   LYS A CA  1 
ATOM   273  C CA  B LYS A 1 35 ? 7.544   -5.629  13.398  0.50 11.89 ? 35   LYS A CA  1 
ATOM   274  C C   A LYS A 1 35 ? 7.563   -6.232  12.057  0.50 10.48 ? 35   LYS A C   1 
ATOM   275  C C   B LYS A 1 35 ? 7.575   -6.130  11.957  0.50 10.56 ? 35   LYS A C   1 
ATOM   276  O O   A LYS A 1 35 ? 6.509   -6.238  11.398  0.50 9.75  ? 35   LYS A O   1 
ATOM   277  O O   B LYS A 1 35 ? 6.507   -6.248  11.331  0.50 9.70  ? 35   LYS A O   1 
ATOM   278  C CB  A LYS A 1 35 ? 7.010   -6.516  14.454  0.50 13.75 ? 35   LYS A CB  1 
ATOM   279  C CB  B LYS A 1 35 ? 7.061   -6.741  14.321  0.50 13.85 ? 35   LYS A CB  1 
ATOM   280  C CG  A LYS A 1 35 ? 7.195   -6.245  15.927  0.50 15.66 ? 35   LYS A CG  1 
ATOM   281  C CG  B LYS A 1 35 ? 7.808   -6.847  15.633  0.50 16.21 ? 35   LYS A CG  1 
ATOM   282  C CD  A LYS A 1 35 ? 8.503   -6.799  16.467  0.50 18.07 ? 35   LYS A CD  1 
ATOM   283  C CD  B LYS A 1 35 ? 7.987   -5.488  16.285  0.50 16.69 ? 35   LYS A CD  1 
ATOM   284  C CE  A LYS A 1 35 ? 8.868   -8.154  15.909  0.50 19.54 ? 35   LYS A CE  1 
ATOM   285  C CE  B LYS A 1 35 ? 9.344   -5.338  16.935  0.50 17.56 ? 35   LYS A CE  1 
ATOM   286  N NZ  A LYS A 1 35 ? 7.737   -9.130  15.898  0.50 20.90 ? 35   LYS A NZ  1 
ATOM   287  N NZ  B LYS A 1 35 ? 9.251   -4.481  18.153  0.50 17.49 ? 35   LYS A NZ  1 
ATOM   288  N N   . ASP A 1 36 ? 8.646   -6.836  11.592  1.00 10.08 ? 36   ASP A N   1 
ATOM   289  C CA  . ASP A 1 36 ? 8.665   -7.537  10.320  1.00 8.16  ? 36   ASP A CA  1 
ATOM   290  C C   . ASP A 1 36 ? 7.513   -8.533  10.248  1.00 7.44  ? 36   ASP A C   1 
ATOM   291  O O   . ASP A 1 36 ? 6.818   -8.632  9.222   1.00 6.93  ? 36   ASP A O   1 
ATOM   292  C CB  . ASP A 1 36 ? 9.988   -8.296  10.207  1.00 9.07  ? 36   ASP A CB  1 
ATOM   293  C CG  . ASP A 1 36 ? 10.072  -8.997  8.867   1.00 10.58 ? 36   ASP A CG  1 
ATOM   294  O OD1 . ASP A 1 36 ? 9.944   -10.232 8.912   1.00 13.15 ? 36   ASP A OD1 1 
ATOM   295  O OD2 . ASP A 1 36 ? 10.312  -8.377  7.829   1.00 12.60 ? 36   ASP A OD2 1 
ATOM   296  N N   . SER A 1 37 ? 7.253   -9.292  11.305  1.00 7.20  ? 37   SER A N   1 
ATOM   297  C CA  . SER A 1 37 ? 6.229   -10.319 11.344  1.00 6.56  ? 37   SER A CA  1 
ATOM   298  C C   . SER A 1 37 ? 4.800   -9.860  11.133  1.00 7.15  ? 37   SER A C   1 
ATOM   299  O O   . SER A 1 37 ? 3.952   -10.639 10.681  1.00 7.62  ? 37   SER A O   1 
ATOM   300  C CB  . SER A 1 37 ? 6.309   -11.078 12.692  1.00 9.56  ? 37   SER A CB  1 
ATOM   301  O OG  . SER A 1 37 ? 6.040   -10.210 13.782  1.00 11.59 ? 37   SER A OG  1 
ATOM   302  N N   . SER A 1 38 ? 4.504   -8.583  11.360  1.00 5.72  ? 38   SER A N   1 
ATOM   303  C CA  . SER A 1 38 ? 3.180   -8.041  11.214  1.00 6.54  ? 38   SER A CA  1 
ATOM   304  C C   . SER A 1 38 ? 2.908   -7.509  9.814   1.00 4.78  ? 38   SER A C   1 
ATOM   305  O O   . SER A 1 38 ? 1.759   -7.135  9.554   1.00 5.05  ? 38   SER A O   1 
ATOM   306  C CB  . SER A 1 38 ? 2.927   -6.870  12.170  1.00 9.01  ? 38   SER A CB  1 
ATOM   307  O OG  . SER A 1 38 ? 3.698   -5.751  11.787  1.00 12.27 ? 38   SER A OG  1 
ATOM   308  N N   . ILE A 1 39 ? 3.922   -7.453  8.958   1.00 3.51  ? 39   ILE A N   1 
ATOM   309  C CA  . ILE A 1 39 ? 3.751   -6.809  7.655   1.00 4.10  ? 39   ILE A CA  1 
ATOM   310  C C   . ILE A 1 39 ? 3.466   -7.787  6.534   1.00 3.78  ? 39   ILE A C   1 
ATOM   311  O O   . ILE A 1 39 ? 4.188   -8.766  6.301   1.00 4.83  ? 39   ILE A O   1 
ATOM   312  C CB  . ILE A 1 39 ? 5.052   -6.007  7.376   1.00 4.06  ? 39   ILE A CB  1 
ATOM   313  C CG1 . ILE A 1 39 ? 5.229   -4.927  8.461   1.00 4.75  ? 39   ILE A CG1 1 
ATOM   314  C CG2 . ILE A 1 39 ? 5.005   -5.353  5.996   1.00 4.05  ? 39   ILE A CG2 1 
ATOM   315  C CD1 . ILE A 1 39 ? 6.609   -4.292  8.473   1.00 5.08  ? 39   ILE A CD1 1 
ATOM   316  N N   . SER A 1 40 ? 2.385   -7.515  5.796   1.00 3.51  ? 40   SER A N   1 
ATOM   317  C CA  . SER A 1 40 ? 2.031   -8.251  4.590   1.00 3.78  ? 40   SER A CA  1 
ATOM   318  C C   . SER A 1 40 ? 1.912   -7.276  3.432   1.00 3.55  ? 40   SER A C   1 
ATOM   319  O O   . SER A 1 40 ? 1.512   -6.117  3.663   1.00 3.11  ? 40   SER A O   1 
ATOM   320  C CB  . SER A 1 40 ? 0.794   -9.098  4.795   1.00 3.84  ? 40   SER A CB  1 
ATOM   321  O OG  . SER A 1 40 ? -0.298  -8.326  5.241   1.00 3.70  ? 40   SER A OG  1 
ATOM   322  N N   . ILE A 1 41 ? 2.271   -7.702  2.224   1.00 3.18  ? 41   ILE A N   1 
ATOM   323  C CA  . ILE A 1 41 ? 2.266   -6.783  1.080   1.00 3.31  ? 41   ILE A CA  1 
ATOM   324  C C   . ILE A 1 41 ? 1.756   -7.514  -0.156  1.00 3.04  ? 41   ILE A C   1 
ATOM   325  O O   . ILE A 1 41 ? 2.247   -8.583  -0.507  1.00 3.04  ? 41   ILE A O   1 
ATOM   326  C CB  . ILE A 1 41 ? 3.681   -6.235  0.777   1.00 3.08  ? 41   ILE A CB  1 
ATOM   327  C CG1 . ILE A 1 41 ? 4.333   -5.602  2.008   1.00 2.67  ? 41   ILE A CG1 1 
ATOM   328  C CG2 . ILE A 1 41 ? 3.615   -5.210  -0.344  1.00 3.50  ? 41   ILE A CG2 1 
ATOM   329  C CD1 . ILE A 1 41 ? 5.803   -5.289  1.875   1.00 3.71  ? 41   ILE A CD1 1 
ATOM   330  N N   . ALA A 1 42 ? 0.761   -6.926  -0.799  1.00 3.18  ? 42   ALA A N   1 
ATOM   331  C CA  . ALA A 1 42 ? 0.177   -7.386  -2.041  1.00 3.45  ? 42   ALA A CA  1 
ATOM   332  C C   . ALA A 1 42 ? 0.592   -6.466  -3.179  1.00 3.50  ? 42   ALA A C   1 
ATOM   333  O O   . ALA A 1 42 ? 0.638   -5.236  -3.000  1.00 4.96  ? 42   ALA A O   1 
ATOM   334  C CB  . ALA A 1 42 ? -1.345  -7.402  -2.000  1.00 4.11  ? 42   ALA A CB  1 
ATOM   335  N N   . LEU A 1 43 ? 0.820   -6.987  -4.365  1.00 4.11  ? 43   LEU A N   1 
ATOM   336  C CA  . LEU A 1 43 ? 1.113   -6.206  -5.570  1.00 4.74  ? 43   LEU A CA  1 
ATOM   337  C C   . LEU A 1 43 ? 0.126   -6.681  -6.634  1.00 5.48  ? 43   LEU A C   1 
ATOM   338  O O   . LEU A 1 43 ? 0.147   -7.851  -7.022  1.00 6.96  ? 43   LEU A O   1 
ATOM   339  C CB  . LEU A 1 43 ? 2.555   -6.411  -5.998  1.00 6.21  ? 43   LEU A CB  1 
ATOM   340  C CG  . LEU A 1 43 ? 2.976   -5.729  -7.311  1.00 7.68  ? 43   LEU A CG  1 
ATOM   341  C CD1 . LEU A 1 43 ? 2.980   -4.240  -7.164  1.00 8.21  ? 43   LEU A CD1 1 
ATOM   342  C CD2 . LEU A 1 43 ? 4.366   -6.247  -7.717  1.00 9.91  ? 43   LEU A CD2 1 
ATOM   343  N N   . GLN A 1 44 ? -0.762  -5.778  -7.068  1.00 4.70  ? 44   GLN A N   1 
ATOM   344  C CA  . GLN A 1 44 ? -1.783  -6.122  -8.065  1.00 6.30  ? 44   GLN A CA  1 
ATOM   345  C C   . GLN A 1 44 ? -1.579  -5.291  -9.310  1.00 5.88  ? 44   GLN A C   1 
ATOM   346  O O   . GLN A 1 44 ? -1.598  -4.058  -9.244  1.00 5.42  ? 44   GLN A O   1 
ATOM   347  C CB  . GLN A 1 44 ? -3.193  -5.872  -7.489  1.00 9.04  ? 44   GLN A CB  1 
ATOM   348  C CG  . GLN A 1 44 ? -3.443  -6.590  -6.176  1.00 13.08 ? 44   GLN A CG  1 
ATOM   349  C CD  . GLN A 1 44 ? -4.861  -6.702  -5.698  1.00 15.87 ? 44   GLN A CD  1 
ATOM   350  O OE1 . GLN A 1 44 ? -5.225  -6.224  -4.610  1.00 17.58 ? 44   GLN A OE1 1 
ATOM   351  N NE2 . GLN A 1 44 ? -5.700  -7.344  -6.502  1.00 17.60 ? 44   GLN A NE2 1 
ATOM   352  N N   . GLN A 1 45 ? -1.323  -5.880  -10.453 1.00 6.05  ? 45   GLN A N   1 
ATOM   353  C CA  . GLN A 1 45 ? -1.116  -5.219  -11.736 1.00 6.71  ? 45   GLN A CA  1 
ATOM   354  C C   . GLN A 1 45 ? -2.451  -5.081  -12.443 1.00 6.86  ? 45   GLN A C   1 
ATOM   355  O O   . GLN A 1 45 ? -3.195  -6.040  -12.613 1.00 9.41  ? 45   GLN A O   1 
ATOM   356  C CB  . GLN A 1 45 ? -0.089  -5.984  -12.584 1.00 9.18  ? 45   GLN A CB  1 
ATOM   357  C CG  . GLN A 1 45 ? 1.266   -6.017  -11.877 1.00 11.77 ? 45   GLN A CG  1 
ATOM   358  C CD  . GLN A 1 45 ? 2.361   -6.647  -12.714 1.00 15.60 ? 45   GLN A CD  1 
ATOM   359  O OE1 . GLN A 1 45 ? 2.462   -6.411  -13.910 1.00 16.92 ? 45   GLN A OE1 1 
ATOM   360  N NE2 . GLN A 1 45 ? 3.179   -7.463  -12.056 1.00 17.67 ? 45   GLN A NE2 1 
ATOM   361  N N   . ILE A 1 46 ? -2.813  -3.831  -12.744 1.00 5.67  ? 46   ILE A N   1 
ATOM   362  C CA  . ILE A 1 46 ? -4.104  -3.460  -13.307 1.00 6.74  ? 46   ILE A CA  1 
ATOM   363  C C   . ILE A 1 46 ? -3.900  -2.874  -14.685 1.00 6.95  ? 46   ILE A C   1 
ATOM   364  O O   . ILE A 1 46 ? -3.123  -1.919  -14.832 1.00 6.97  ? 46   ILE A O   1 
ATOM   365  C CB  . ILE A 1 46 ? -4.756  -2.357  -12.425 1.00 7.85  ? 46   ILE A CB  1 
ATOM   366  C CG1 . ILE A 1 46 ? -4.775  -2.685  -10.937 1.00 10.76 ? 46   ILE A CG1 1 
ATOM   367  C CG2 . ILE A 1 46 ? -6.152  -2.032  -12.945 1.00 7.76  ? 46   ILE A CG2 1 
ATOM   368  C CD1 . ILE A 1 46 ? -5.591  -3.900  -10.626 1.00 12.47 ? 46   ILE A CD1 1 
ATOM   369  N N   . GLN A 1 47 ? -4.561  -3.420  -15.696 1.00 8.19  ? 47   GLN A N   1 
ATOM   370  C CA  . GLN A 1 47 ? -4.421  -2.835  -17.034 1.00 9.74  ? 47   GLN A CA  1 
ATOM   371  C C   . GLN A 1 47 ? -4.933  -1.423  -17.018 1.00 8.67  ? 47   GLN A C   1 
ATOM   372  O O   . GLN A 1 47 ? -5.922  -1.092  -16.342 1.00 7.77  ? 47   GLN A O   1 
ATOM   373  C CB  . GLN A 1 47 ? -5.223  -3.684  -18.036 1.00 12.30 ? 47   GLN A CB  1 
ATOM   374  C CG  . GLN A 1 47 ? -4.666  -5.103  -18.103 1.00 16.00 ? 47   GLN A CG  1 
ATOM   375  C CD  . GLN A 1 47 ? -3.315  -5.206  -18.756 1.00 19.59 ? 47   GLN A CD  1 
ATOM   376  O OE1 . GLN A 1 47 ? -2.893  -4.373  -19.566 1.00 21.45 ? 47   GLN A OE1 1 
ATOM   377  N NE2 . GLN A 1 47 ? -2.576  -6.259  -18.395 1.00 21.71 ? 47   GLN A NE2 1 
ATOM   378  N N   . PRO A 1 48 ? -4.376  -0.508  -17.807 1.00 9.47  ? 48   PRO A N   1 
ATOM   379  C CA  . PRO A 1 48 ? -4.774  0.878   -17.818 1.00 9.95  ? 48   PRO A CA  1 
ATOM   380  C C   . PRO A 1 48 ? -6.243  1.099   -18.081 1.00 9.39  ? 48   PRO A C   1 
ATOM   381  O O   . PRO A 1 48 ? -6.830  2.010   -17.479 1.00 7.79  ? 48   PRO A O   1 
ATOM   382  C CB  . PRO A 1 48 ? -3.904  1.537   -18.886 1.00 12.08 ? 48   PRO A CB  1 
ATOM   383  C CG  . PRO A 1 48 ? -2.868  0.555   -19.257 1.00 13.96 ? 48   PRO A CG  1 
ATOM   384  C CD  . PRO A 1 48 ? -3.186  -0.787  -18.668 1.00 11.30 ? 48   PRO A CD  1 
ATOM   385  N N   A GLU A 1 49 ? -6.895  0.292   -18.930 0.50 10.55 ? 49   GLU A N   1 
ATOM   386  N N   B GLU A 1 49 ? -6.838  0.282   -18.947 0.50 9.93  ? 49   GLU A N   1 
ATOM   387  C CA  A GLU A 1 49 ? -8.313  0.461   -19.214 0.50 11.12 ? 49   GLU A CA  1 
ATOM   388  C CA  B GLU A 1 49 ? -8.256  0.455   -19.240 0.50 9.99  ? 49   GLU A CA  1 
ATOM   389  C C   A GLU A 1 49 ? -9.185  0.244   -17.987 0.50 9.69  ? 49   GLU A C   1 
ATOM   390  C C   B GLU A 1 49 ? -9.160  0.142   -18.068 0.50 9.05  ? 49   GLU A C   1 
ATOM   391  O O   A GLU A 1 49 ? -10.334 0.691   -17.901 0.50 10.04 ? 49   GLU A O   1 
ATOM   392  O O   B GLU A 1 49 ? -10.309 0.598   -18.008 0.50 9.80  ? 49   GLU A O   1 
ATOM   393  C CB  A GLU A 1 49 ? -8.875  -0.469  -20.296 0.50 13.47 ? 49   GLU A CB  1 
ATOM   394  C CB  B GLU A 1 49 ? -8.625  -0.405  -20.470 0.50 11.37 ? 49   GLU A CB  1 
ATOM   395  C CG  A GLU A 1 49 ? -7.991  -0.809  -21.462 0.50 15.97 ? 49   GLU A CG  1 
ATOM   396  C CG  B GLU A 1 49 ? -8.722  -1.872  -20.103 0.50 12.74 ? 49   GLU A CG  1 
ATOM   397  C CD  A GLU A 1 49 ? -6.982  -1.896  -21.138 0.50 18.07 ? 49   GLU A CD  1 
ATOM   398  C CD  B GLU A 1 49 ? -7.501  -2.714  -20.359 0.50 13.61 ? 49   GLU A CD  1 
ATOM   399  O OE1 A GLU A 1 49 ? -7.319  -3.106  -21.146 0.50 19.99 ? 49   GLU A OE1 1 
ATOM   400  O OE1 B GLU A 1 49 ? -7.687  -3.962  -20.491 0.50 12.69 ? 49   GLU A OE1 1 
ATOM   401  O OE2 A GLU A 1 49 ? -5.826  -1.501  -20.869 0.50 17.78 ? 49   GLU A OE2 1 
ATOM   402  O OE2 B GLU A 1 49 ? -6.392  -2.140  -20.445 0.50 14.38 ? 49   GLU A OE2 1 
ATOM   403  N N   . SER A 1 50 ? -8.664  -0.483  -16.999 1.00 7.36  ? 50   SER A N   1 
ATOM   404  C CA  . SER A 1 50 ? -9.401  -0.749  -15.781 1.00 7.22  ? 50   SER A CA  1 
ATOM   405  C C   . SER A 1 50 ? -8.988  0.115   -14.608 1.00 5.85  ? 50   SER A C   1 
ATOM   406  O O   . SER A 1 50 ? -9.446  -0.087  -13.473 1.00 6.70  ? 50   SER A O   1 
ATOM   407  C CB  . SER A 1 50 ? -9.248  -2.256  -15.444 1.00 7.18  ? 50   SER A CB  1 
ATOM   408  O OG  . SER A 1 50 ? -9.939  -2.967  -16.486 1.00 8.99  ? 50   SER A OG  1 
ATOM   409  N N   . TRP A 1 51 ? -8.175  1.157   -14.863 1.00 4.29  ? 51   TRP A N   1 
ATOM   410  C CA  . TRP A 1 51 ? -7.754  2.059   -13.782 1.00 4.38  ? 51   TRP A CA  1 
ATOM   411  C C   . TRP A 1 51 ? -8.888  2.951   -13.338 1.00 3.69  ? 51   TRP A C   1 
ATOM   412  O O   . TRP A 1 51 ? -8.925  3.327   -12.143 1.00 4.24  ? 51   TRP A O   1 
ATOM   413  C CB  . TRP A 1 51 ? -6.566  2.935   -14.200 1.00 3.80  ? 51   TRP A CB  1 
ATOM   414  C CG  . TRP A 1 51 ? -5.891  3.572   -13.026 1.00 3.76  ? 51   TRP A CG  1 
ATOM   415  C CD1 . TRP A 1 51 ? -5.931  4.897   -12.690 1.00 3.44  ? 51   TRP A CD1 1 
ATOM   416  C CD2 . TRP A 1 51 ? -5.105  2.919   -12.033 1.00 3.72  ? 51   TRP A CD2 1 
ATOM   417  N NE1 . TRP A 1 51 ? -5.190  5.113   -11.532 1.00 3.93  ? 51   TRP A NE1 1 
ATOM   418  C CE2 . TRP A 1 51 ? -4.675  3.922   -11.123 1.00 3.00  ? 51   TRP A CE2 1 
ATOM   419  C CE3 . TRP A 1 51 ? -4.706  1.605   -11.821 1.00 3.99  ? 51   TRP A CE3 1 
ATOM   420  C CZ2 . TRP A 1 51 ? -3.870  3.633   -10.036 1.00 3.90  ? 51   TRP A CZ2 1 
ATOM   421  C CZ3 . TRP A 1 51 ? -3.907  1.324   -10.731 1.00 4.62  ? 51   TRP A CZ3 1 
ATOM   422  C CH2 . TRP A 1 51 ? -3.477  2.323   -9.853  1.00 4.29  ? 51   TRP A CH2 1 
ATOM   423  N N   . GLN A 1 52 ? -9.836  3.307   -14.207 1.00 4.24  ? 52   GLN A N   1 
ATOM   424  C CA  . GLN A 1 52 ? -10.959 4.142   -13.800 1.00 4.73  ? 52   GLN A CA  1 
ATOM   425  C C   . GLN A 1 52 ? -11.694 3.549   -12.601 1.00 4.94  ? 52   GLN A C   1 
ATOM   426  O O   . GLN A 1 52 ? -12.131 4.273   -11.696 1.00 5.67  ? 52   GLN A O   1 
ATOM   427  C CB  . GLN A 1 52 ? -11.939 4.319   -14.969 1.00 5.52  ? 52   GLN A CB  1 
ATOM   428  C CG  . GLN A 1 52 ? -13.096 5.264   -14.646 1.00 5.74  ? 52   GLN A CG  1 
ATOM   429  C CD  . GLN A 1 52 ? -12.600 6.699   -14.608 1.00 6.40  ? 52   GLN A CD  1 
ATOM   430  O OE1 . GLN A 1 52 ? -11.997 7.186   -15.568 1.00 8.07  ? 52   GLN A OE1 1 
ATOM   431  N NE2 . GLN A 1 52 ? -12.782 7.374   -13.482 1.00 6.41  ? 52   GLN A NE2 1 
ATOM   432  N N   . ALA A 1 53 ? -11.828 2.220   -12.523 1.00 4.92  ? 53   ALA A N   1 
ATOM   433  C CA  . ALA A 1 53 ? -12.497 1.585   -11.395 1.00 5.28  ? 53   ALA A CA  1 
ATOM   434  C C   . ALA A 1 53 ? -11.714 1.807   -10.111 1.00 5.18  ? 53   ALA A C   1 
ATOM   435  O O   . ALA A 1 53 ? -12.340 1.917   -9.045  1.00 5.97  ? 53   ALA A O   1 
ATOM   436  C CB  . ALA A 1 53 ? -12.737 0.087   -11.623 1.00 6.12  ? 53   ALA A CB  1 
ATOM   437  N N   . ILE A 1 54 ? -10.385 1.876   -10.152 1.00 5.06  ? 54   ILE A N   1 
ATOM   438  C CA  . ILE A 1 54 ? -9.593  2.130   -8.963  1.00 4.34  ? 54   ILE A CA  1 
ATOM   439  C C   . ILE A 1 54 ? -9.770  3.584   -8.530  1.00 3.61  ? 54   ILE A C   1 
ATOM   440  O O   . ILE A 1 54 ? -9.920  3.897   -7.358  1.00 4.19  ? 54   ILE A O   1 
ATOM   441  C CB  . ILE A 1 54 ? -8.114  1.803   -9.243  1.00 4.39  ? 54   ILE A CB  1 
ATOM   442  C CG1 . ILE A 1 54 ? -7.931  0.358   -9.744  1.00 5.57  ? 54   ILE A CG1 1 
ATOM   443  C CG2 . ILE A 1 54 ? -7.255  2.092   -8.009  1.00 4.68  ? 54   ILE A CG2 1 
ATOM   444  C CD1 . ILE A 1 54 ? -8.562  -0.730  -8.909  1.00 7.63  ? 54   ILE A CD1 1 
ATOM   445  N N   . TRP A 1 55 ? -9.773  4.506   -9.492  1.00 3.59  ? 55   TRP A N   1 
ATOM   446  C CA  . TRP A 1 55 ? -10.026 5.907   -9.196  1.00 3.72  ? 55   TRP A CA  1 
ATOM   447  C C   . TRP A 1 55 ? -11.370 6.059   -8.490  1.00 4.13  ? 55   TRP A C   1 
ATOM   448  O O   . TRP A 1 55 ? -11.489 6.702   -7.453  1.00 4.01  ? 55   TRP A O   1 
ATOM   449  C CB  . TRP A 1 55 ? -10.039 6.732   -10.516 1.00 3.36  ? 55   TRP A CB  1 
ATOM   450  C CG  . TRP A 1 55 ? -10.375 8.166   -10.243 1.00 3.52  ? 55   TRP A CG  1 
ATOM   451  C CD1 . TRP A 1 55 ? -11.615 8.739   -10.238 1.00 3.99  ? 55   TRP A CD1 1 
ATOM   452  C CD2 . TRP A 1 55 ? -9.484  9.229   -9.865  1.00 3.61  ? 55   TRP A CD2 1 
ATOM   453  N NE1 . TRP A 1 55 ? -11.547 10.066  -9.885  1.00 4.05  ? 55   TRP A NE1 1 
ATOM   454  C CE2 . TRP A 1 55 ? -10.237 10.385  -9.634  1.00 3.65  ? 55   TRP A CE2 1 
ATOM   455  C CE3 . TRP A 1 55 ? -8.089  9.286   -9.702  1.00 3.45  ? 55   TRP A CE3 1 
ATOM   456  C CZ2 . TRP A 1 55 ? -9.686  11.617  -9.237  1.00 3.63  ? 55   TRP A CZ2 1 
ATOM   457  C CZ3 . TRP A 1 55 ? -7.526  10.497  -9.329  1.00 4.03  ? 55   TRP A CZ3 1 
ATOM   458  C CH2 . TRP A 1 55 ? -8.326  11.617  -9.090  1.00 3.78  ? 55   TRP A CH2 1 
ATOM   459  N N   . ASP A 1 56 ? -12.399 5.414   -9.059  1.00 4.49  ? 56   ASP A N   1 
ATOM   460  C CA  . ASP A 1 56 ? -13.755 5.582   -8.569  1.00 5.11  ? 56   ASP A CA  1 
ATOM   461  C C   . ASP A 1 56 ? -13.991 4.945   -7.203  1.00 7.00  ? 56   ASP A C   1 
ATOM   462  O O   . ASP A 1 56 ? -14.714 5.511   -6.363  1.00 7.60  ? 56   ASP A O   1 
ATOM   463  C CB  . ASP A 1 56 ? -14.762 5.018   -9.564  1.00 5.28  ? 56   ASP A CB  1 
ATOM   464  C CG  . ASP A 1 56 ? -14.857 5.746   -10.877 1.00 5.91  ? 56   ASP A CG  1 
ATOM   465  O OD1 . ASP A 1 56 ? -14.284 6.835   -11.025 1.00 6.91  ? 56   ASP A OD1 1 
ATOM   466  O OD2 . ASP A 1 56 ? -15.542 5.154   -11.776 1.00 8.37  ? 56   ASP A OD2 1 
ATOM   467  N N   . ALA A 1 57 ? -13.399 3.781   -6.988  1.00 7.18  ? 57   ALA A N   1 
ATOM   468  C CA  . ALA A 1 57 ? -13.635 3.082   -5.733  1.00 8.70  ? 57   ALA A CA  1 
ATOM   469  C C   . ALA A 1 57 ? -12.666 3.429   -4.618  1.00 8.16  ? 57   ALA A C   1 
ATOM   470  O O   . ALA A 1 57 ? -13.045 3.314   -3.438  1.00 9.41  ? 57   ALA A O   1 
ATOM   471  C CB  . ALA A 1 57 ? -13.529 1.573   -5.977  1.00 10.18 ? 57   ALA A CB  1 
ATOM   472  N N   . GLU A 1 58 ? -11.407 3.703   -4.942  1.00 7.58  ? 58   GLU A N   1 
ATOM   473  C CA  . GLU A 1 58 ? -10.370 3.880   -3.956  1.00 8.63  ? 58   GLU A CA  1 
ATOM   474  C C   . GLU A 1 58 ? -9.809  5.272   -3.834  1.00 7.98  ? 58   GLU A C   1 
ATOM   475  O O   . GLU A 1 58 ? -9.592  5.779   -2.718  1.00 11.25 ? 58   GLU A O   1 
ATOM   476  C CB  . GLU A 1 58 ? -9.183  2.942   -4.261  1.00 10.42 ? 58   GLU A CB  1 
ATOM   477  C CG  . GLU A 1 58 ? -9.438  1.456   -4.275  1.00 13.20 ? 58   GLU A CG  1 
ATOM   478  C CD  . GLU A 1 58 ? -9.926  0.908   -2.953  1.00 15.83 ? 58   GLU A CD  1 
ATOM   479  O OE1 . GLU A 1 58 ? -9.553  1.418   -1.875  1.00 16.08 ? 58   GLU A OE1 1 
ATOM   480  O OE2 . GLU A 1 58 ? -10.686 -0.073  -3.009  1.00 17.95 ? 58   GLU A OE2 1 
ATOM   481  N N   . ILE A 1 59 ? -9.510  5.916   -4.955  1.00 4.41  ? 59   ILE A N   1 
ATOM   482  C CA  . ILE A 1 59 ? -8.798  7.188   -4.900  1.00 4.34  ? 59   ILE A CA  1 
ATOM   483  C C   . ILE A 1 59 ? -9.688  8.376   -4.625  1.00 4.91  ? 59   ILE A C   1 
ATOM   484  O O   . ILE A 1 59 ? -9.529  9.104   -3.638  1.00 6.11  ? 59   ILE A O   1 
ATOM   485  C CB  . ILE A 1 59 ? -7.961  7.392   -6.175  1.00 3.97  ? 59   ILE A CB  1 
ATOM   486  C CG1 . ILE A 1 59 ? -7.031  6.186   -6.426  1.00 4.22  ? 59   ILE A CG1 1 
ATOM   487  C CG2 . ILE A 1 59 ? -7.115  8.663   -6.037  1.00 4.72  ? 59   ILE A CG2 1 
ATOM   488  C CD1 . ILE A 1 59 ? -6.194  6.202   -7.689  1.00 4.97  ? 59   ILE A CD1 1 
ATOM   489  N N   . ALA A 1 60 ? -10.667 8.588   -5.500  1.00 4.79  ? 60   ALA A N   1 
ATOM   490  C CA  . ALA A 1 60 ? -11.575 9.713   -5.375  1.00 5.65  ? 60   ALA A CA  1 
ATOM   491  C C   . ALA A 1 60 ? -12.342 9.770   -4.073  1.00 5.22  ? 60   ALA A C   1 
ATOM   492  O O   . ALA A 1 60 ? -12.324 10.819  -3.390  1.00 5.71  ? 60   ALA A O   1 
ATOM   493  C CB  . ALA A 1 60 ? -12.509 9.783   -6.567  1.00 6.66  ? 60   ALA A CB  1 
ATOM   494  N N   . PRO A 1 61 ? -12.927 8.682   -3.585  1.00 5.38  ? 61   PRO A N   1 
ATOM   495  C CA  . PRO A 1 61 ? -13.706 8.747   -2.362  1.00 6.08  ? 61   PRO A CA  1 
ATOM   496  C C   . PRO A 1 61 ? -12.853 9.092   -1.163  1.00 5.83  ? 61   PRO A C   1 
ATOM   497  O O   . PRO A 1 61 ? -13.315 9.699   -0.188  1.00 8.01  ? 61   PRO A O   1 
ATOM   498  C CB  . PRO A 1 61 ? -14.365 7.372   -2.205  1.00 7.62  ? 61   PRO A CB  1 
ATOM   499  C CG  . PRO A 1 61 ? -14.193 6.706   -3.497  1.00 8.76  ? 61   PRO A CG  1 
ATOM   500  C CD  . PRO A 1 61 ? -13.101 7.378   -4.276  1.00 6.27  ? 61   PRO A CD  1 
ATOM   501  N N   . GLN A 1 62 ? -11.560 8.733   -1.198  1.00 3.96  ? 62   GLN A N   1 
ATOM   502  C CA  . GLN A 1 62 ? -10.640 8.989   -0.105  1.00 3.93  ? 62   GLN A CA  1 
ATOM   503  C C   . GLN A 1 62 ? -9.775  10.229  -0.255  1.00 3.42  ? 62   GLN A C   1 
ATOM   504  O O   . GLN A 1 62 ? -8.953  10.506  0.631   1.00 3.59  ? 62   GLN A O   1 
ATOM   505  C CB  . GLN A 1 62 ? -9.675  7.802   0.078   1.00 4.86  ? 62   GLN A CB  1 
ATOM   506  C CG  . GLN A 1 62 ? -10.389 6.547   0.579   1.00 7.16  ? 62   GLN A CG  1 
ATOM   507  C CD  . GLN A 1 62 ? -9.369  5.467   0.901   1.00 10.43 ? 62   GLN A CD  1 
ATOM   508  O OE1 . GLN A 1 62 ? -8.949  5.255   2.053   1.00 13.34 ? 62   GLN A OE1 1 
ATOM   509  N NE2 . GLN A 1 62 ? -8.872  4.776   -0.077  1.00 10.88 ? 62   GLN A NE2 1 
ATOM   510  N N   . MET A 1 63 ? -10.068 11.097  -1.227  1.00 2.93  ? 63   MET A N   1 
ATOM   511  C CA  . MET A 1 63 ? -9.298  12.300  -1.453  1.00 3.12  ? 63   MET A CA  1 
ATOM   512  C C   . MET A 1 63 ? -9.166  13.124  -0.190  1.00 3.53  ? 63   MET A C   1 
ATOM   513  O O   . MET A 1 63 ? -8.070  13.593  0.113   1.00 4.11  ? 63   MET A O   1 
ATOM   514  C CB  . MET A 1 63 ? -9.892  13.147  -2.571  1.00 3.57  ? 63   MET A CB  1 
ATOM   515  C CG  . MET A 1 63 ? -9.024  14.281  -3.067  1.00 4.10  ? 63   MET A CG  1 
ATOM   516  S SD  . MET A 1 63 ? -7.592  13.736  -4.004  1.00 4.16  ? 63   MET A SD  1 
ATOM   517  C CE  . MET A 1 63 ? -8.349  12.982  -5.437  1.00 4.95  ? 63   MET A CE  1 
ATOM   518  N N   . GLU A 1 64 ? -10.240 13.271  0.602   1.00 3.48  ? 64   GLU A N   1 
ATOM   519  C CA  . GLU A 1 64 ? -10.214 14.001  1.855   1.00 4.03  ? 64   GLU A CA  1 
ATOM   520  C C   . GLU A 1 64 ? -9.235  13.479  2.900   1.00 4.32  ? 64   GLU A C   1 
ATOM   521  O O   . GLU A 1 64 ? -8.907  14.236  3.803   1.00 5.97  ? 64   GLU A O   1 
ATOM   522  C CB  . GLU A 1 64 ? -11.623 14.023  2.488   1.00 4.15  ? 64   GLU A CB  1 
ATOM   523  C CG  . GLU A 1 64 ? -12.091 12.646  2.948   1.00 4.79  ? 64   GLU A CG  1 
ATOM   524  C CD  . GLU A 1 64 ? -13.533 12.573  3.395   1.00 6.00  ? 64   GLU A CD  1 
ATOM   525  O OE1 . GLU A 1 64 ? -14.242 13.589  3.420   1.00 5.56  ? 64   GLU A OE1 1 
ATOM   526  O OE2 . GLU A 1 64 ? -13.977 11.452  3.724   1.00 9.10  ? 64   GLU A OE2 1 
ATOM   527  N N   . ALA A 1 65 ? -8.813  12.226  2.789   1.00 3.60  ? 65   ALA A N   1 
ATOM   528  C CA  . ALA A 1 65 ? -7.948  11.609  3.771   1.00 4.02  ? 65   ALA A CA  1 
ATOM   529  C C   . ALA A 1 65 ? -6.633  11.105  3.225   1.00 3.92  ? 65   ALA A C   1 
ATOM   530  O O   . ALA A 1 65 ? -5.783  10.680  4.024   1.00 4.42  ? 65   ALA A O   1 
ATOM   531  C CB  . ALA A 1 65 ? -8.688  10.408  4.395   1.00 4.99  ? 65   ALA A CB  1 
ATOM   532  N N   . LEU A 1 66 ? -6.413  11.024  1.927   1.00 3.62  ? 66   LEU A N   1 
ATOM   533  C CA  . LEU A 1 66 ? -5.157  10.475  1.407   1.00 3.43  ? 66   LEU A CA  1 
ATOM   534  C C   . LEU A 1 66 ? -3.975  11.170  2.031   1.00 3.18  ? 66   LEU A C   1 
ATOM   535  O O   . LEU A 1 66 ? -3.948  12.392  2.186   1.00 3.90  ? 66   LEU A O   1 
ATOM   536  C CB  . LEU A 1 66 ? -5.130  10.670  -0.117  1.00 3.11  ? 66   LEU A CB  1 
ATOM   537  C CG  . LEU A 1 66 ? -6.105  9.858   -0.967  1.00 3.06  ? 66   LEU A CG  1 
ATOM   538  C CD1 . LEU A 1 66 ? -5.956  10.246  -2.435  1.00 3.74  ? 66   LEU A CD1 1 
ATOM   539  C CD2 . LEU A 1 66 ? -5.918  8.368   -0.760  1.00 3.33  ? 66   LEU A CD2 1 
ATOM   540  N N   . ILE A 1 67 ? -2.932  10.431  2.381   1.00 3.28  ? 67   ILE A N   1 
ATOM   541  C CA  . ILE A 1 67 ? -1.671  11.015  2.858   1.00 3.20  ? 67   ILE A CA  1 
ATOM   542  C C   . ILE A 1 67 ? -0.807  11.494  1.705   1.00 3.09  ? 67   ILE A C   1 
ATOM   543  O O   . ILE A 1 67 ? 0.092   12.332  1.908   1.00 4.29  ? 67   ILE A O   1 
ATOM   544  C CB  . ILE A 1 67 ? -0.918  10.137  3.869   1.00 3.56  ? 67   ILE A CB  1 
ATOM   545  C CG1 . ILE A 1 67 ? -0.393  8.843   3.260   1.00 3.65  ? 67   ILE A CG1 1 
ATOM   546  C CG2 . ILE A 1 67 ? -1.821  9.896   5.080   1.00 4.61  ? 67   ILE A CG2 1 
ATOM   547  C CD1 . ILE A 1 67 ? 0.572   8.116   4.187   1.00 4.84  ? 67   ILE A CD1 1 
ATOM   548  N N   . LYS A 1 68 ? -1.108  11.037  0.491   1.00 3.20  ? 68   LYS A N   1 
ATOM   549  C CA  . LYS A 1 68 ? -0.488  11.585  -0.722  1.00 3.29  ? 68   LYS A CA  1 
ATOM   550  C C   . LYS A 1 68 ? -1.561  11.569  -1.819  1.00 3.15  ? 68   LYS A C   1 
ATOM   551  O O   . LYS A 1 68 ? -2.056  10.507  -2.205  1.00 3.55  ? 68   LYS A O   1 
ATOM   552  C CB  . LYS A 1 68 ? 0.787   10.898  -1.187  1.00 3.34  ? 68   LYS A CB  1 
ATOM   553  C CG  . LYS A 1 68 ? 1.416   11.574  -2.427  1.00 3.69  ? 68   LYS A CG  1 
ATOM   554  C CD  . LYS A 1 68 ? 2.656   10.801  -2.835  1.00 4.83  ? 68   LYS A CD  1 
ATOM   555  C CE  . LYS A 1 68 ? 3.368   11.340  -4.046  1.00 4.82  ? 68   LYS A CE  1 
ATOM   556  N NZ  . LYS A 1 68 ? 4.092   12.604  -3.721  1.00 7.10  ? 68   LYS A NZ  1 
ATOM   557  N N   . LYS A 1 69 ? -1.951  12.772  -2.255  1.00 3.04  ? 69   LYS A N   1 
ATOM   558  C CA  . LYS A 1 69 ? -2.969  12.884  -3.309  1.00 3.67  ? 69   LYS A CA  1 
ATOM   559  C C   . LYS A 1 69 ? -2.299  12.701  -4.665  1.00 4.35  ? 69   LYS A C   1 
ATOM   560  O O   . LYS A 1 69 ? -1.135  13.039  -4.841  1.00 4.28  ? 69   LYS A O   1 
ATOM   561  C CB  . LYS A 1 69 ? -3.630  14.265  -3.231  1.00 4.11  ? 69   LYS A CB  1 
ATOM   562  C CG  . LYS A 1 69 ? -4.465  14.494  -1.990  1.00 3.54  ? 69   LYS A CG  1 
ATOM   563  C CD  . LYS A 1 69 ? -5.116  15.876  -2.050  1.00 4.11  ? 69   LYS A CD  1 
ATOM   564  C CE  . LYS A 1 69 ? -5.880  16.269  -0.814  1.00 5.87  ? 69   LYS A CE  1 
ATOM   565  N NZ  . LYS A 1 69 ? -4.966  16.586  0.306   1.00 5.66  ? 69   LYS A NZ  1 
ATOM   566  N N   . PRO A 1 70 ? -3.026  12.162  -5.643  1.00 4.10  ? 70   PRO A N   1 
ATOM   567  C CA  . PRO A 1 70 ? -2.464  12.018  -6.977  1.00 4.25  ? 70   PRO A CA  1 
ATOM   568  C C   . PRO A 1 70 ? -2.211  13.362  -7.632  1.00 4.14  ? 70   PRO A C   1 
ATOM   569  O O   . PRO A 1 70 ? -2.846  14.363  -7.276  1.00 5.51  ? 70   PRO A O   1 
ATOM   570  C CB  . PRO A 1 70 ? -3.558  11.252  -7.706  1.00 4.19  ? 70   PRO A CB  1 
ATOM   571  C CG  . PRO A 1 70 ? -4.832  11.697  -7.048  1.00 3.84  ? 70   PRO A CG  1 
ATOM   572  C CD  . PRO A 1 70 ? -4.448  11.765  -5.574  1.00 4.37  ? 70   PRO A CD  1 
ATOM   573  N N   . GLY A 1 71 ? -1.311  13.414  -8.601  1.00 3.68  ? 71   GLY A N   1 
ATOM   574  C CA  . GLY A 1 71 ? -1.022  14.611  -9.390  1.00 4.24  ? 71   GLY A CA  1 
ATOM   575  C C   . GLY A 1 71 ? -1.826  14.653  -10.697 1.00 4.65  ? 71   GLY A C   1 
ATOM   576  O O   . GLY A 1 71 ? -1.420  15.341  -11.631 1.00 5.72  ? 71   GLY A O   1 
ATOM   577  N N   . TYR A 1 72 ? -2.875  13.875  -10.796 1.00 3.89  ? 72   TYR A N   1 
ATOM   578  C CA  . TYR A 1 72 ? -3.751  13.823  -11.942 1.00 3.44  ? 72   TYR A CA  1 
ATOM   579  C C   . TYR A 1 72 ? -5.176  13.711  -11.385 1.00 3.84  ? 72   TYR A C   1 
ATOM   580  O O   . TYR A 1 72 ? -5.369  13.412  -10.208 1.00 4.34  ? 72   TYR A O   1 
ATOM   581  C CB  . TYR A 1 72 ? -3.411  12.613  -12.830 1.00 4.00  ? 72   TYR A CB  1 
ATOM   582  C CG  . TYR A 1 72 ? -3.635  11.268  -12.169 1.00 3.55  ? 72   TYR A CG  1 
ATOM   583  C CD1 . TYR A 1 72 ? -2.642  10.699  -11.373 1.00 3.52  ? 72   TYR A CD1 1 
ATOM   584  C CD2 . TYR A 1 72 ? -4.836  10.575  -12.317 1.00 3.99  ? 72   TYR A CD2 1 
ATOM   585  C CE1 . TYR A 1 72 ? -2.825  9.475   -10.741 1.00 3.36  ? 72   TYR A CE1 1 
ATOM   586  C CE2 . TYR A 1 72 ? -5.036  9.363   -11.688 1.00 3.36  ? 72   TYR A CE2 1 
ATOM   587  C CZ  . TYR A 1 72 ? -4.042  8.829   -10.907 1.00 3.26  ? 72   TYR A CZ  1 
ATOM   588  O OH  . TYR A 1 72 ? -4.282  7.631   -10.279 1.00 3.14  ? 72   TYR A OH  1 
ATOM   589  N N   . SER A 1 73 ? -6.161  13.930  -12.242 1.00 3.53  ? 73   SER A N   1 
ATOM   590  C CA  . SER A 1 73 ? -7.562  13.747  -11.863 1.00 4.50  ? 73   SER A CA  1 
ATOM   591  C C   . SER A 1 73 ? -8.228  12.944  -12.968 1.00 4.45  ? 73   SER A C   1 
ATOM   592  O O   . SER A 1 73 ? -7.895  13.116  -14.166 1.00 5.40  ? 73   SER A O   1 
ATOM   593  C CB  . SER A 1 73 ? -8.303  15.045  -11.643 1.00 4.65  ? 73   SER A CB  1 
ATOM   594  O OG  . SER A 1 73 ? -8.442  15.816  -12.826 1.00 5.04  ? 73   SER A OG  1 
ATOM   595  N N   . MET A 1 74 ? -9.120  12.042  -12.607 1.00 3.97  ? 74   MET A N   1 
ATOM   596  C CA  . MET A 1 74 ? -9.843  11.199  -13.542 1.00 4.90  ? 74   MET A CA  1 
ATOM   597  C C   . MET A 1 74 ? -11.315 11.124  -13.170 1.00 4.74  ? 74   MET A C   1 
ATOM   598  O O   . MET A 1 74 ? -11.931 10.074  -13.308 1.00 5.38  ? 74   MET A O   1 
ATOM   599  C CB  . MET A 1 74 ? -9.307  9.751   -13.526 1.00 9.14  ? 74   MET A CB  1 
ATOM   600  C CG  . MET A 1 74 ? -8.001  9.619   -14.253 1.00 10.87 ? 74   MET A CG  1 
ATOM   601  S SD  . MET A 1 74 ? -7.457  7.918   -14.114 1.00 10.57 ? 74   MET A SD  1 
ATOM   602  C CE  . MET A 1 74 ? -8.657  7.055   -15.032 1.00 9.70  ? 74   MET A CE  1 
ATOM   603  N N   . ASN A 1 75 ? -11.893 12.232  -12.686 1.00 3.48  ? 75   ASN A N   1 
ATOM   604  C CA  . ASN A 1 75 ? -13.339 12.168  -12.390 1.00 3.76  ? 75   ASN A CA  1 
ATOM   605  C C   . ASN A 1 75 ? -14.125 12.063  -13.696 1.00 5.02  ? 75   ASN A C   1 
ATOM   606  O O   . ASN A 1 75 ? -13.894 12.858  -14.605 1.00 6.60  ? 75   ASN A O   1 
ATOM   607  C CB  . ASN A 1 75 ? -13.750 13.414  -11.595 1.00 3.93  ? 75   ASN A CB  1 
ATOM   608  C CG  . ASN A 1 75 ? -13.154 13.381  -10.192 1.00 4.02  ? 75   ASN A CG  1 
ATOM   609  O OD1 . ASN A 1 75 ? -13.278 12.377  -9.492  1.00 3.52  ? 75   ASN A OD1 1 
ATOM   610  N ND2 . ASN A 1 75 ? -12.497 14.484  -9.845  1.00 2.92  ? 75   ASN A ND2 1 
ATOM   611  N N   . ALA A 1 76 ? -15.006 11.111  -13.828 1.00 6.65  ? 76   ALA A N   1 
ATOM   612  C CA  . ALA A 1 76 ? -15.751 10.884  -15.078 1.00 8.79  ? 76   ALA A CA  1 
ATOM   613  C C   . ALA A 1 76 ? -17.253 11.132  -14.888 1.00 12.23 ? 76   ALA A C   1 
ATOM   614  O O   . ALA A 1 76 ? -17.686 11.187  -13.726 1.00 14.87 ? 76   ALA A O   1 
ATOM   615  C CB  . ALA A 1 76 ? -15.434 9.482   -15.563 1.00 10.37 ? 76   ALA A CB  1 
ATOM   616  O OXT . ALA A 1 76 ? -17.961 11.264  -15.885 1.00 14.87 ? 76   ALA A OXT 1 
ATOM   617  N N   . PRO B 1 1  ? 0.912   4.696   -9.538  1.00 5.10  ? 1    PRO B N   1 
ATOM   618  C CA  . PRO B 1 1  ? 0.445   3.586   -8.688  1.00 3.64  ? 1    PRO B CA  1 
ATOM   619  C C   . PRO B 1 1  ? -0.358  4.094   -7.501  1.00 4.19  ? 1    PRO B C   1 
ATOM   620  O O   . PRO B 1 1  ? -0.121  5.226   -7.093  1.00 4.00  ? 1    PRO B O   1 
ATOM   621  C CB  . PRO B 1 1  ? 1.717   2.897   -8.192  1.00 5.12  ? 1    PRO B CB  1 
ATOM   622  C CG  . PRO B 1 1  ? 2.764   3.277   -9.162  1.00 5.49  ? 1    PRO B CG  1 
ATOM   623  C CD  . PRO B 1 1  ? 2.402   4.674   -9.562  1.00 6.25  ? 1    PRO B CD  1 
ATOM   624  N N   . HIS B 1 2  ? -1.230  3.236   -6.960  1.00 3.11  ? 2    HIS B N   1 
ATOM   625  C CA  . HIS B 1 2  ? -2.005  3.591   -5.763  1.00 3.13  ? 2    HIS B CA  1 
ATOM   626  C C   . HIS B 1 2  ? -1.632  2.630   -4.645  1.00 2.88  ? 2    HIS B C   1 
ATOM   627  O O   . HIS B 1 2  ? -1.689  1.389   -4.814  1.00 2.74  ? 2    HIS B O   1 
ATOM   628  C CB  . HIS B 1 2  ? -3.517  3.541   -6.038  1.00 3.12  ? 2    HIS B CB  1 
ATOM   629  C CG  . HIS B 1 2  ? -4.278  3.881   -4.789  1.00 3.73  ? 2    HIS B CG  1 
ATOM   630  N ND1 . HIS B 1 2  ? -4.199  5.131   -4.176  1.00 3.67  ? 2    HIS B ND1 1 
ATOM   631  C CD2 . HIS B 1 2  ? -5.077  3.105   -4.023  1.00 4.07  ? 2    HIS B CD2 1 
ATOM   632  C CE1 . HIS B 1 2  ? -4.959  5.093   -3.095  1.00 3.59  ? 2    HIS B CE1 1 
ATOM   633  N NE2 . HIS B 1 2  ? -5.489  3.879   -2.971  1.00 4.45  ? 2    HIS B NE2 1 
ATOM   634  N N   . ILE B 1 3  ? -1.187  3.172   -3.517  1.00 2.83  ? 3    ILE B N   1 
ATOM   635  C CA  . ILE B 1 3  ? -0.740  2.365   -2.378  1.00 2.93  ? 3    ILE B CA  1 
ATOM   636  C C   . ILE B 1 3  ? -1.706  2.559   -1.218  1.00 3.18  ? 3    ILE B C   1 
ATOM   637  O O   . ILE B 1 3  ? -1.989  3.706   -0.834  1.00 4.16  ? 3    ILE B O   1 
ATOM   638  C CB  . ILE B 1 3  ? 0.696   2.744   -1.968  1.00 4.00  ? 3    ILE B CB  1 
ATOM   639  C CG1 . ILE B 1 3  ? 1.683   2.550   -3.130  1.00 5.22  ? 3    ILE B CG1 1 
ATOM   640  C CG2 . ILE B 1 3  ? 1.167   1.897   -0.791  1.00 4.25  ? 3    ILE B CG2 1 
ATOM   641  C CD1 . ILE B 1 3  ? 1.867   3.717   -4.076  1.00 6.90  ? 3    ILE B CD1 1 
ATOM   642  N N   . ASP B 1 4  ? -2.171  1.447   -0.674  1.00 3.06  ? 4    ASP B N   1 
ATOM   643  C CA  . ASP B 1 4  ? -3.073  1.474   0.459   1.00 3.72  ? 4    ASP B CA  1 
ATOM   644  C C   . ASP B 1 4  ? -2.391  0.827   1.655   1.00 2.94  ? 4    ASP B C   1 
ATOM   645  O O   . ASP B 1 4  ? -1.933  -0.314  1.515   1.00 3.84  ? 4    ASP B O   1 
ATOM   646  C CB  . ASP B 1 4  ? -4.378  0.729   0.128   1.00 4.23  ? 4    ASP B CB  1 
ATOM   647  C CG  . ASP B 1 4  ? -5.374  0.811   1.259   1.00 4.85  ? 4    ASP B CG  1 
ATOM   648  O OD1 . ASP B 1 4  ? -5.396  -0.057  2.153   1.00 5.92  ? 4    ASP B OD1 1 
ATOM   649  O OD2 . ASP B 1 4  ? -6.136  1.799   1.325   1.00 6.70  ? 4    ASP B OD2 1 
ATOM   650  N N   . ILE B 1 5  ? -2.314  1.536   2.773   1.00 3.05  ? 5    ILE B N   1 
ATOM   651  C CA  . ILE B 1 5  ? -1.710  1.012   3.982   1.00 3.55  ? 5    ILE B CA  1 
ATOM   652  C C   . ILE B 1 5  ? -2.783  0.861   5.052   1.00 3.72  ? 5    ILE B C   1 
ATOM   653  O O   . ILE B 1 5  ? -3.397  1.875   5.399   1.00 3.71  ? 5    ILE B O   1 
ATOM   654  C CB  . ILE B 1 5  ? -0.614  1.962   4.523   1.00 4.35  ? 5    ILE B CB  1 
ATOM   655  C CG1 . ILE B 1 5  ? 0.448   2.203   3.456   1.00 4.74  ? 5    ILE B CG1 1 
ATOM   656  C CG2 . ILE B 1 5  ? -0.038  1.404   5.823   1.00 4.62  ? 5    ILE B CG2 1 
ATOM   657  C CD1 . ILE B 1 5  ? 1.382   3.353   3.754   1.00 6.23  ? 5    ILE B CD1 1 
ATOM   658  N N   . LYS B 1 6  ? -3.006  -0.375  5.502   1.00 3.31  ? 6    LYS B N   1 
ATOM   659  C CA  . LYS B 1 6  ? -3.966  -0.629  6.554   1.00 3.89  ? 6    LYS B CA  1 
ATOM   660  C C   . LYS B 1 6  ? -3.206  -1.010  7.829   1.00 4.73  ? 6    LYS B C   1 
ATOM   661  O O   . LYS B 1 6  ? -2.316  -1.875  7.794   1.00 5.15  ? 6    LYS B O   1 
ATOM   662  C CB  . LYS B 1 6  ? -4.964  -1.732  6.215   1.00 4.35  ? 6    LYS B CB  1 
ATOM   663  C CG  . LYS B 1 6  ? -6.044  -1.288  5.241   1.00 5.13  ? 6    LYS B CG  1 
ATOM   664  C CD  . LYS B 1 6  ? -6.943  -2.442  4.842   1.00 6.43  ? 6    LYS B CD  1 
ATOM   665  C CE  . LYS B 1 6  ? -8.117  -1.974  4.007   1.00 7.81  ? 6    LYS B CE  1 
ATOM   666  N NZ  . LYS B 1 6  ? -7.678  -1.564  2.646   1.00 8.15  ? 6    LYS B NZ  1 
ATOM   667  N N   . CYS B 1 7  ? -3.587  -0.361  8.940   1.00 5.05  ? 7    CYS B N   1 
ATOM   668  C CA  . CYS B 1 7  ? -2.878  -0.626  10.205  1.00 6.16  ? 7    CYS B CA  1 
ATOM   669  C C   . CYS B 1 7  ? -3.793  -0.387  11.394  1.00 7.00  ? 7    CYS B C   1 
ATOM   670  O O   . CYS B 1 7  ? -4.824  0.267   11.264  1.00 6.98  ? 7    CYS B O   1 
ATOM   671  C CB  . CYS B 1 7  ? -1.642  0.252   10.289  1.00 6.58  ? 7    CYS B CB  1 
ATOM   672  S SG  . CYS B 1 7  ? -1.969  2.025   10.375  1.00 7.39  ? 7    CYS B SG  1 
ATOM   673  N N   . PHE B 1 8  ? -3.358  -0.855  12.570  1.00 7.71  ? 8    PHE B N   1 
ATOM   674  C CA  . PHE B 1 8  ? -4.104  -0.606  13.795  1.00 8.62  ? 8    PHE B CA  1 
ATOM   675  C C   . PHE B 1 8  ? -3.994  0.871   14.159  1.00 9.75  ? 8    PHE B C   1 
ATOM   676  O O   . PHE B 1 8  ? -3.083  1.544   13.678  1.00 9.60  ? 8    PHE B O   1 
ATOM   677  C CB  . PHE B 1 8  ? -3.607  -1.473  14.947  1.00 10.15 ? 8    PHE B CB  1 
ATOM   678  C CG  . PHE B 1 8  ? -3.935  -2.936  14.888  1.00 12.91 ? 8    PHE B CG  1 
ATOM   679  C CD1 . PHE B 1 8  ? -4.802  -3.478  13.967  1.00 14.96 ? 8    PHE B CD1 1 
ATOM   680  C CD2 . PHE B 1 8  ? -3.381  -3.783  15.851  1.00 14.97 ? 8    PHE B CD2 1 
ATOM   681  C CE1 . PHE B 1 8  ? -5.084  -4.832  13.945  1.00 16.35 ? 8    PHE B CE1 1 
ATOM   682  C CE2 . PHE B 1 8  ? -3.668  -5.139  15.852  1.00 16.46 ? 8    PHE B CE2 1 
ATOM   683  C CZ  . PHE B 1 8  ? -4.515  -5.657  14.901  1.00 17.14 ? 8    PHE B CZ  1 
ATOM   684  N N   . PRO B 1 9  ? -4.920  1.362   14.982  1.00 11.78 ? 9    PRO B N   1 
ATOM   685  C CA  . PRO B 1 9  ? -4.981  2.758   15.327  1.00 13.56 ? 9    PRO B CA  1 
ATOM   686  C C   . PRO B 1 9  ? -3.725  3.325   15.959  1.00 14.95 ? 9    PRO B C   1 
ATOM   687  O O   . PRO B 1 9  ? -3.111  2.679   16.804  1.00 15.45 ? 9    PRO B O   1 
ATOM   688  C CB  . PRO B 1 9  ? -6.173  2.844   16.275  1.00 14.82 ? 9    PRO B CB  1 
ATOM   689  C CG  . PRO B 1 9  ? -7.006  1.641   15.975  1.00 14.21 ? 9    PRO B CG  1 
ATOM   690  C CD  . PRO B 1 9  ? -6.019  0.565   15.594  1.00 12.92 ? 9    PRO B CD  1 
ATOM   691  N N   . ARG B 1 10 ? -3.298  4.479   15.480  1.00 17.08 ? 10   ARG B N   1 
ATOM   692  C CA  . ARG B 1 10 ? -2.115  5.166   15.957  1.00 19.33 ? 10   ARG B CA  1 
ATOM   693  C C   . ARG B 1 10 ? -2.275  6.690   15.892  1.00 20.91 ? 10   ARG B C   1 
ATOM   694  O O   . ARG B 1 10 ? -2.967  7.173   15.018  1.00 22.32 ? 10   ARG B O   1 
ATOM   695  C CB  . ARG B 1 10 ? -0.910  4.904   15.066  1.00 20.30 ? 10   ARG B CB  1 
ATOM   696  C CG  . ARG B 1 10 ? -0.301  3.525   15.169  1.00 19.82 ? 10   ARG B CG  1 
ATOM   697  C CD  . ARG B 1 10 ? 0.210   3.228   13.755  1.00 18.36 ? 10   ARG B CD  1 
ATOM   698  N NE  . ARG B 1 10 ? 1.208   2.187   13.879  1.00 16.56 ? 10   ARG B NE  1 
ATOM   699  C CZ  . ARG B 1 10 ? 0.912   0.894   13.812  1.00 15.70 ? 10   ARG B CZ  1 
ATOM   700  N NH1 . ARG B 1 10 ? -0.342  0.516   13.619  1.00 15.11 ? 10   ARG B NH1 1 
ATOM   701  N NH2 . ARG B 1 10 ? 1.898   0.009   13.902  1.00 16.00 ? 10   ARG B NH2 1 
ATOM   702  N N   . GLU B 1 11 ? -1.594  7.398   16.774  1.00 22.21 ? 11   GLU B N   1 
ATOM   703  C CA  . GLU B 1 11 ? -1.610  8.860   16.730  1.00 22.28 ? 11   GLU B CA  1 
ATOM   704  C C   . GLU B 1 11 ? -0.527  9.294   15.749  1.00 21.44 ? 11   GLU B C   1 
ATOM   705  O O   . GLU B 1 11 ? 0.656   9.052   16.011  1.00 23.59 ? 11   GLU B O   1 
ATOM   706  C CB  . GLU B 1 11 ? -1.342  9.440   18.110  1.00 23.69 ? 11   GLU B CB  1 
ATOM   707  N N   A LEU B 1 12 ? -0.905  9.845   14.614  0.50 20.41 ? 12   LEU B N   1 
ATOM   708  N N   B LEU B 1 12 ? -0.885  9.818   14.588  0.50 20.25 ? 12   LEU B N   1 
ATOM   709  C CA  A LEU B 1 12 ? 0.038   10.313  13.611  0.50 18.92 ? 12   LEU B CA  1 
ATOM   710  C CA  B LEU B 1 12 ? 0.071   10.290  13.601  0.50 18.63 ? 12   LEU B CA  1 
ATOM   711  C C   A LEU B 1 12 ? -0.299  11.758  13.224  0.50 16.58 ? 12   LEU B C   1 
ATOM   712  C C   B LEU B 1 12 ? -0.271  11.734  13.201  0.50 16.41 ? 12   LEU B C   1 
ATOM   713  O O   A LEU B 1 12 ? -1.430  12.011  12.788  0.50 16.92 ? 12   LEU B O   1 
ATOM   714  O O   B LEU B 1 12 ? -1.384  11.970  12.715  0.50 16.74 ? 12   LEU B O   1 
ATOM   715  C CB  A LEU B 1 12 ? 0.056   9.473   12.360  0.50 19.94 ? 12   LEU B CB  1 
ATOM   716  C CB  B LEU B 1 12 ? 0.142   9.455   12.338  0.50 19.34 ? 12   LEU B CB  1 
ATOM   717  C CG  A LEU B 1 12 ? 0.959   8.293   12.081  0.50 20.85 ? 12   LEU B CG  1 
ATOM   718  C CG  B LEU B 1 12 ? 0.720   8.051   12.337  0.50 19.95 ? 12   LEU B CG  1 
ATOM   719  C CD1 A LEU B 1 12 ? 1.585   7.616   13.274  0.50 20.89 ? 12   LEU B CD1 1 
ATOM   720  C CD1 B LEU B 1 12 ? 0.557   7.402   10.973  0.50 20.32 ? 12   LEU B CD1 1 
ATOM   721  C CD2 A LEU B 1 12 ? 0.177   7.260   11.268  0.50 20.92 ? 12   LEU B CD2 1 
ATOM   722  C CD2 B LEU B 1 12 ? 2.169   8.016   12.765  0.50 19.70 ? 12   LEU B CD2 1 
ATOM   723  N N   . ASP B 1 13 ? 0.670   12.652  13.364  1.00 14.17 ? 13   ASP B N   1 
ATOM   724  C CA  . ASP B 1 13 ? 0.425   14.043  13.011  1.00 13.17 ? 13   ASP B CA  1 
ATOM   725  C C   . ASP B 1 13 ? 0.699   14.325  11.541  1.00 11.01 ? 13   ASP B C   1 
ATOM   726  O O   . ASP B 1 13 ? 1.087   13.414  10.799  1.00 10.80 ? 13   ASP B O   1 
ATOM   727  C CB  . ASP B 1 13 ? 1.154   15.009  13.933  1.00 13.78 ? 13   ASP B CB  1 
ATOM   728  C CG  . ASP B 1 13 ? 2.656   15.010  13.850  1.00 14.39 ? 13   ASP B CG  1 
ATOM   729  O OD1 . ASP B 1 13 ? 3.257   14.565  12.831  1.00 13.57 ? 13   ASP B OD1 1 
ATOM   730  O OD2 . ASP B 1 13 ? 3.306   15.453  14.823  1.00 16.81 ? 13   ASP B OD2 1 
ATOM   731  N N   . GLU B 1 14 ? 0.508   15.541  11.070  1.00 10.18 ? 14   GLU B N   1 
ATOM   732  C CA  . GLU B 1 14 ? 0.638   15.884  9.663   1.00 10.91 ? 14   GLU B CA  1 
ATOM   733  C C   . GLU B 1 14 ? 2.052   15.698  9.160   1.00 9.80  ? 14   GLU B C   1 
ATOM   734  O O   . GLU B 1 14 ? 2.276   15.144  8.075   1.00 8.50  ? 14   GLU B O   1 
ATOM   735  C CB  . GLU B 1 14 ? 0.096   17.284  9.328   1.00 13.77 ? 14   GLU B CB  1 
ATOM   736  C CG  . GLU B 1 14 ? -1.423  17.360  9.374   1.00 19.22 ? 14   GLU B CG  1 
ATOM   737  C CD  . GLU B 1 14 ? -2.187  16.832  8.191   1.00 22.36 ? 14   GLU B CD  1 
ATOM   738  O OE1 . GLU B 1 14 ? -1.803  15.920  7.433   1.00 22.50 ? 14   GLU B OE1 1 
ATOM   739  O OE2 . GLU B 1 14 ? -3.306  17.376  7.968   1.00 25.56 ? 14   GLU B OE2 1 
ATOM   740  N N   . GLN B 1 15 ? 3.038   16.112  9.916   1.00 9.13  ? 15   GLN B N   1 
ATOM   741  C CA  . GLN B 1 15 ? 4.436   15.921  9.560   1.00 9.48  ? 15   GLN B CA  1 
ATOM   742  C C   . GLN B 1 15 ? 4.780   14.428  9.413   1.00 7.77  ? 15   GLN B C   1 
ATOM   743  O O   . GLN B 1 15 ? 5.417   14.018  8.435   1.00 7.17  ? 15   GLN B O   1 
ATOM   744  C CB  . GLN B 1 15 ? 5.327   16.573  10.621  1.00 12.90 ? 15   GLN B CB  1 
ATOM   745  C CG  . GLN B 1 15 ? 6.806   16.384  10.319  1.00 17.51 ? 15   GLN B CG  1 
ATOM   746  C CD  . GLN B 1 15 ? 7.686   17.292  11.152  1.00 21.63 ? 15   GLN B CD  1 
ATOM   747  O OE1 . GLN B 1 15 ? 8.828   17.553  10.777  1.00 23.43 ? 15   GLN B OE1 1 
ATOM   748  N NE2 . GLN B 1 15 ? 7.167   17.778  12.270  1.00 24.03 ? 15   GLN B NE2 1 
ATOM   749  N N   . GLN B 1 16 ? 4.296   13.608  10.318  1.00 6.57  ? 16   GLN B N   1 
ATOM   750  C CA  . GLN B 1 16 ? 4.525   12.168  10.304  1.00 6.97  ? 16   GLN B CA  1 
ATOM   751  C C   . GLN B 1 16 ? 3.893   11.536  9.081   1.00 6.33  ? 16   GLN B C   1 
ATOM   752  O O   . GLN B 1 16 ? 4.474   10.664  8.409   1.00 6.02  ? 16   GLN B O   1 
ATOM   753  C CB  . GLN B 1 16 ? 3.975   11.480  11.549  1.00 9.93  ? 16   GLN B CB  1 
ATOM   754  C CG  . GLN B 1 16 ? 4.859   11.708  12.752  1.00 12.17 ? 16   GLN B CG  1 
ATOM   755  C CD  . GLN B 1 16 ? 4.256   11.448  14.095  1.00 14.21 ? 16   GLN B CD  1 
ATOM   756  O OE1 . GLN B 1 16 ? 3.051   11.444  14.325  1.00 13.59 ? 16   GLN B OE1 1 
ATOM   757  N NE2 . GLN B 1 16 ? 5.125   11.211  15.074  1.00 16.71 ? 16   GLN B NE2 1 
ATOM   758  N N   . LYS B 1 17 ? 2.667   11.906  8.761   1.00 5.59  ? 17   LYS B N   1 
ATOM   759  C CA  . LYS B 1 17 ? 1.949   11.375  7.605   1.00 5.84  ? 17   LYS B CA  1 
ATOM   760  C C   . LYS B 1 17 ? 2.700   11.727  6.330   1.00 4.39  ? 17   LYS B C   1 
ATOM   761  O O   . LYS B 1 17 ? 2.864   10.857  5.460   1.00 4.21  ? 17   LYS B O   1 
ATOM   762  C CB  . LYS B 1 17 ? 0.509   11.903  7.558   1.00 7.35  ? 17   LYS B CB  1 
ATOM   763  C CG  . LYS B 1 17 ? -0.413  11.282  8.603   1.00 11.33 ? 17   LYS B CG  1 
ATOM   764  C CD  . LYS B 1 17 ? -1.773  11.977  8.610   1.00 14.77 ? 17   LYS B CD  1 
ATOM   765  C CE  . LYS B 1 17 ? -2.736  11.341  9.594   1.00 18.79 ? 17   LYS B CE  1 
ATOM   766  N NZ  . LYS B 1 17 ? -4.061  12.037  9.492   1.00 21.72 ? 17   LYS B NZ  1 
ATOM   767  N N   . ALA B 1 18 ? 3.164   12.973  6.199   1.00 3.93  ? 18   ALA B N   1 
ATOM   768  C CA  . ALA B 1 18 ? 3.845   13.417  5.004   1.00 4.35  ? 18   ALA B CA  1 
ATOM   769  C C   . ALA B 1 18 ? 5.199   12.727  4.871   1.00 4.56  ? 18   ALA B C   1 
ATOM   770  O O   . ALA B 1 18 ? 5.594   12.397  3.748   1.00 3.53  ? 18   ALA B O   1 
ATOM   771  C CB  . ALA B 1 18 ? 4.022   14.939  4.974   1.00 4.16  ? 18   ALA B CB  1 
ATOM   772  N N   . ALA B 1 19 ? 5.921   12.504  5.960   1.00 3.66  ? 19   ALA B N   1 
ATOM   773  C CA  . ALA B 1 19 ? 7.227   11.827  5.893   1.00 3.85  ? 19   ALA B CA  1 
ATOM   774  C C   . ALA B 1 19 ? 7.049   10.362  5.503   1.00 3.92  ? 19   ALA B C   1 
ATOM   775  O O   . ALA B 1 19 ? 7.819   9.822   4.689   1.00 3.80  ? 19   ALA B O   1 
ATOM   776  C CB  . ALA B 1 19 ? 7.936   11.959  7.222   1.00 4.21  ? 19   ALA B CB  1 
ATOM   777  N N   . LEU B 1 20 ? 6.058   9.687   6.054   1.00 3.48  ? 20   LEU B N   1 
ATOM   778  C CA  . LEU B 1 20 ? 5.747   8.313   5.641   1.00 2.94  ? 20   LEU B CA  1 
ATOM   779  C C   . LEU B 1 20 ? 5.411   8.272   4.152   1.00 3.51  ? 20   LEU B C   1 
ATOM   780  O O   . LEU B 1 20 ? 5.943   7.471   3.385   1.00 3.06  ? 20   LEU B O   1 
ATOM   781  C CB  . LEU B 1 20 ? 4.539   7.809   6.430   1.00 2.91  ? 20   LEU B CB  1 
ATOM   782  C CG  . LEU B 1 20 ? 3.894   6.526   5.911   1.00 3.07  ? 20   LEU B CG  1 
ATOM   783  C CD1 . LEU B 1 20 ? 4.845   5.339   5.830   1.00 3.47  ? 20   LEU B CD1 1 
ATOM   784  C CD2 . LEU B 1 20 ? 2.668   6.178   6.760   1.00 3.42  ? 20   LEU B CD2 1 
ATOM   785  N N   . ALA B 1 21 ? 4.549   9.206   3.712   1.00 2.98  ? 21   ALA B N   1 
ATOM   786  C CA  . ALA B 1 21 ? 4.226   9.234   2.273   1.00 3.14  ? 21   ALA B CA  1 
ATOM   787  C C   . ALA B 1 21 ? 5.444   9.466   1.392   1.00 2.92  ? 21   ALA B C   1 
ATOM   788  O O   . ALA B 1 21 ? 5.535   8.862   0.321   1.00 2.78  ? 21   ALA B O   1 
ATOM   789  C CB  . ALA B 1 21 ? 3.190   10.336  2.052   1.00 3.31  ? 21   ALA B CB  1 
ATOM   790  N N   . ALA B 1 22 ? 6.365   10.351  1.814   1.00 3.07  ? 22   ALA B N   1 
ATOM   791  C CA  . ALA B 1 22 ? 7.548   10.618  1.001   1.00 3.40  ? 22   ALA B CA  1 
ATOM   792  C C   . ALA B 1 22 ? 8.500   9.417   0.922   1.00 3.34  ? 22   ALA B C   1 
ATOM   793  O O   . ALA B 1 22 ? 8.969   9.055   -0.159  1.00 2.66  ? 22   ALA B O   1 
ATOM   794  C CB  . ALA B 1 22 ? 8.302   11.813  1.559   1.00 3.15  ? 22   ALA B CB  1 
ATOM   795  N N   . ASP B 1 23 ? 8.685   8.698   2.026   1.00 3.00  ? 23   ASP B N   1 
ATOM   796  C CA  . ASP B 1 23 ? 9.544   7.500   1.983   1.00 3.24  ? 23   ASP B CA  1 
ATOM   797  C C   . ASP B 1 23 ? 8.912   6.412   1.133   1.00 2.71  ? 23   ASP B C   1 
ATOM   798  O O   . ASP B 1 23 ? 9.606   5.757   0.361   1.00 2.93  ? 23   ASP B O   1 
ATOM   799  C CB  . ASP B 1 23 ? 9.863   6.995   3.394   1.00 2.97  ? 23   ASP B CB  1 
ATOM   800  C CG  . ASP B 1 23 ? 11.093  7.610   4.027   1.00 3.10  ? 23   ASP B CG  1 
ATOM   801  O OD1 . ASP B 1 23 ? 11.762  8.485   3.445   1.00 3.37  ? 23   ASP B OD1 1 
ATOM   802  O OD2 . ASP B 1 23 ? 11.399  7.193   5.181   1.00 2.99  ? 23   ASP B OD2 1 
ATOM   803  N N   . ILE B 1 24 ? 7.582   6.226   1.202   1.00 3.22  ? 24   ILE B N   1 
ATOM   804  C CA  . ILE B 1 24 ? 6.891   5.259   0.351   1.00 3.20  ? 24   ILE B CA  1 
ATOM   805  C C   . ILE B 1 24 ? 7.015   5.706   -1.092  1.00 3.15  ? 24   ILE B C   1 
ATOM   806  O O   . ILE B 1 24 ? 7.310   4.847   -1.949  1.00 2.76  ? 24   ILE B O   1 
ATOM   807  C CB  . ILE B 1 24 ? 5.416   5.098   0.740   1.00 3.66  ? 24   ILE B CB  1 
ATOM   808  C CG1 . ILE B 1 24 ? 5.226   4.449   2.112   1.00 3.11  ? 24   ILE B CG1 1 
ATOM   809  C CG2 . ILE B 1 24 ? 4.641   4.322   -0.330  1.00 4.01  ? 24   ILE B CG2 1 
ATOM   810  C CD1 . ILE B 1 24 ? 5.584   2.985   2.246   1.00 4.03  ? 24   ILE B CD1 1 
ATOM   811  N N   . THR B 1 25 ? 6.813   6.981   -1.383  1.00 2.78  ? 25   THR B N   1 
ATOM   812  C CA  . THR B 1 25 ? 6.914   7.485   -2.755  1.00 3.28  ? 25   THR B CA  1 
ATOM   813  C C   . THR B 1 25 ? 8.258   7.113   -3.372  1.00 3.44  ? 25   THR B C   1 
ATOM   814  O O   . THR B 1 25 ? 8.303   6.642   -4.509  1.00 2.89  ? 25   THR B O   1 
ATOM   815  C CB  . THR B 1 25 ? 6.770   9.013   -2.727  1.00 3.14  ? 25   THR B CB  1 
ATOM   816  O OG1 . THR B 1 25 ? 5.378   9.284   -2.437  1.00 3.63  ? 25   THR B OG1 1 
ATOM   817  C CG2 . THR B 1 25 ? 7.121   9.675   -4.047  1.00 4.05  ? 25   THR B CG2 1 
ATOM   818  N N   . ASP B 1 26 ? 9.348   7.371   -2.647  1.00 2.77  ? 26   ASP B N   1 
ATOM   819  C CA  . ASP B 1 26 ? 10.665  7.113   -3.222  1.00 2.66  ? 26   ASP B CA  1 
ATOM   820  C C   . ASP B 1 26 ? 10.919  5.639   -3.446  1.00 2.60  ? 26   ASP B C   1 
ATOM   821  O O   . ASP B 1 26 ? 11.545  5.256   -4.436  1.00 2.90  ? 26   ASP B O   1 
ATOM   822  C CB  . ASP B 1 26 ? 11.730  7.765   -2.365  1.00 3.12  ? 26   ASP B CB  1 
ATOM   823  C CG  . ASP B 1 26 ? 11.705  9.274   -2.413  1.00 3.95  ? 26   ASP B CG  1 
ATOM   824  O OD1 . ASP B 1 26 ? 11.091  9.837   -3.333  1.00 5.10  ? 26   ASP B OD1 1 
ATOM   825  O OD2 . ASP B 1 26 ? 12.352  9.886   -1.531  1.00 5.45  ? 26   ASP B OD2 1 
ATOM   826  N N   . VAL B 1 27 ? 10.428  4.768   -2.585  1.00 2.84  ? 27   VAL B N   1 
ATOM   827  C CA  . VAL B 1 27 ? 10.508  3.331   -2.838  1.00 3.00  ? 27   VAL B CA  1 
ATOM   828  C C   . VAL B 1 27 ? 9.750   2.950   -4.106  1.00 3.19  ? 27   VAL B C   1 
ATOM   829  O O   . VAL B 1 27 ? 10.254  2.166   -4.922  1.00 2.81  ? 27   VAL B O   1 
ATOM   830  C CB  . VAL B 1 27 ? 9.964   2.545   -1.629  1.00 3.39  ? 27   VAL B CB  1 
ATOM   831  C CG1 . VAL B 1 27 ? 9.801   1.058   -1.936  1.00 4.12  ? 27   VAL B CG1 1 
ATOM   832  C CG2 . VAL B 1 27 ? 10.915  2.709   -0.446  1.00 4.10  ? 27   VAL B CG2 1 
ATOM   833  N N   . ILE B 1 28 ? 8.540   3.472   -4.299  1.00 3.09  ? 28   ILE B N   1 
ATOM   834  C CA  . ILE B 1 28 ? 7.769   3.154   -5.504  1.00 3.12  ? 28   ILE B CA  1 
ATOM   835  C C   . ILE B 1 28 ? 8.451   3.678   -6.749  1.00 2.84  ? 28   ILE B C   1 
ATOM   836  O O   . ILE B 1 28 ? 8.562   2.989   -7.766  1.00 3.18  ? 28   ILE B O   1 
ATOM   837  C CB  . ILE B 1 28 ? 6.348   3.744   -5.317  1.00 3.61  ? 28   ILE B CB  1 
ATOM   838  C CG1 . ILE B 1 28 ? 5.610   3.012   -4.187  1.00 2.81  ? 28   ILE B CG1 1 
ATOM   839  C CG2 . ILE B 1 28 ? 5.547   3.675   -6.608  1.00 3.54  ? 28   ILE B CG2 1 
ATOM   840  C CD1 . ILE B 1 28 ? 5.300   1.560   -4.426  1.00 3.86  ? 28   ILE B CD1 1 
ATOM   841  N N   . ILE B 1 29 ? 8.992   4.913   -6.690  1.00 2.79  ? 29   ILE B N   1 
ATOM   842  C CA  . ILE B 1 29 ? 9.748   5.455   -7.807  1.00 3.32  ? 29   ILE B CA  1 
ATOM   843  C C   . ILE B 1 29 ? 10.924  4.538   -8.149  1.00 3.31  ? 29   ILE B C   1 
ATOM   844  O O   . ILE B 1 29 ? 11.149  4.222   -9.338  1.00 3.97  ? 29   ILE B O   1 
ATOM   845  C CB  . ILE B 1 29 ? 10.248  6.881   -7.473  1.00 3.11  ? 29   ILE B CB  1 
ATOM   846  C CG1 . ILE B 1 29 ? 9.074   7.843   -7.425  1.00 3.08  ? 29   ILE B CG1 1 
ATOM   847  C CG2 . ILE B 1 29 ? 11.338  7.288   -8.482  1.00 3.84  ? 29   ILE B CG2 1 
ATOM   848  C CD1 . ILE B 1 29 ? 9.436   9.252   -6.975  1.00 3.75  ? 29   ILE B CD1 1 
ATOM   849  N N   . ARG B 1 30 ? 11.692  4.098   -7.150  1.00 3.80  ? 30   ARG B N   1 
ATOM   850  C CA  . ARG B 1 30 ? 12.820  3.228   -7.418  1.00 5.60  ? 30   ARG B CA  1 
ATOM   851  C C   . ARG B 1 30 ? 12.456  1.890   -8.038  1.00 6.28  ? 30   ARG B C   1 
ATOM   852  O O   . ARG B 1 30 ? 13.133  1.459   -8.981  1.00 8.88  ? 30   ARG B O   1 
ATOM   853  C CB  . ARG B 1 30 ? 13.522  2.899   -6.095  1.00 6.68  ? 30   ARG B CB  1 
ATOM   854  C CG  . ARG B 1 30 ? 14.301  4.034   -5.516  1.00 8.60  ? 30   ARG B CG  1 
ATOM   855  C CD  . ARG B 1 30 ? 14.764  3.661   -4.117  1.00 11.11 ? 30   ARG B CD  1 
ATOM   856  N NE  . ARG B 1 30 ? 15.528  4.729   -3.520  1.00 12.41 ? 30   ARG B NE  1 
ATOM   857  C CZ  . ARG B 1 30 ? 16.836  4.927   -3.770  1.00 12.10 ? 30   ARG B CZ  1 
ATOM   858  N NH1 . ARG B 1 30 ? 17.568  4.205   -4.593  1.00 12.10 ? 30   ARG B NH1 1 
ATOM   859  N NH2 . ARG B 1 30 ? 17.331  5.941   -3.111  1.00 13.91 ? 30   ARG B NH2 1 
ATOM   860  N N   . HIS B 1 31 ? 11.440  1.222   -7.517  1.00 4.87  ? 31   HIS B N   1 
ATOM   861  C CA  . HIS B 1 31 ? 11.129  -0.118  -7.996  1.00 4.75  ? 31   HIS B CA  1 
ATOM   862  C C   . HIS B 1 31 ? 10.189  -0.231  -9.168  1.00 5.70  ? 31   HIS B C   1 
ATOM   863  O O   . HIS B 1 31 ? 10.292  -1.172  -9.952  1.00 7.23  ? 31   HIS B O   1 
ATOM   864  C CB  . HIS B 1 31 ? 10.544  -0.932  -6.817  1.00 5.13  ? 31   HIS B CB  1 
ATOM   865  C CG  . HIS B 1 31 ? 11.596  -1.195  -5.790  1.00 4.51  ? 31   HIS B CG  1 
ATOM   866  N ND1 . HIS B 1 31 ? 12.482  -2.255  -5.892  1.00 6.08  ? 31   HIS B ND1 1 
ATOM   867  C CD2 . HIS B 1 31 ? 11.953  -0.519  -4.673  1.00 4.08  ? 31   HIS B CD2 1 
ATOM   868  C CE1 . HIS B 1 31 ? 13.321  -2.145  -4.868  1.00 5.98  ? 31   HIS B CE1 1 
ATOM   869  N NE2 . HIS B 1 31 ? 13.018  -1.127  -4.083  1.00 4.81  ? 31   HIS B NE2 1 
ATOM   870  N N   . LEU B 1 32 ? 9.302   0.746   -9.357  1.00 4.45  ? 32   LEU B N   1 
ATOM   871  C CA  . LEU B 1 32 ? 8.292   0.706   -10.404 1.00 5.43  ? 32   LEU B CA  1 
ATOM   872  C C   . LEU B 1 32 ? 8.582   1.721   -11.482 1.00 5.52  ? 32   LEU B C   1 
ATOM   873  O O   . LEU B 1 32 ? 7.844   1.816   -12.453 1.00 7.34  ? 32   LEU B O   1 
ATOM   874  C CB  . LEU B 1 32 ? 6.879   0.855   -9.822  1.00 5.69  ? 32   LEU B CB  1 
ATOM   875  C CG  . LEU B 1 32 ? 6.463   -0.240  -8.816  1.00 6.15  ? 32   LEU B CG  1 
ATOM   876  C CD1 . LEU B 1 32 ? 5.018   -0.022  -8.395  1.00 7.32  ? 32   LEU B CD1 1 
ATOM   877  C CD2 . LEU B 1 32 ? 6.652   -1.645  -9.361  1.00 7.21  ? 32   LEU B CD2 1 
ATOM   878  N N   . ASN B 1 33 ? 9.630   2.525   -11.346 1.00 5.94  ? 33   ASN B N   1 
ATOM   879  C CA  . ASN B 1 33 ? 10.043  3.522   -12.340 1.00 8.02  ? 33   ASN B CA  1 
ATOM   880  C C   . ASN B 1 33 ? 8.962   4.559   -12.572 1.00 6.69  ? 33   ASN B C   1 
ATOM   881  O O   . ASN B 1 33 ? 8.779   5.133   -13.652 1.00 8.66  ? 33   ASN B O   1 
ATOM   882  C CB  . ASN B 1 33 ? 10.470  2.758   -13.619 1.00 11.68 ? 33   ASN B CB  1 
ATOM   883  C CG  . ASN B 1 33 ? 11.572  1.775   -13.214 1.00 17.69 ? 33   ASN B CG  1 
ATOM   884  O OD1 . ASN B 1 33 ? 12.623  2.128   -12.663 1.00 20.93 ? 33   ASN B OD1 1 
ATOM   885  N ND2 . ASN B 1 33 ? 11.345  0.466   -13.366 1.00 20.68 ? 33   ASN B ND2 1 
ATOM   886  N N   A SER B 1 34 ? 8.224   4.885   -11.517 0.50 4.75  ? 34   SER B N   1 
ATOM   887  N N   B SER B 1 34 ? 8.226   4.870   -11.520 0.50 6.15  ? 34   SER B N   1 
ATOM   888  C CA  A SER B 1 34 ? 7.101   5.784   -11.578 0.50 4.38  ? 34   SER B CA  1 
ATOM   889  C CA  B SER B 1 34 ? 7.083   5.752   -11.516 0.50 6.97  ? 34   SER B CA  1 
ATOM   890  C C   A SER B 1 34 ? 7.487   7.249   -11.476 0.50 4.21  ? 34   SER B C   1 
ATOM   891  C C   B SER B 1 34 ? 7.461   7.217   -11.477 0.50 5.86  ? 34   SER B C   1 
ATOM   892  O O   A SER B 1 34 ? 8.528   7.618   -10.916 0.50 4.15  ? 34   SER B O   1 
ATOM   893  O O   B SER B 1 34 ? 8.619   7.570   -11.192 0.50 5.65  ? 34   SER B O   1 
ATOM   894  C CB  A SER B 1 34 ? 6.139   5.562   -10.391 0.50 3.81  ? 34   SER B CB  1 
ATOM   895  C CB  B SER B 1 34 ? 6.220   5.377   -10.293 0.50 9.01  ? 34   SER B CB  1 
ATOM   896  O OG  A SER B 1 34 ? 5.775   4.208   -10.239 0.50 3.08  ? 34   SER B OG  1 
ATOM   897  O OG  B SER B 1 34 ? 4.982   6.030   -10.355 0.50 11.81 ? 34   SER B OG  1 
ATOM   898  N N   . LYS B 1 35 ? 6.572   8.068   -11.973 1.00 4.85  ? 35   LYS B N   1 
ATOM   899  C CA  . LYS B 1 35 ? 6.674   9.511   -11.788 1.00 5.25  ? 35   LYS B CA  1 
ATOM   900  C C   . LYS B 1 35 ? 5.924   9.865   -10.510 1.00 4.23  ? 35   LYS B C   1 
ATOM   901  O O   . LYS B 1 35 ? 4.907   9.268   -10.127 1.00 4.47  ? 35   LYS B O   1 
ATOM   902  C CB  . LYS B 1 35 ? 6.065   10.264  -12.982 1.00 6.81  ? 35   LYS B CB  1 
ATOM   903  C CG  . LYS B 1 35 ? 6.721   9.961   -14.322 1.00 9.35  ? 35   LYS B CG  1 
ATOM   904  C CD  . LYS B 1 35 ? 8.227   10.241  -14.355 1.00 12.69 ? 35   LYS B CD  1 
ATOM   905  C CE  . LYS B 1 35 ? 8.724   10.111  -15.815 1.00 15.05 ? 35   LYS B CE  1 
ATOM   906  N NZ  . LYS B 1 35 ? 10.173  9.799   -15.830 1.00 18.52 ? 35   LYS B NZ  1 
ATOM   907  N N   . ASP B 1 36 ? 6.360   10.914  -9.810  1.00 3.19  ? 36   ASP B N   1 
ATOM   908  C CA  . ASP B 1 36 ? 5.719   11.412  -8.592  1.00 3.31  ? 36   ASP B CA  1 
ATOM   909  C C   . ASP B 1 36 ? 4.231   11.641  -8.763  1.00 3.91  ? 36   ASP B C   1 
ATOM   910  O O   . ASP B 1 36 ? 3.408   11.235  -7.922  1.00 3.75  ? 36   ASP B O   1 
ATOM   911  C CB  . ASP B 1 36 ? 6.405   12.711  -8.127  1.00 3.71  ? 36   ASP B CB  1 
ATOM   912  C CG  . ASP B 1 36 ? 5.722   13.260  -6.886  1.00 4.81  ? 36   ASP B CG  1 
ATOM   913  O OD1 . ASP B 1 36 ? 5.884   12.629  -5.827  1.00 5.66  ? 36   ASP B OD1 1 
ATOM   914  O OD2 . ASP B 1 36 ? 5.006   14.285  -7.012  1.00 8.47  ? 36   ASP B OD2 1 
ATOM   915  N N   A SER B 1 37 ? 3.827   12.266  -9.869  0.50 3.89  ? 37   SER B N   1 
ATOM   916  N N   B SER B 1 37 ? 3.808   12.288  -9.853  0.50 4.02  ? 37   SER B N   1 
ATOM   917  C CA  A SER B 1 37 ? 2.435   12.608  -10.118 0.50 4.51  ? 37   SER B CA  1 
ATOM   918  C CA  B SER B 1 37 ? 2.397   12.620  -10.038 0.50 4.74  ? 37   SER B CA  1 
ATOM   919  C C   A SER B 1 37 ? 1.502   11.426  -10.191 0.50 4.21  ? 37   SER B C   1 
ATOM   920  C C   B SER B 1 37 ? 1.505   11.409  -10.168 0.50 4.65  ? 37   SER B C   1 
ATOM   921  O O   A SER B 1 37 ? 0.302   11.611  -9.924  0.50 4.32  ? 37   SER B O   1 
ATOM   922  O O   B SER B 1 37 ? 0.291   11.536  -9.935  0.50 4.68  ? 37   SER B O   1 
ATOM   923  C CB  A SER B 1 37 ? 2.352   13.426  -11.419 0.50 5.63  ? 37   SER B CB  1 
ATOM   924  C CB  B SER B 1 37 ? 2.238   13.529  -11.263 0.50 6.02  ? 37   SER B CB  1 
ATOM   925  O OG  A SER B 1 37 ? 2.864   14.726  -11.170 0.50 7.55  ? 37   SER B OG  1 
ATOM   926  O OG  B SER B 1 37 ? 2.635   12.815  -12.418 0.50 7.46  ? 37   SER B OG  1 
ATOM   927  N N   A SER B 1 38 ? 1.975   10.243  -10.552 0.50 3.18  ? 38   SER B N   1 
ATOM   928  N N   B SER B 1 38 ? 2.029   10.249  -10.531 0.50 4.19  ? 38   SER B N   1 
ATOM   929  C CA  A SER B 1 38 ? 1.130   9.074   -10.671 0.50 3.35  ? 38   SER B CA  1 
ATOM   930  C CA  B SER B 1 38 ? 1.257   9.036   -10.682 0.50 4.98  ? 38   SER B CA  1 
ATOM   931  C C   A SER B 1 38 ? 0.917   8.355   -9.346  0.50 3.16  ? 38   SER B C   1 
ATOM   932  C C   B SER B 1 38 ? 0.886   8.408   -9.347  0.50 3.75  ? 38   SER B C   1 
ATOM   933  O O   A SER B 1 38 ? 0.183   7.369   -9.345  0.50 3.78  ? 38   SER B O   1 
ATOM   934  O O   B SER B 1 38 ? 0.103   7.464   -9.347  0.50 4.02  ? 38   SER B O   1 
ATOM   935  C CB  A SER B 1 38 ? 1.782   8.062   -11.625 0.50 3.28  ? 38   SER B CB  1 
ATOM   936  C CB  B SER B 1 38 ? 2.062   8.012   -11.501 0.50 6.80  ? 38   SER B CB  1 
ATOM   937  O OG  A SER B 1 38 ? 2.935   7.477   -11.017 0.50 3.03  ? 38   SER B OG  1 
ATOM   938  O OG  B SER B 1 38 ? 2.389   8.629   -12.735 0.50 9.97  ? 38   SER B OG  1 
ATOM   939  N N   . ILE B 1 39 ? 1.565   8.803   -8.277  1.00 3.00  ? 39   ILE B N   1 
ATOM   940  C CA  . ILE B 1 39 ? 1.474   8.116   -7.003  1.00 3.63  ? 39   ILE B CA  1 
ATOM   941  C C   . ILE B 1 39 ? 0.484   8.738   -6.045  1.00 3.34  ? 39   ILE B C   1 
ATOM   942  O O   . ILE B 1 39 ? 0.483   9.941   -5.758  1.00 3.85  ? 39   ILE B O   1 
ATOM   943  C CB  . ILE B 1 39 ? 2.859   8.090   -6.338  1.00 3.53  ? 39   ILE B CB  1 
ATOM   944  C CG1 . ILE B 1 39 ? 3.876   7.375   -7.240  1.00 3.74  ? 39   ILE B CG1 1 
ATOM   945  C CG2 . ILE B 1 39 ? 2.807   7.440   -4.956  1.00 4.06  ? 39   ILE B CG2 1 
ATOM   946  C CD1 . ILE B 1 39 ? 5.346   7.617   -6.839  1.00 4.64  ? 39   ILE B CD1 1 
ATOM   947  N N   . SER B 1 40 ? -0.414  7.874   -5.539  1.00 3.00  ? 40   SER B N   1 
ATOM   948  C CA  . SER B 1 40 ? -1.364  8.230   -4.486  1.00 2.86  ? 40   SER B CA  1 
ATOM   949  C C   . SER B 1 40 ? -1.194  7.217   -3.368  1.00 2.67  ? 40   SER B C   1 
ATOM   950  O O   . SER B 1 40 ? -0.893  6.039   -3.597  1.00 2.63  ? 40   SER B O   1 
ATOM   951  C CB  . SER B 1 40 ? -2.793  8.328   -5.014  1.00 3.76  ? 40   SER B CB  1 
ATOM   952  O OG  . SER B 1 40 ? -3.172  7.123   -5.682  1.00 3.40  ? 40   SER B OG  1 
ATOM   953  N N   . ILE B 1 41 ? -1.403  7.678   -2.122  1.00 2.73  ? 41   ILE B N   1 
ATOM   954  C CA  . ILE B 1 41 ? -1.212  6.817   -0.957  1.00 2.92  ? 41   ILE B CA  1 
ATOM   955  C C   . ILE B 1 41 ? -2.311  7.063   0.064   1.00 3.01  ? 41   ILE B C   1 
ATOM   956  O O   . ILE B 1 41 ? -2.543  8.195   0.506   1.00 2.78  ? 41   ILE B O   1 
ATOM   957  C CB  . ILE B 1 41 ? 0.154   7.056   -0.263  1.00 3.08  ? 41   ILE B CB  1 
ATOM   958  C CG1 . ILE B 1 41 ? 1.328   6.917   -1.254  1.00 3.36  ? 41   ILE B CG1 1 
ATOM   959  C CG2 . ILE B 1 41 ? 0.339   6.064   0.909   1.00 3.49  ? 41   ILE B CG2 1 
ATOM   960  C CD1 . ILE B 1 41 ? 2.640   7.414   -0.689  1.00 3.07  ? 41   ILE B CD1 1 
ATOM   961  N N   . ALA B 1 42 ? -2.961  6.002   0.500   1.00 2.97  ? 42   ALA B N   1 
ATOM   962  C CA  . ALA B 1 42 ? -3.995  6.010   1.523   1.00 3.85  ? 42   ALA B CA  1 
ATOM   963  C C   . ALA B 1 42 ? -3.474  5.311   2.781   1.00 3.72  ? 42   ALA B C   1 
ATOM   964  O O   . ALA B 1 42 ? -2.701  4.368   2.672   1.00 4.58  ? 42   ALA B O   1 
ATOM   965  C CB  . ALA B 1 42 ? -5.258  5.269   1.110   1.00 3.70  ? 42   ALA B CB  1 
ATOM   966  N N   . LEU B 1 43 ? -3.877  5.833   3.938   1.00 4.55  ? 43   LEU B N   1 
ATOM   967  C CA  . LEU B 1 43 ? -3.550  5.211   5.233   1.00 5.17  ? 43   LEU B CA  1 
ATOM   968  C C   . LEU B 1 43 ? -4.877  5.018   5.965   1.00 5.31  ? 43   LEU B C   1 
ATOM   969  O O   . LEU B 1 43 ? -5.540  6.009   6.317   1.00 7.24  ? 43   LEU B O   1 
ATOM   970  C CB  . LEU B 1 43 ? -2.588  6.068   6.014   1.00 7.07  ? 43   LEU B CB  1 
ATOM   971  C CG  . LEU B 1 43 ? -2.170  5.661   7.421   1.00 9.10  ? 43   LEU B CG  1 
ATOM   972  C CD1 . LEU B 1 43 ? -1.380  4.374   7.388   1.00 10.19 ? 43   LEU B CD1 1 
ATOM   973  C CD2 . LEU B 1 43 ? -1.335  6.774   8.050   1.00 11.05 ? 43   LEU B CD2 1 
ATOM   974  N N   . GLN B 1 44 ? -5.290  3.775   6.149   1.00 5.13  ? 44   GLN B N   1 
ATOM   975  C CA  . GLN B 1 44 ? -6.564  3.465   6.767   1.00 6.03  ? 44   GLN B CA  1 
ATOM   976  C C   . GLN B 1 44 ? -6.340  2.744   8.100   1.00 6.73  ? 44   GLN B C   1 
ATOM   977  O O   . GLN B 1 44 ? -5.732  1.684   8.119   1.00 7.02  ? 44   GLN B O   1 
ATOM   978  C CB  . GLN B 1 44 ? -7.411  2.596   5.835   1.00 6.72  ? 44   GLN B CB  1 
ATOM   979  C CG  . GLN B 1 44 ? -7.719  3.247   4.492   1.00 8.83  ? 44   GLN B CG  1 
ATOM   980  C CD  . GLN B 1 44 ? -8.755  2.510   3.692   1.00 9.42  ? 44   GLN B CD  1 
ATOM   981  O OE1 . GLN B 1 44 ? -8.508  1.931   2.631   1.00 11.21 ? 44   GLN B OE1 1 
ATOM   982  N NE2 . GLN B 1 44 ? -9.997  2.574   4.167   1.00 6.45  ? 44   GLN B NE2 1 
ATOM   983  N N   A GLN B 1 45 ? -6.848  3.350   9.167   0.50 7.32  ? 45   GLN B N   1 
ATOM   984  N N   B GLN B 1 45 ? -6.833  3.336   9.179   0.50 7.61  ? 45   GLN B N   1 
ATOM   985  C CA  A GLN B 1 45 ? -6.756  2.764   10.502  0.50 7.99  ? 45   GLN B CA  1 
ATOM   986  C CA  B GLN B 1 45 ? -6.697  2.753   10.508  0.50 8.68  ? 45   GLN B CA  1 
ATOM   987  C C   A GLN B 1 45 ? -7.913  1.797   10.697  0.50 7.89  ? 45   GLN B C   1 
ATOM   988  C C   B GLN B 1 45 ? -7.869  1.842   10.839  0.50 8.28  ? 45   GLN B C   1 
ATOM   989  O O   A GLN B 1 45 ? -9.093  2.067   10.420  0.50 8.40  ? 45   GLN B O   1 
ATOM   990  O O   B GLN B 1 45 ? -9.015  2.291   10.901  0.50 9.57  ? 45   GLN B O   1 
ATOM   991  C CB  A GLN B 1 45 ? -6.710  3.885   11.550  0.50 10.15 ? 45   GLN B CB  1 
ATOM   992  C CB  B GLN B 1 45 ? -6.609  3.887   11.538  0.50 11.42 ? 45   GLN B CB  1 
ATOM   993  C CG  A GLN B 1 45 ? -5.416  4.675   11.434  0.50 11.65 ? 45   GLN B CG  1 
ATOM   994  C CG  B GLN B 1 45 ? -5.332  4.702   11.391  0.50 13.66 ? 45   GLN B CG  1 
ATOM   995  C CD  A GLN B 1 45 ? -5.057  5.570   12.597  0.50 12.86 ? 45   GLN B CD  1 
ATOM   996  C CD  B GLN B 1 45 ? -5.239  5.797   12.439  0.50 15.61 ? 45   GLN B CD  1 
ATOM   997  O OE1 A GLN B 1 45 ? -4.263  6.500   12.392  0.50 14.89 ? 45   GLN B OE1 1 
ATOM   998  O OE1 B GLN B 1 45 ? -6.037  6.737   12.431  0.50 16.98 ? 45   GLN B OE1 1 
ATOM   999  N NE2 A GLN B 1 45 ? -5.614  5.315   13.765  0.50 12.09 ? 45   GLN B NE2 1 
ATOM   1000 N NE2 B GLN B 1 45 ? -4.254  5.677   13.314  0.50 15.87 ? 45   GLN B NE2 1 
ATOM   1001 N N   . ILE B 1 46 ? -7.592  0.586   11.122  1.00 7.60  ? 46   ILE B N   1 
ATOM   1002 C CA  . ILE B 1 46 ? -8.555  -0.488  11.295  1.00 8.18  ? 46   ILE B CA  1 
ATOM   1003 C C   . ILE B 1 46 ? -8.574  -0.889  12.760  1.00 8.90  ? 46   ILE B C   1 
ATOM   1004 O O   . ILE B 1 46 ? -7.495  -1.137  13.311  1.00 9.47  ? 46   ILE B O   1 
ATOM   1005 C CB  . ILE B 1 46 ? -8.142  -1.718  10.445  1.00 8.06  ? 46   ILE B CB  1 
ATOM   1006 C CG1 . ILE B 1 46 ? -7.932  -1.360  8.975   1.00 9.06  ? 46   ILE B CG1 1 
ATOM   1007 C CG2 . ILE B 1 46 ? -9.141  -2.852  10.623  1.00 8.41  ? 46   ILE B CG2 1 
ATOM   1008 C CD1 . ILE B 1 46 ? -9.138  -0.867  8.213   1.00 9.68  ? 46   ILE B CD1 1 
ATOM   1009 N N   . GLN B 1 47 ? -9.717  -0.990  13.410  1.00 10.11 ? 47   GLN B N   1 
ATOM   1010 C CA  . GLN B 1 47 ? -9.718  -1.445  14.818  1.00 10.82 ? 47   GLN B CA  1 
ATOM   1011 C C   . GLN B 1 47 ? -9.300  -2.898  14.868  1.00 11.50 ? 47   GLN B C   1 
ATOM   1012 O O   . GLN B 1 47 ? -9.600  -3.687  13.969  1.00 9.93  ? 47   GLN B O   1 
ATOM   1013 C CB  . GLN B 1 47 ? -11.149 -1.293  15.362  1.00 11.94 ? 47   GLN B CB  1 
ATOM   1014 C CG  . GLN B 1 47 ? -11.705 0.123   15.336  1.00 13.56 ? 47   GLN B CG  1 
ATOM   1015 C CD  . GLN B 1 47 ? -10.881 1.075   16.165  1.00 15.73 ? 47   GLN B CD  1 
ATOM   1016 O OE1 . GLN B 1 47 ? -10.513 0.759   17.300  1.00 17.84 ? 47   GLN B OE1 1 
ATOM   1017 N NE2 . GLN B 1 47 ? -10.548 2.247   15.641  1.00 16.90 ? 47   GLN B NE2 1 
ATOM   1018 N N   . PRO B 1 48 ? -8.656  -3.336  15.946  1.00 13.14 ? 48   PRO B N   1 
ATOM   1019 C CA  . PRO B 1 48 ? -8.190  -4.695  16.082  1.00 13.62 ? 48   PRO B CA  1 
ATOM   1020 C C   . PRO B 1 48 ? -9.271  -5.723  15.909  1.00 14.09 ? 48   PRO B C   1 
ATOM   1021 O O   . PRO B 1 48 ? -9.057  -6.731  15.228  1.00 12.90 ? 48   PRO B O   1 
ATOM   1022 C CB  . PRO B 1 48 ? -7.519  -4.746  17.443  1.00 14.99 ? 48   PRO B CB  1 
ATOM   1023 C CG  . PRO B 1 48 ? -7.138  -3.336  17.714  1.00 15.56 ? 48   PRO B CG  1 
ATOM   1024 C CD  . PRO B 1 48 ? -8.193  -2.478  17.065  1.00 14.45 ? 48   PRO B CD  1 
ATOM   1025 N N   . GLU B 1 49 ? -10.488 -5.477  16.408  1.00 15.60 ? 49   GLU B N   1 
ATOM   1026 C CA  . GLU B 1 49 ? -11.601 -6.396  16.255  1.00 17.38 ? 49   GLU B CA  1 
ATOM   1027 C C   . GLU B 1 49 ? -12.083 -6.570  14.822  1.00 15.85 ? 49   GLU B C   1 
ATOM   1028 O O   . GLU B 1 49 ? -12.858 -7.474  14.510  1.00 17.18 ? 49   GLU B O   1 
ATOM   1029 C CB  . GLU B 1 49 ? -12.822 -5.968  17.087  1.00 20.00 ? 49   GLU B CB  1 
ATOM   1030 C CG  . GLU B 1 49 ? -12.540 -5.162  18.327  1.00 23.54 ? 49   GLU B CG  1 
ATOM   1031 C CD  . GLU B 1 49 ? -12.247 -3.696  18.045  1.00 24.28 ? 49   GLU B CD  1 
ATOM   1032 O OE1 . GLU B 1 49 ? -13.174 -2.966  17.617  1.00 26.04 ? 49   GLU B OE1 1 
ATOM   1033 O OE2 . GLU B 1 49 ? -11.094 -3.315  18.287  1.00 23.74 ? 49   GLU B OE2 1 
ATOM   1034 N N   . SER B 1 50 ? -11.664 -5.671  13.921  1.00 13.45 ? 50   SER B N   1 
ATOM   1035 C CA  . SER B 1 50 ? -12.051 -5.705  12.530  1.00 12.52 ? 50   SER B CA  1 
ATOM   1036 C C   . SER B 1 50 ? -10.898 -6.212  11.656  1.00 10.97 ? 50   SER B C   1 
ATOM   1037 O O   . SER B 1 50 ? -11.073 -6.264  10.432  1.00 11.97 ? 50   SER B O   1 
ATOM   1038 C CB  . SER B 1 50 ? -12.458 -4.298  12.075  1.00 14.19 ? 50   SER B CB  1 
ATOM   1039 O OG  . SER B 1 50 ? -13.588 -3.894  12.843  1.00 17.80 ? 50   SER B OG  1 
ATOM   1040 N N   . TRP B 1 51 ? -9.803  -6.665  12.261  1.00 8.32  ? 51   TRP B N   1 
ATOM   1041 C CA  . TRP B 1 51 ? -8.684  -7.158  11.447  1.00 7.12  ? 51   TRP B CA  1 
ATOM   1042 C C   . TRP B 1 51 ? -8.965  -8.494  10.817  1.00 7.51  ? 51   TRP B C   1 
ATOM   1043 O O   . TRP B 1 51 ? -8.528  -8.752  9.689   1.00 8.81  ? 51   TRP B O   1 
ATOM   1044 C CB  . TRP B 1 51 ? -7.389  -7.224  12.277  1.00 6.96  ? 51   TRP B CB  1 
ATOM   1045 C CG  . TRP B 1 51 ? -6.180  -7.357  11.398  1.00 5.88  ? 51   TRP B CG  1 
ATOM   1046 C CD1 . TRP B 1 51 ? -5.390  -8.446  11.187  1.00 6.59  ? 51   TRP B CD1 1 
ATOM   1047 C CD2 . TRP B 1 51 ? -5.631  -6.303  10.579  1.00 5.63  ? 51   TRP B CD2 1 
ATOM   1048 N NE1 . TRP B 1 51 ? -4.411  -8.161  10.272  1.00 5.84  ? 51   TRP B NE1 1 
ATOM   1049 C CE2 . TRP B 1 51 ? -4.527  -6.849  9.894   1.00 5.08  ? 51   TRP B CE2 1 
ATOM   1050 C CE3 . TRP B 1 51 ? -5.986  -4.974  10.358  1.00 6.24  ? 51   TRP B CE3 1 
ATOM   1051 C CZ2 . TRP B 1 51 ? -3.757  -6.114  9.003   1.00 5.84  ? 51   TRP B CZ2 1 
ATOM   1052 C CZ3 . TRP B 1 51 ? -5.214  -4.237  9.474   1.00 6.56  ? 51   TRP B CZ3 1 
ATOM   1053 C CH2 . TRP B 1 51 ? -4.120  -4.808  8.810   1.00 6.60  ? 51   TRP B CH2 1 
ATOM   1054 N N   . GLN B 1 52 ? -9.745  -9.380  11.448  1.00 8.46  ? 52   GLN B N   1 
ATOM   1055 C CA  . GLN B 1 52 ? -10.104 -10.657 10.854  1.00 9.64  ? 52   GLN B CA  1 
ATOM   1056 C C   . GLN B 1 52 ? -10.750 -10.452 9.492   1.00 9.45  ? 52   GLN B C   1 
ATOM   1057 O O   . GLN B 1 52 ? -10.454 -11.228 8.575   1.00 9.78  ? 52   GLN B O   1 
ATOM   1058 C CB  . GLN B 1 52 ? -11.072 -11.434 11.781  1.00 10.99 ? 52   GLN B CB  1 
ATOM   1059 C CG  . GLN B 1 52 ? -11.447 -12.819 11.258  1.00 12.50 ? 52   GLN B CG  1 
ATOM   1060 C CD  . GLN B 1 52 ? -10.334 -13.815 11.455  1.00 13.85 ? 52   GLN B CD  1 
ATOM   1061 O OE1 . GLN B 1 52 ? -9.821  -13.998 12.559  1.00 15.31 ? 52   GLN B OE1 1 
ATOM   1062 N NE2 . GLN B 1 52 ? -9.915  -14.481 10.373  1.00 15.33 ? 52   GLN B NE2 1 
ATOM   1063 N N   . ALA B 1 53 ? -11.576 -9.435  9.283   1.00 10.59 ? 53   ALA B N   1 
ATOM   1064 C CA  . ALA B 1 53 ? -12.207 -9.147  8.014   1.00 10.87 ? 53   ALA B CA  1 
ATOM   1065 C C   . ALA B 1 53 ? -11.149 -8.785  6.972   1.00 9.71  ? 53   ALA B C   1 
ATOM   1066 O O   . ALA B 1 53 ? -11.347 -9.148  5.803   1.00 11.57 ? 53   ALA B O   1 
ATOM   1067 C CB  . ALA B 1 53 ? -13.253 -8.038  8.109   1.00 11.67 ? 53   ALA B CB  1 
ATOM   1068 N N   . ILE B 1 54 ? -10.102 -8.075  7.347   1.00 9.55  ? 54   ILE B N   1 
ATOM   1069 C CA  . ILE B 1 54 ? -9.019  -7.753  6.420   1.00 8.52  ? 54   ILE B CA  1 
ATOM   1070 C C   . ILE B 1 54 ? -8.257  -9.022  6.053   1.00 7.68  ? 54   ILE B C   1 
ATOM   1071 O O   . ILE B 1 54 ? -7.959  -9.305  4.894   1.00 7.98  ? 54   ILE B O   1 
ATOM   1072 C CB  . ILE B 1 54 ? -8.047  -6.724  7.011   1.00 8.48  ? 54   ILE B CB  1 
ATOM   1073 C CG1 . ILE B 1 54 ? -8.740  -5.401  7.355   1.00 9.94  ? 54   ILE B CG1 1 
ATOM   1074 C CG2 . ILE B 1 54 ? -6.877  -6.450  6.062   1.00 7.86  ? 54   ILE B CG2 1 
ATOM   1075 C CD1 . ILE B 1 54 ? -9.525  -4.775  6.225   1.00 10.19 ? 54   ILE B CD1 1 
ATOM   1076 N N   . TRP B 1 55 ? -7.948  -9.854  7.045   1.00 7.08  ? 55   TRP B N   1 
ATOM   1077 C CA  . TRP B 1 55 ? -7.295  -11.136 6.824   1.00 6.64  ? 55   TRP B CA  1 
ATOM   1078 C C   . TRP B 1 55 ? -8.095  -11.993 5.859   1.00 6.54  ? 55   TRP B C   1 
ATOM   1079 O O   . TRP B 1 55 ? -7.592  -12.533 4.871   1.00 6.14  ? 55   TRP B O   1 
ATOM   1080 C CB  . TRP B 1 55 ? -7.127  -11.881 8.161   1.00 6.97  ? 55   TRP B CB  1 
ATOM   1081 C CG  . TRP B 1 55 ? -6.538  -13.256 8.014   1.00 7.13  ? 55   TRP B CG  1 
ATOM   1082 C CD1 . TRP B 1 55 ? -7.241  -14.418 7.798   1.00 7.88  ? 55   TRP B CD1 1 
ATOM   1083 C CD2 . TRP B 1 55 ? -5.154  -13.624 8.061   1.00 6.88  ? 55   TRP B CD2 1 
ATOM   1084 N NE1 . TRP B 1 55 ? -6.378  -15.475 7.704   1.00 7.49  ? 55   TRP B NE1 1 
ATOM   1085 C CE2 . TRP B 1 55 ? -5.090  -15.020 7.851   1.00 7.37  ? 55   TRP B CE2 1 
ATOM   1086 C CE3 . TRP B 1 55 ? -3.978  -12.886 8.281   1.00 7.10  ? 55   TRP B CE3 1 
ATOM   1087 C CZ2 . TRP B 1 55 ? -3.877  -15.706 7.858   1.00 7.26  ? 55   TRP B CZ2 1 
ATOM   1088 C CZ3 . TRP B 1 55 ? -2.780  -13.599 8.291   1.00 6.49  ? 55   TRP B CZ3 1 
ATOM   1089 C CH2 . TRP B 1 55 ? -2.737  -14.979 8.056   1.00 7.25  ? 55   TRP B CH2 1 
ATOM   1090 N N   . ASP B 1 56 ? -9.406  -12.089 6.119   1.00 7.44  ? 56   ASP B N   1 
ATOM   1091 C CA  . ASP B 1 56 ? -10.254 -12.936 5.280   1.00 9.60  ? 56   ASP B CA  1 
ATOM   1092 C C   . ASP B 1 56 ? -10.408 -12.426 3.856   1.00 9.16  ? 56   ASP B C   1 
ATOM   1093 O O   . ASP B 1 56 ? -10.525 -13.238 2.938   1.00 10.44 ? 56   ASP B O   1 
ATOM   1094 C CB  . ASP B 1 56 ? -11.646 -13.058 5.909   1.00 10.76 ? 56   ASP B CB  1 
ATOM   1095 C CG  . ASP B 1 56 ? -11.684 -13.805 7.210   1.00 12.43 ? 56   ASP B CG  1 
ATOM   1096 O OD1 . ASP B 1 56 ? -10.716 -14.488 7.594   1.00 12.40 ? 56   ASP B OD1 1 
ATOM   1097 O OD2 . ASP B 1 56 ? -12.739 -13.728 7.900   1.00 14.95 ? 56   ASP B OD2 1 
ATOM   1098 N N   . ALA B 1 57 ? -10.459 -11.119 3.646   1.00 9.39  ? 57   ALA B N   1 
ATOM   1099 C CA  . ALA B 1 57 ? -10.649 -10.593 2.304   1.00 11.15 ? 57   ALA B CA  1 
ATOM   1100 C C   . ALA B 1 57 ? -9.383  -10.346 1.493   1.00 11.25 ? 57   ALA B C   1 
ATOM   1101 O O   . ALA B 1 57 ? -9.427  -10.502 0.261   1.00 13.90 ? 57   ALA B O   1 
ATOM   1102 C CB  . ALA B 1 57 ? -11.431 -9.280  2.367   1.00 12.04 ? 57   ALA B CB  1 
ATOM   1103 N N   . GLU B 1 58 ? -8.318  -9.909  2.135   1.00 9.44  ? 58   GLU B N   1 
ATOM   1104 C CA  . GLU B 1 58 ? -7.130  -9.443  1.444   1.00 10.16 ? 58   GLU B CA  1 
ATOM   1105 C C   . GLU B 1 58 ? -5.889  -10.307 1.636   1.00 9.32  ? 58   GLU B C   1 
ATOM   1106 O O   . GLU B 1 58 ? -4.963  -10.174 0.831   1.00 10.59 ? 58   GLU B O   1 
ATOM   1107 C CB  . GLU B 1 58 ? -6.792  -8.044  1.991   1.00 11.39 ? 58   GLU B CB  1 
ATOM   1108 C CG  . GLU B 1 58 ? -7.830  -6.960  1.863   1.00 13.83 ? 58   GLU B CG  1 
ATOM   1109 C CD  . GLU B 1 58 ? -8.174  -6.607  0.438   1.00 16.17 ? 58   GLU B CD  1 
ATOM   1110 O OE1 . GLU B 1 58 ? -7.339  -6.816  -0.467  1.00 15.95 ? 58   GLU B OE1 1 
ATOM   1111 O OE2 . GLU B 1 58 ? -9.313  -6.131  0.220   1.00 17.84 ? 58   GLU B OE2 1 
ATOM   1112 N N   . ILE B 1 59 ? -5.803  -11.043 2.733   1.00 6.73  ? 59   ILE B N   1 
ATOM   1113 C CA  . ILE B 1 59 ? -4.546  -11.762 2.998   1.00 6.03  ? 59   ILE B CA  1 
ATOM   1114 C C   . ILE B 1 59 ? -4.657  -13.235 2.700   1.00 6.28  ? 59   ILE B C   1 
ATOM   1115 O O   . ILE B 1 59 ? -3.989  -13.753 1.805   1.00 8.30  ? 59   ILE B O   1 
ATOM   1116 C CB  . ILE B 1 59 ? -4.087  -11.484 4.438   1.00 5.58  ? 59   ILE B CB  1 
ATOM   1117 C CG1 . ILE B 1 59 ? -3.958  -9.980  4.688   1.00 6.40  ? 59   ILE B CG1 1 
ATOM   1118 C CG2 . ILE B 1 59 ? -2.772  -12.214 4.712   1.00 6.72  ? 59   ILE B CG2 1 
ATOM   1119 C CD1 . ILE B 1 59 ? -3.611  -9.614  6.129   1.00 6.74  ? 59   ILE B CD1 1 
ATOM   1120 N N   . ALA B 1 60 ? -5.560  -13.945 3.400   1.00 7.21  ? 60   ALA B N   1 
ATOM   1121 C CA  . ALA B 1 60 ? -5.729  -15.373 3.204   1.00 9.31  ? 60   ALA B CA  1 
ATOM   1122 C C   . ALA B 1 60 ? -5.996  -15.835 1.786   1.00 10.38 ? 60   ALA B C   1 
ATOM   1123 O O   . ALA B 1 60 ? -5.295  -16.760 1.354   1.00 11.04 ? 60   ALA B O   1 
ATOM   1124 C CB  . ALA B 1 60 ? -6.748  -15.940 4.180   1.00 10.08 ? 60   ALA B CB  1 
ATOM   1125 N N   . PRO B 1 61 ? -6.900  -15.248 1.028   1.00 10.98 ? 61   PRO B N   1 
ATOM   1126 C CA  . PRO B 1 61 ? -7.162  -15.717 -0.325  1.00 11.69 ? 61   PRO B CA  1 
ATOM   1127 C C   . PRO B 1 61 ? -6.054  -15.411 -1.315  1.00 12.03 ? 61   PRO B C   1 
ATOM   1128 O O   . PRO B 1 61 ? -6.017  -16.080 -2.342  1.00 14.63 ? 61   PRO B O   1 
ATOM   1129 C CB  . PRO B 1 61 ? -8.430  -15.001 -0.756  1.00 12.64 ? 61   PRO B CB  1 
ATOM   1130 C CG  . PRO B 1 61 ? -8.798  -14.039 0.301   1.00 12.56 ? 61   PRO B CG  1 
ATOM   1131 C CD  . PRO B 1 61 ? -7.811  -14.159 1.427   1.00 11.43 ? 61   PRO B CD  1 
ATOM   1132 N N   . GLN B 1 62 ? -5.195  -14.449 -1.040  1.00 11.09 ? 62   GLN B N   1 
ATOM   1133 C CA  . GLN B 1 62 ? -4.103  -14.054 -1.915  1.00 10.57 ? 62   GLN B CA  1 
ATOM   1134 C C   . GLN B 1 62 ? -2.767  -14.558 -1.359  1.00 8.01  ? 62   GLN B C   1 
ATOM   1135 O O   . GLN B 1 62 ? -1.752  -14.111 -1.856  1.00 7.65  ? 62   GLN B O   1 
ATOM   1136 C CB  . GLN B 1 62 ? -3.976  -12.519 -1.926  1.00 13.50 ? 62   GLN B CB  1 
ATOM   1137 C CG  . GLN B 1 62 ? -4.919  -11.546 -2.539  1.00 15.99 ? 62   GLN B CG  1 
ATOM   1138 C CD  . GLN B 1 62 ? -4.441  -10.114 -2.606  1.00 16.78 ? 62   GLN B CD  1 
ATOM   1139 O OE1 . GLN B 1 62 ? -4.549  -9.289  -1.698  1.00 14.97 ? 62   GLN B OE1 1 
ATOM   1140 N NE2 . GLN B 1 62 ? -3.896  -9.708  -3.759  1.00 18.36 ? 62   GLN B NE2 1 
ATOM   1141 N N   . MET B 1 63 ? -2.745  -15.477 -0.397  1.00 7.83  ? 63   MET B N   1 
ATOM   1142 C CA  . MET B 1 63 ? -1.542  -15.799 0.343   1.00 7.41  ? 63   MET B CA  1 
ATOM   1143 C C   . MET B 1 63 ? -0.352  -16.078 -0.535  1.00 7.32  ? 63   MET B C   1 
ATOM   1144 O O   . MET B 1 63 ? 0.728   -15.522 -0.365  1.00 7.24  ? 63   MET B O   1 
ATOM   1145 C CB  . MET B 1 63 ? -1.771  -16.947 1.346   1.00 6.78  ? 63   MET B CB  1 
ATOM   1146 C CG  . MET B 1 63 ? -0.603  -17.162 2.306   1.00 7.86  ? 63   MET B CG  1 
ATOM   1147 S SD  . MET B 1 63 ? -0.356  -15.831 3.504   1.00 6.89  ? 63   MET B SD  1 
ATOM   1148 C CE  . MET B 1 63 ? -1.667  -16.176 4.668   1.00 9.67  ? 63   MET B CE  1 
ATOM   1149 N N   . GLU B 1 64 ? -0.484  -17.024 -1.478  1.00 8.30  ? 64   GLU B N   1 
ATOM   1150 C CA  . GLU B 1 64 ? 0.602   -17.370 -2.361  1.00 10.31 ? 64   GLU B CA  1 
ATOM   1151 C C   . GLU B 1 64 ? 1.100   -16.242 -3.250  1.00 8.70  ? 64   GLU B C   1 
ATOM   1152 O O   . GLU B 1 64 ? 2.289   -16.211 -3.548  1.00 9.52  ? 64   GLU B O   1 
ATOM   1153 C CB  . GLU B 1 64 ? 0.135   -18.440 -3.395  1.00 12.98 ? 64   GLU B CB  1 
ATOM   1154 C CG  . GLU B 1 64 ? 0.249   -19.795 -2.801  1.00 16.25 ? 64   GLU B CG  1 
ATOM   1155 C CD  . GLU B 1 64 ? 0.185   -20.951 -3.781  1.00 17.04 ? 64   GLU B CD  1 
ATOM   1156 O OE1 . GLU B 1 64 ? 0.293   -20.909 -5.018  1.00 19.69 ? 64   GLU B OE1 1 
ATOM   1157 O OE2 . GLU B 1 64 ? 0.002   -21.993 -3.180  1.00 17.75 ? 64   GLU B OE2 1 
ATOM   1158 N N   . ALA B 1 65 ? 0.189   -15.371 -3.654  1.00 8.07  ? 65   ALA B N   1 
ATOM   1159 C CA  . ALA B 1 65 ? 0.491   -14.257 -4.510  1.00 8.21  ? 65   ALA B CA  1 
ATOM   1160 C C   . ALA B 1 65 ? 1.126   -13.081 -3.777  1.00 6.41  ? 65   ALA B C   1 
ATOM   1161 O O   . ALA B 1 65 ? 1.744   -12.253 -4.433  1.00 7.15  ? 65   ALA B O   1 
ATOM   1162 C CB  . ALA B 1 65 ? -0.749  -13.739 -5.232  1.00 9.75  ? 65   ALA B CB  1 
ATOM   1163 N N   . LEU B 1 66 ? 0.968   -12.997 -2.452  1.00 5.54  ? 66   LEU B N   1 
ATOM   1164 C CA  . LEU B 1 66 ? 1.571   -11.869 -1.743  1.00 3.98  ? 66   LEU B CA  1 
ATOM   1165 C C   . LEU B 1 66 ? 3.063   -11.753 -2.030  1.00 3.93  ? 66   LEU B C   1 
ATOM   1166 O O   . LEU B 1 66 ? 3.745   -12.788 -2.051  1.00 5.45  ? 66   LEU B O   1 
ATOM   1167 C CB  . LEU B 1 66 ? 1.357   -11.974 -0.229  1.00 4.14  ? 66   LEU B CB  1 
ATOM   1168 C CG  . LEU B 1 66 ? -0.116  -11.937 0.210   1.00 4.10  ? 66   LEU B CG  1 
ATOM   1169 C CD1 . LEU B 1 66 ? -0.206  -12.200 1.725   1.00 4.86  ? 66   LEU B CD1 1 
ATOM   1170 C CD2 . LEU B 1 66 ? -0.796  -10.620 -0.184  1.00 4.82  ? 66   LEU B CD2 1 
ATOM   1171 N N   . ILE B 1 67 ? 3.578   -10.517 -2.153  1.00 3.65  ? 67   ILE B N   1 
ATOM   1172 C CA  . ILE B 1 67 ? 5.018   -10.352 -2.315  1.00 4.27  ? 67   ILE B CA  1 
ATOM   1173 C C   . ILE B 1 67 ? 5.707   -10.353 -0.956  1.00 3.58  ? 67   ILE B C   1 
ATOM   1174 O O   . ILE B 1 67 ? 6.910   -10.569 -0.854  1.00 5.17  ? 67   ILE B O   1 
ATOM   1175 C CB  . ILE B 1 67 ? 5.405   -9.156  -3.180  1.00 4.50  ? 67   ILE B CB  1 
ATOM   1176 C CG1 . ILE B 1 67 ? 5.028   -7.813  -2.550  1.00 5.42  ? 67   ILE B CG1 1 
ATOM   1177 C CG2 . ILE B 1 67 ? 4.798   -9.328  -4.578  1.00 4.62  ? 67   ILE B CG2 1 
ATOM   1178 C CD1 . ILE B 1 67 ? 5.680   -6.639  -3.274  1.00 5.13  ? 67   ILE B CD1 1 
ATOM   1179 N N   . LYS B 1 68 ? 4.966   -10.181 0.143   1.00 3.56  ? 68   LYS B N   1 
ATOM   1180 C CA  . LYS B 1 68 ? 5.443   -10.412 1.488   1.00 3.73  ? 68   LYS B CA  1 
ATOM   1181 C C   . LYS B 1 68 ? 4.302   -11.053 2.274   1.00 3.43  ? 68   LYS B C   1 
ATOM   1182 O O   . LYS B 1 68 ? 3.221   -10.490 2.418   1.00 3.39  ? 68   LYS B O   1 
ATOM   1183 C CB  . LYS B 1 68 ? 5.964   -9.185  2.213   1.00 4.98  ? 68   LYS B CB  1 
ATOM   1184 C CG  . LYS B 1 68 ? 6.586   -9.516  3.575   1.00 6.13  ? 68   LYS B CG  1 
ATOM   1185 C CD  . LYS B 1 68 ? 7.071   -8.242  4.252   1.00 7.07  ? 68   LYS B CD  1 
ATOM   1186 C CE  . LYS B 1 68 ? 7.750   -8.511  5.582   1.00 7.80  ? 68   LYS B CE  1 
ATOM   1187 N NZ  . LYS B 1 68 ? 9.019   -9.266  5.518   1.00 9.62  ? 68   LYS B NZ  1 
ATOM   1188 N N   . LYS B 1 69 ? 4.570   -12.244 2.780   1.00 4.29  ? 69   LYS B N   1 
ATOM   1189 C CA  . LYS B 1 69 ? 3.576   -12.989 3.548   1.00 5.19  ? 69   LYS B CA  1 
ATOM   1190 C C   . LYS B 1 69 ? 3.699   -12.625 5.018   1.00 5.02  ? 69   LYS B C   1 
ATOM   1191 O O   . LYS B 1 69 ? 4.803   -12.384 5.455   1.00 4.51  ? 69   LYS B O   1 
ATOM   1192 C CB  . LYS B 1 69 ? 3.791   -14.500 3.410   1.00 6.48  ? 69   LYS B CB  1 
ATOM   1193 C CG  . LYS B 1 69 ? 3.291   -15.108 2.117   1.00 8.24  ? 69   LYS B CG  1 
ATOM   1194 C CD  . LYS B 1 69 ? 4.249   -14.856 0.992   1.00 10.40 ? 69   LYS B CD  1 
ATOM   1195 C CE  . LYS B 1 69 ? 3.960   -15.786 -0.174  1.00 10.73 ? 69   LYS B CE  1 
ATOM   1196 N NZ  . LYS B 1 69 ? 4.512   -15.371 -1.463  1.00 13.97 ? 69   LYS B NZ  1 
ATOM   1197 N N   . PRO B 1 70 ? 2.590   -12.636 5.742   1.00 4.75  ? 70   PRO B N   1 
ATOM   1198 C CA  . PRO B 1 70 ? 2.629   -12.383 7.170   1.00 4.43  ? 70   PRO B CA  1 
ATOM   1199 C C   . PRO B 1 70 ? 3.367   -13.463 7.948   1.00 3.56  ? 70   PRO B C   1 
ATOM   1200 O O   . PRO B 1 70 ? 3.238   -14.649 7.687   1.00 3.77  ? 70   PRO B O   1 
ATOM   1201 C CB  . PRO B 1 70 ? 1.148   -12.342 7.573   1.00 4.30  ? 70   PRO B CB  1 
ATOM   1202 C CG  . PRO B 1 70 ? 0.503   -13.235 6.569   1.00 4.83  ? 70   PRO B CG  1 
ATOM   1203 C CD  . PRO B 1 70 ? 1.236   -12.988 5.258   1.00 4.37  ? 70   PRO B CD  1 
ATOM   1204 N N   . GLY B 1 71 ? 4.064   -12.989 8.980   1.00 3.74  ? 71   GLY B N   1 
ATOM   1205 C CA  . GLY B 1 71 ? 4.726   -13.902 9.916   1.00 3.35  ? 71   GLY B CA  1 
ATOM   1206 C C   . GLY B 1 71 ? 3.734   -14.450 10.936  1.00 3.11  ? 71   GLY B C   1 
ATOM   1207 O O   . GLY B 1 71 ? 4.004   -15.512 11.508  1.00 3.02  ? 71   GLY B O   1 
ATOM   1208 N N   . TYR B 1 72 ? 2.613   -13.816 11.142  1.00 3.79  ? 72   TYR B N   1 
ATOM   1209 C CA  . TYR B 1 72 ? 1.551   -14.265 12.034  1.00 4.41  ? 72   TYR B CA  1 
ATOM   1210 C C   . TYR B 1 72 ? 0.518   -14.982 11.171  1.00 4.55  ? 72   TYR B C   1 
ATOM   1211 O O   . TYR B 1 72 ? 0.491   -14.889 9.929   1.00 5.18  ? 72   TYR B O   1 
ATOM   1212 C CB  . TYR B 1 72 ? 0.938   -13.055 12.757  1.00 5.21  ? 72   TYR B CB  1 
ATOM   1213 C CG  . TYR B 1 72 ? 0.141   -12.101 11.877  1.00 4.62  ? 72   TYR B CG  1 
ATOM   1214 C CD1 . TYR B 1 72 ? 0.785   -11.132 11.121  1.00 5.01  ? 72   TYR B CD1 1 
ATOM   1215 C CD2 . TYR B 1 72 ? -1.220  -12.226 11.748  1.00 5.02  ? 72   TYR B CD2 1 
ATOM   1216 C CE1 . TYR B 1 72 ? 0.072   -10.290 10.302  1.00 5.28  ? 72   TYR B CE1 1 
ATOM   1217 C CE2 . TYR B 1 72 ? -1.969  -11.397 10.924  1.00 3.97  ? 72   TYR B CE2 1 
ATOM   1218 C CZ  . TYR B 1 72 ? -1.308  -10.423 10.203  1.00 4.35  ? 72   TYR B CZ  1 
ATOM   1219 O OH  . TYR B 1 72 ? -2.025  -9.604  9.342   1.00 4.75  ? 72   TYR B OH  1 
ATOM   1220 N N   . SER B 1 73 ? -0.406  -15.688 11.825  1.00 3.99  ? 73   SER B N   1 
ATOM   1221 C CA  . SER B 1 73 ? -1.519  -16.341 11.166  1.00 4.91  ? 73   SER B CA  1 
ATOM   1222 C C   . SER B 1 73 ? -2.814  -16.179 11.962  1.00 5.45  ? 73   SER B C   1 
ATOM   1223 O O   . SER B 1 73 ? -2.794  -16.264 13.178  1.00 6.38  ? 73   SER B O   1 
ATOM   1224 C CB  . SER B 1 73 ? -1.269  -17.845 10.957  1.00 6.80  ? 73   SER B CB  1 
ATOM   1225 O OG  . SER B 1 73 ? -2.384  -18.459 10.321  1.00 9.57  ? 73   SER B OG  1 
ATOM   1226 N N   . MET B 1 74 ? -3.919  -16.019 11.241  1.00 4.91  ? 74   MET B N   1 
ATOM   1227 C CA  . MET B 1 74 ? -5.240  -16.012 11.879  1.00 5.88  ? 74   MET B CA  1 
ATOM   1228 C C   . MET B 1 74 ? -5.973  -17.306 11.594  1.00 9.39  ? 74   MET B C   1 
ATOM   1229 O O   . MET B 1 74 ? -7.189  -17.389 11.853  1.00 11.73 ? 74   MET B O   1 
ATOM   1230 C CB  . MET B 1 74 ? -6.049  -14.776 11.491  1.00 6.74  ? 74   MET B CB  1 
ATOM   1231 C CG  . MET B 1 74 ? -5.312  -13.520 11.894  1.00 7.57  ? 74   MET B CG  1 
ATOM   1232 S SD  . MET B 1 74 ? -6.285  -12.033 11.759  1.00 9.64  ? 74   MET B SD  1 
ATOM   1233 C CE  . MET B 1 74 ? -7.130  -12.062 13.341  1.00 10.74 ? 74   MET B CE  1 
ATOM   1234 N N   . ASN B 1 75 ? -5.265  -18.357 11.219  1.00 11.35 ? 75   ASN B N   1 
ATOM   1235 C CA  . ASN B 1 75 ? -5.896  -19.658 10.997  1.00 13.68 ? 75   ASN B CA  1 
ATOM   1236 C C   . ASN B 1 75 ? -5.005  -20.761 11.536  1.00 13.87 ? 75   ASN B C   1 
ATOM   1237 O O   . ASN B 1 75 ? -4.658  -21.729 10.870  1.00 14.65 ? 75   ASN B O   1 
ATOM   1238 C CB  . ASN B 1 75 ? -6.204  -19.842 9.515   1.00 16.52 ? 75   ASN B CB  1 
ATOM   1239 C CG  . ASN B 1 75 ? -7.011  -21.110 9.290   1.00 19.76 ? 75   ASN B CG  1 
ATOM   1240 O OD1 . ASN B 1 75 ? -7.795  -21.493 10.160  1.00 21.57 ? 75   ASN B OD1 1 
ATOM   1241 N ND2 . ASN B 1 75 ? -6.787  -21.747 8.151   1.00 22.43 ? 75   ASN B ND2 1 
ATOM   1242 N N   . ALA B 1 76 ? -4.634  -20.626 12.812  1.00 13.24 ? 76   ALA B N   1 
ATOM   1243 C CA  . ALA B 1 76 ? -3.794  -21.617 13.464  1.00 13.35 ? 76   ALA B CA  1 
ATOM   1244 C C   . ALA B 1 76 ? -4.689  -22.682 14.157  1.00 14.54 ? 76   ALA B C   1 
ATOM   1245 O O   . ALA B 1 76 ? -4.057  -23.762 14.333  1.00 16.27 ? 76   ALA B O   1 
ATOM   1246 C CB  . ALA B 1 76 ? -2.855  -20.975 14.464  1.00 13.20 ? 76   ALA B CB  1 
ATOM   1247 O OXT . ALA B 1 76 ? -5.847  -22.384 14.445  1.00 16.27 ? 76   ALA B OXT 1 
HETATM 1248 C C1  . FHC C 2 .  ? -1.207  -6.474  13.113  1.00 19.81 ? 500  FHC A C1  1 
HETATM 1249 C C7  . FHC C 2 .  ? -2.119  -5.591  12.389  1.00 19.10 ? 500  FHC A C7  1 
HETATM 1250 C C8  . FHC C 2 .  ? -1.992  -4.299  12.074  1.00 18.11 ? 500  FHC A C8  1 
HETATM 1251 C C9  . FHC C 2 .  ? -0.852  -3.448  12.400  1.00 17.25 ? 500  FHC A C9  1 
HETATM 1252 O O3  . FHC C 2 .  ? -0.966  -2.305  12.780  1.00 16.21 ? 500  FHC A O3  1 
HETATM 1253 O O2  . FHC C 2 .  ? 0.355   -4.028  12.289  1.00 17.08 ? 500  FHC A O2  1 
HETATM 1254 F F1  . FHC C 2 .  ? -2.999  -3.671  11.410  1.00 19.14 ? 500  FHC A F1  1 
HETATM 1255 C C6  . FHC C 2 .  ? -0.479  -6.029  14.226  1.00 20.06 ? 500  FHC A C6  1 
HETATM 1256 C C5  . FHC C 2 .  ? 0.371   -6.860  14.922  1.00 20.75 ? 500  FHC A C5  1 
HETATM 1257 C C4  . FHC C 2 .  ? 0.505   -8.187  14.518  1.00 20.90 ? 500  FHC A C4  1 
HETATM 1258 O O1  . FHC C 2 .  ? 1.364   -9.023  15.181  1.00 21.92 ? 500  FHC A O1  1 
HETATM 1259 C C3  . FHC C 2 .  ? -0.216  -8.630  13.428  1.00 20.80 ? 500  FHC A C3  1 
HETATM 1260 C C2  . FHC C 2 .  ? -1.075  -7.812  12.725  1.00 20.04 ? 500  FHC A C2  1 
HETATM 1261 C C1  . FHC D 2 .  ? -0.978  5.664   -13.271 1.00 15.90 ? 500  FHC B C1  1 
HETATM 1262 C C7  . FHC D 2 .  ? -1.333  4.377   -12.709 1.00 16.26 ? 500  FHC B C7  1 
HETATM 1263 C C8  . FHC D 2 .  ? -0.614  3.308   -12.389 1.00 16.88 ? 500  FHC B C8  1 
HETATM 1264 C C9  . FHC D 2 .  ? 0.836   3.246   -12.464 1.00 16.58 ? 500  FHC B C9  1 
HETATM 1265 O O3  . FHC D 2 .  ? 1.491   4.233   -12.180 1.00 17.82 ? 500  FHC B O3  1 
HETATM 1266 O O2  . FHC D 2 .  ? 1.478   2.155   -12.867 1.00 17.05 ? 500  FHC B O2  1 
HETATM 1267 F F1  . FHC D 2 .  ? -1.269  2.202   -11.969 1.00 17.46 ? 500  FHC B F1  1 
HETATM 1268 C C6  . FHC D 2 .  ? 0.087   5.787   -14.162 1.00 15.95 ? 500  FHC B C6  1 
HETATM 1269 C C5  . FHC D 2 .  ? 0.395   7.003   -14.734 1.00 17.35 ? 500  FHC B C5  1 
HETATM 1270 C C4  . FHC D 2 .  ? -0.377  8.116   -14.420 1.00 17.80 ? 500  FHC B C4  1 
HETATM 1271 O O1  . FHC D 2 .  ? -0.084  9.327   -14.964 1.00 19.68 ? 500  FHC B O1  1 
HETATM 1272 C C3  . FHC D 2 .  ? -1.460  7.994   -13.564 1.00 17.30 ? 500  FHC B C3  1 
HETATM 1273 C C2  . FHC D 2 .  ? -1.768  6.785   -12.994 1.00 16.07 ? 500  FHC B C2  1 
HETATM 1274 O O   . HOH E 3 .  ? -4.562  -6.565  -0.716  1.00 6.42  ? 2001 HOH A O   1 
HETATM 1275 O O   . HOH E 3 .  ? -3.872  -0.121  -3.623  1.00 5.69  ? 2002 HOH A O   1 
HETATM 1276 O O   . HOH E 3 .  ? 17.166  -7.774  -10.150 1.00 40.61 ? 2003 HOH A O   1 
HETATM 1277 O O   . HOH E 3 .  ? 17.930  -11.169 -9.020  1.00 30.28 ? 2004 HOH A O   1 
HETATM 1278 O O   . HOH E 3 .  ? 9.279   -13.228 -13.964 1.00 21.43 ? 2005 HOH A O   1 
HETATM 1279 O O   . HOH E 3 .  ? 10.402  -16.531 -4.590  1.00 38.45 ? 2006 HOH A O   1 
HETATM 1280 O O   . HOH E 3 .  ? -6.486  -0.177  -3.112  1.00 12.46 ? 2007 HOH A O   1 
HETATM 1281 O O   . HOH E 3 .  ? -8.206  -4.492  -3.874  1.00 28.83 ? 2008 HOH A O   1 
HETATM 1282 O O   . HOH E 3 .  ? -6.774  -3.434  -1.355  1.00 18.77 ? 2009 HOH A O   1 
HETATM 1283 O O   . HOH E 3 .  ? 15.411  -12.356 -3.808  1.00 26.09 ? 2010 HOH A O   1 
HETATM 1284 O O   . HOH E 3 .  ? 17.810  -8.286  -4.883  1.00 33.77 ? 2011 HOH A O   1 
HETATM 1285 O O   . HOH E 3 .  ? 11.082  -11.076 -15.787 1.00 29.66 ? 2012 HOH A O   1 
HETATM 1286 O O   . HOH E 3 .  ? 5.181   -13.714 -12.819 1.00 25.83 ? 2013 HOH A O   1 
HETATM 1287 O O   . HOH E 3 .  ? 13.816  -10.063 0.658   1.00 34.23 ? 2014 HOH A O   1 
HETATM 1288 O O   . HOH E 3 .  ? 16.524  -6.438  -0.819  1.00 23.97 ? 2015 HOH A O   1 
HETATM 1289 O O   . HOH E 3 .  ? 17.020  -3.088  -3.426  1.00 32.42 ? 2016 HOH A O   1 
HETATM 1290 O O   . HOH E 3 .  ? 2.079   -0.667  -18.387 1.00 27.46 ? 2017 HOH A O   1 
HETATM 1291 O O   . HOH E 3 .  ? 13.384  -4.037  7.483   1.00 23.43 ? 2018 HOH A O   1 
HETATM 1292 O O   . HOH E 3 .  ? 15.287  -2.559  4.701   1.00 38.00 ? 2019 HOH A O   1 
HETATM 1293 O O   . HOH E 3 .  ? 3.156   18.253  2.885   1.00 35.33 ? 2020 HOH A O   1 
HETATM 1294 O O   . HOH E 3 .  ? 10.106  -3.561  -14.415 1.00 35.50 ? 2021 HOH A O   1 
HETATM 1295 O O   . HOH E 3 .  ? 8.363   -3.755  -18.134 1.00 40.89 ? 2022 HOH A O   1 
HETATM 1296 O O   . HOH E 3 .  ? 5.278   -9.671  -12.695 1.00 31.64 ? 2023 HOH A O   1 
HETATM 1297 O O   . HOH E 3 .  ? 7.857   10.994  11.219  1.00 23.49 ? 2024 HOH A O   1 
HETATM 1298 O O   . HOH E 3 .  ? 15.993  -8.941  -12.270 1.00 30.83 ? 2025 HOH A O   1 
HETATM 1299 O O   . HOH E 3 .  ? 15.953  -12.521 -11.097 1.00 25.44 ? 2026 HOH A O   1 
HETATM 1300 O O   . HOH E 3 .  ? 14.655  -12.851 -14.348 1.00 28.31 ? 2027 HOH A O   1 
HETATM 1301 O O   . HOH E 3 .  ? 7.800   -7.121  20.683  1.00 34.36 ? 2028 HOH A O   1 
HETATM 1302 O O   . HOH E 3 .  ? 1.503   -4.656  17.512  1.00 34.90 ? 2029 HOH A O   1 
HETATM 1303 O O   . HOH E 3 .  ? 8.617   -14.537 -11.848 1.00 23.02 ? 2030 HOH A O   1 
HETATM 1304 O O   . HOH E 3 .  ? 6.477   -12.558 -5.171  1.00 27.65 ? 2031 HOH A O   1 
HETATM 1305 O O   . HOH E 3 .  ? 9.927   -12.999 -4.349  1.00 21.24 ? 2032 HOH A O   1 
HETATM 1306 O O   . HOH E 3 .  ? 15.526  -9.589  -3.972  1.00 17.29 ? 2033 HOH A O   1 
HETATM 1307 O O   . HOH E 3 .  ? 15.885  -4.455  -10.715 1.00 33.00 ? 2034 HOH A O   1 
HETATM 1308 O O   . HOH E 3 .  ? 12.225  -8.650  -14.913 1.00 28.05 ? 2035 HOH A O   1 
HETATM 1309 O O   . HOH E 3 .  ? 3.799   -14.417 -10.018 1.00 41.61 ? 2036 HOH A O   1 
HETATM 1310 O O   . HOH E 3 .  ? -15.069 1.485   -14.182 1.00 31.86 ? 2037 HOH A O   1 
HETATM 1311 O O   . HOH E 3 .  ? -8.441  -2.379  -24.880 1.00 36.63 ? 2038 HOH A O   1 
HETATM 1312 O O   . HOH E 3 .  ? 11.291  -9.321  0.852   1.00 15.61 ? 2039 HOH A O   1 
HETATM 1313 O O   . HOH E 3 .  ? 15.312  -8.694  -1.400  1.00 19.38 ? 2040 HOH A O   1 
HETATM 1314 O O   . HOH E 3 .  ? -11.283 -2.876  -9.415  1.00 22.78 ? 2041 HOH A O   1 
HETATM 1315 O O   . HOH E 3 .  ? -8.996  -4.825  -11.817 1.00 19.04 ? 2042 HOH A O   1 
HETATM 1316 O O   . HOH E 3 .  ? 15.501  -4.079  -1.403  1.00 22.28 ? 2043 HOH A O   1 
HETATM 1317 O O   . HOH E 3 .  ? -14.576 -1.324  -8.334  1.00 39.51 ? 2044 HOH A O   1 
HETATM 1318 O O   . HOH E 3 .  ? -16.875 2.496   -7.510  1.00 24.21 ? 2045 HOH A O   1 
HETATM 1319 O O   . HOH E 3 .  ? -18.055 7.488   -8.745  1.00 47.07 ? 2046 HOH A O   1 
HETATM 1320 O O   . HOH E 3 .  ? -18.426 4.745   -8.267  1.00 44.04 ? 2047 HOH A O   1 
HETATM 1321 O O   . HOH E 3 .  ? 13.729  -4.766  4.989   1.00 18.03 ? 2048 HOH A O   1 
HETATM 1322 O O   . HOH E 3 .  ? 13.465  1.054   2.556   1.00 17.40 ? 2049 HOH A O   1 
HETATM 1323 O O   . HOH E 3 .  ? 17.429  -0.802  0.069   1.00 14.45 ? 2050 HOH A O   1 
HETATM 1324 O O   . HOH E 3 .  ? 15.506  -3.098  2.121   1.00 24.82 ? 2051 HOH A O   1 
HETATM 1325 O O   . HOH E 3 .  ? -16.722 10.794  -2.697  1.00 17.31 ? 2052 HOH A O   1 
HETATM 1326 O O   . HOH E 3 .  ? -11.139 7.699   3.841   1.00 31.20 ? 2053 HOH A O   1 
HETATM 1327 O O   . HOH E 3 .  ? -14.102 12.711  8.085   1.00 41.62 ? 2054 HOH A O   1 
HETATM 1328 O O   . HOH E 3 .  ? 1.294   16.517  2.182   1.00 32.94 ? 2055 HOH A O   1 
HETATM 1329 O O   . HOH E 3 .  ? 1.737   15.429  -1.062  1.00 24.57 ? 2056 HOH A O   1 
HETATM 1330 O O   . HOH E 3 .  ? 14.788  -2.339  8.810   1.00 21.46 ? 2057 HOH A O   1 
HETATM 1331 O O   . HOH E 3 .  ? 16.666  1.575   7.147   1.00 15.62 ? 2058 HOH A O   1 
HETATM 1332 O O   . HOH E 3 .  ? -17.408 11.545  -7.099  1.00 21.19 ? 2059 HOH A O   1 
HETATM 1333 O O   . HOH E 3 .  ? -16.078 14.814  -17.892 1.00 13.31 ? 2060 HOH A O   1 
HETATM 1334 O O   . HOH E 3 .  ? -21.988 10.321  -13.290 1.00 28.77 ? 2061 HOH A O   1 
HETATM 1335 O O   . HOH E 3 .  ? 10.349  7.506   11.895  1.00 11.28 ? 2062 HOH A O   1 
HETATM 1336 O O   . HOH E 3 .  ? 8.146   4.607   14.351  1.00 13.15 ? 2063 HOH A O   1 
HETATM 1337 O O   . HOH E 3 .  ? 6.298   9.252   9.894   1.00 9.62  ? 2064 HOH A O   1 
HETATM 1338 O O   . HOH E 3 .  ? 5.776   8.054   12.391  1.00 17.37 ? 2065 HOH A O   1 
HETATM 1339 O O   . HOH E 3 .  ? 4.326   3.665   19.206  1.00 32.43 ? 2066 HOH A O   1 
HETATM 1340 O O   . HOH E 3 .  ? 9.717   5.516   16.284  1.00 11.29 ? 2067 HOH A O   1 
HETATM 1341 O O   . HOH E 3 .  ? 5.663   5.371   15.020  1.00 23.12 ? 2068 HOH A O   1 
HETATM 1342 O O   . HOH E 3 .  ? 3.416   -0.252  16.847  1.00 24.14 ? 2069 HOH A O   1 
HETATM 1343 O O   . HOH E 3 .  ? 8.984   -2.143  16.144  1.00 16.07 ? 2070 HOH A O   1 
HETATM 1344 O O   . HOH E 3 .  ? 12.027  -6.140  19.030  1.00 36.36 ? 2071 HOH A O   1 
HETATM 1345 O O   . HOH E 3 .  ? 8.332   -8.996  18.433  1.00 23.60 ? 2072 HOH A O   1 
HETATM 1346 O O   . HOH E 3 .  ? 9.135   -9.567  13.579  1.00 12.42 ? 2073 HOH A O   1 
HETATM 1347 O O   . HOH E 3 .  ? 3.941   -4.635  14.967  1.00 21.53 ? 2074 HOH A O   1 
HETATM 1348 O O   . HOH E 3 .  ? 7.858   -12.127 8.927   1.00 7.38  ? 2075 HOH A O   1 
HETATM 1349 O O   . HOH E 3 .  ? 10.755  -12.083 7.750   1.00 39.16 ? 2076 HOH A O   1 
HETATM 1350 O O   . HOH E 3 .  ? 5.559   -10.564 7.799   1.00 8.77  ? 2077 HOH A O   1 
HETATM 1351 O O   . HOH E 3 .  ? 11.681  -11.707 10.692  1.00 25.51 ? 2078 HOH A O   1 
HETATM 1352 O O   . HOH E 3 .  ? 12.611  -6.905  8.183   1.00 21.33 ? 2079 HOH A O   1 
HETATM 1353 O O   . HOH E 3 .  ? -1.328  -10.042 -7.597  1.00 23.46 ? 2080 HOH A O   1 
HETATM 1354 O O   . HOH E 3 .  ? 2.432   -9.430  -7.461  1.00 20.64 ? 2081 HOH A O   1 
HETATM 1355 O O   . HOH E 3 .  ? 2.988   -8.065  -15.949 1.00 33.81 ? 2082 HOH A O   1 
HETATM 1356 O O   . HOH E 3 .  ? 2.198   -8.900  -9.932  1.00 28.89 ? 2083 HOH A O   1 
HETATM 1357 O O   . HOH E 3 .  ? -3.500  -7.458  -15.079 1.00 24.54 ? 2084 HOH A O   1 
HETATM 1358 O O   . HOH E 3 .  ? -4.780  -7.477  -10.905 1.00 34.24 ? 2085 HOH A O   1 
HETATM 1359 O O   . HOH E 3 .  ? -1.089  -8.794  -10.547 1.00 17.92 ? 2086 HOH A O   1 
HETATM 1360 O O   . HOH E 3 .  ? -6.631  -5.156  -15.227 1.00 20.51 ? 2087 HOH A O   1 
HETATM 1361 O O   . HOH E 3 .  ? -5.904  5.169   -18.077 1.00 34.37 ? 2088 HOH A O   1 
HETATM 1362 O O   . HOH E 3 .  ? -9.201  3.552   -17.047 1.00 11.49 ? 2089 HOH A O   1 
HETATM 1363 O O   . HOH E 3 .  ? -8.666  -4.782  -18.083 1.00 11.34 ? 2090 HOH A O   1 
HETATM 1364 O O   . HOH E 3 .  ? -13.627 1.680   -17.393 1.00 46.85 ? 2091 HOH A O   1 
HETATM 1365 O O   . HOH E 3 .  ? -11.776 2.907   -18.720 1.00 33.05 ? 2092 HOH A O   1 
HETATM 1366 O O   . HOH E 3 .  ? -3.938  -3.071  -21.643 1.00 26.93 ? 2093 HOH A O   1 
HETATM 1367 O O   . HOH E 3 .  ? -9.689  -4.374  -22.390 1.00 32.04 ? 2094 HOH A O   1 
HETATM 1368 O O   . HOH E 3 .  ? -10.005 -2.394  -11.928 1.00 13.58 ? 2095 HOH A O   1 
HETATM 1369 O O   . HOH E 3 .  ? -11.472 9.546   -16.896 1.00 13.92 ? 2096 HOH A O   1 
HETATM 1370 O O   . HOH E 3 .  ? -11.810 -1.122  -7.485  1.00 32.95 ? 2097 HOH A O   1 
HETATM 1371 O O   . HOH E 3 .  ? -12.358 0.734   -15.180 1.00 10.87 ? 2098 HOH A O   1 
HETATM 1372 O O   . HOH E 3 .  ? -15.125 1.227   -9.186  1.00 14.43 ? 2099 HOH A O   1 
HETATM 1373 O O   . HOH E 3 .  ? -15.453 9.194   -11.699 1.00 9.51  ? 2100 HOH A O   1 
HETATM 1374 O O   . HOH E 3 .  ? -16.497 7.363   -6.656  1.00 24.90 ? 2101 HOH A O   1 
HETATM 1375 O O   . HOH E 3 .  ? -18.259 4.960   -10.924 1.00 33.32 ? 2102 HOH A O   1 
HETATM 1376 O O   . HOH E 3 .  ? -15.984 2.488   -11.821 1.00 20.75 ? 2103 HOH A O   1 
HETATM 1377 O O   . HOH E 3 .  ? -16.671 6.129   -14.008 1.00 17.65 ? 2104 HOH A O   1 
HETATM 1378 O O   . HOH E 3 .  ? -15.529 2.719   -2.628  1.00 25.49 ? 2105 HOH A O   1 
HETATM 1379 O O   . HOH E 3 .  ? -12.575 3.926   -0.775  1.00 22.70 ? 2106 HOH A O   1 
HETATM 1380 O O   . HOH E 3 .  ? -10.338 -1.909  -1.218  1.00 31.38 ? 2107 HOH A O   1 
HETATM 1381 O O   . HOH E 3 .  ? -13.147 -0.582  -2.158  1.00 43.02 ? 2108 HOH A O   1 
HETATM 1382 O O   . HOH E 3 .  ? -10.570 -1.687  -5.167  1.00 29.81 ? 2109 HOH A O   1 
HETATM 1383 O O   . HOH E 3 .  ? -7.417  -0.961  -0.803  1.00 27.15 ? 2110 HOH A O   1 
HETATM 1384 O O   . HOH E 3 .  ? -11.031 1.529   0.355   1.00 37.77 ? 2111 HOH A O   1 
HETATM 1385 O O   . HOH E 3 .  ? -13.172 13.385  -3.347  1.00 5.63  ? 2112 HOH A O   1 
HETATM 1386 O O   . HOH E 3 .  ? -16.069 9.955   0.076   1.00 26.59 ? 2113 HOH A O   1 
HETATM 1387 O O   . HOH E 3 .  ? -8.420  7.056   3.706   1.00 20.62 ? 2114 HOH A O   1 
HETATM 1388 O O   . HOH E 3 .  ? -6.023  14.336  1.943   1.00 6.20  ? 2115 HOH A O   1 
HETATM 1389 O O   . HOH E 3 .  ? -16.425 10.698  2.625   1.00 21.57 ? 2116 HOH A O   1 
HETATM 1390 O O   . HOH E 3 .  ? -12.938 12.771  -0.406  1.00 5.36  ? 2117 HOH A O   1 
HETATM 1391 O O   . HOH E 3 .  ? -12.867 9.174   2.746   1.00 17.92 ? 2118 HOH A O   1 
HETATM 1392 O O   . HOH E 3 .  ? -15.126 10.714  6.025   1.00 30.73 ? 2119 HOH A O   1 
HETATM 1393 O O   . HOH E 3 .  ? -7.815  14.428  6.226   1.00 33.16 ? 2120 HOH A O   1 
HETATM 1394 O O   . HOH E 3 .  ? -16.752 13.688  4.386   1.00 5.92  ? 2121 HOH A O   1 
HETATM 1395 O O   . HOH E 3 .  ? -8.968  17.024  3.615   1.00 8.54  ? 2122 HOH A O   1 
HETATM 1396 O O   . HOH E 3 .  ? -7.153  16.840  5.646   1.00 17.79 ? 2123 HOH A O   1 
HETATM 1397 O O   . HOH E 3 .  ? -5.771  7.942   3.524   1.00 8.05  ? 2124 HOH A O   1 
HETATM 1398 O O   . HOH E 3 .  ? -4.510  12.985  5.583   1.00 32.25 ? 2125 HOH A O   1 
HETATM 1399 O O   . HOH E 3 .  ? -5.376  10.838  6.756   1.00 19.83 ? 2126 HOH A O   1 
HETATM 1400 O O   . HOH E 3 .  ? -2.737  14.841  1.304   1.00 9.25  ? 2127 HOH A O   1 
HETATM 1401 O O   . HOH E 3 .  ? -0.295  13.655  4.371   1.00 18.99 ? 2128 HOH A O   1 
HETATM 1402 O O   . HOH E 3 .  ? 2.150   13.835  0.963   1.00 15.15 ? 2129 HOH A O   1 
HETATM 1403 O O   . HOH E 3 .  ? 5.482   12.515  -1.131  1.00 10.63 ? 2130 HOH A O   1 
HETATM 1404 O O   . HOH E 3 .  ? 2.190   14.810  -3.755  1.00 24.63 ? 2131 HOH A O   1 
HETATM 1405 O O   . HOH E 3 .  ? -3.344  18.011  2.641   1.00 34.17 ? 2132 HOH A O   1 
HETATM 1406 O O   . HOH E 3 .  ? -0.779  15.989  -5.194  1.00 18.39 ? 2133 HOH A O   1 
HETATM 1407 O O   . HOH E 3 .  ? -3.554  18.856  -0.422  1.00 19.17 ? 2134 HOH A O   1 
HETATM 1408 O O   . HOH E 3 .  ? -1.022  15.180  -0.972  1.00 10.16 ? 2135 HOH A O   1 
HETATM 1409 O O   . HOH E 3 .  ? 0.720   17.070  -11.238 1.00 17.56 ? 2136 HOH A O   1 
HETATM 1410 O O   . HOH E 3 .  ? -6.713  14.850  -8.315  1.00 9.82  ? 2137 HOH A O   1 
HETATM 1411 O O   . HOH E 3 .  ? -2.562  6.895   -8.361  1.00 3.01  ? 2138 HOH A O   1 
HETATM 1412 O O   . HOH E 3 .  ? -9.044  18.433  -11.877 1.00 7.09  ? 2139 HOH A O   1 
HETATM 1413 O O   . HOH E 3 .  ? -14.388 15.177  -15.859 1.00 6.36  ? 2140 HOH A O   1 
HETATM 1414 O O   . HOH E 3 .  ? -13.729 13.118  -6.781  1.00 6.80  ? 2141 HOH A O   1 
HETATM 1415 O O   . HOH E 3 .  ? -11.668 12.248  -16.255 1.00 10.41 ? 2142 HOH A O   1 
HETATM 1416 O O   . HOH E 3 .  ? -15.647 10.963  -9.504  1.00 11.46 ? 2143 HOH A O   1 
HETATM 1417 O O   . HOH E 3 .  ? -18.186 8.830   -11.526 1.00 27.49 ? 2144 HOH A O   1 
HETATM 1418 O O   . HOH E 3 .  ? -19.684 11.441  -11.181 1.00 27.27 ? 2145 HOH A O   1 
HETATM 1419 O O   . HOH E 3 .  ? -17.265 12.304  -11.408 1.00 13.95 ? 2146 HOH A O   1 
HETATM 1420 O O   . HOH E 3 .  ? -20.226 12.112  -13.860 1.00 14.61 ? 2147 HOH A O   1 
HETATM 1421 O O   . HOH E 3 .  ? -17.475 12.273  -17.921 1.00 19.79 ? 2148 HOH A O   1 
HETATM 1422 O O   . HOH E 3 .  ? 2.509   -2.859  13.633  1.00 14.20 ? 2149 HOH A O   1 
HETATM 1423 O O   . HOH E 3 .  ? 2.722   -8.015  17.538  1.00 24.91 ? 2150 HOH A O   1 
HETATM 1424 O O   . HOH F 3 .  ? 3.411   18.875  7.236   1.00 39.18 ? 2001 HOH B O   1 
HETATM 1425 O O   . HOH F 3 .  ? 3.695   12.365  22.680  1.00 38.09 ? 2002 HOH B O   1 
HETATM 1426 O O   . HOH F 3 .  ? -7.155  2.752   -0.996  1.00 7.86  ? 2003 HOH B O   1 
HETATM 1427 O O   . HOH F 3 .  ? -4.084  -2.435  2.399   1.00 5.79  ? 2004 HOH B O   1 
HETATM 1428 O O   . HOH F 3 .  ? -6.570  -0.326  19.266  1.00 41.79 ? 2005 HOH B O   1 
HETATM 1429 O O   . HOH F 3 .  ? 2.649   2.507   17.280  1.00 30.36 ? 2006 HOH B O   1 
HETATM 1430 O O   . HOH F 3 .  ? 0.258   -2.442  16.837  1.00 39.55 ? 2007 HOH B O   1 
HETATM 1431 O O   . HOH F 3 .  ? 16.651  -2.955  -6.151  1.00 38.59 ? 2008 HOH B O   1 
HETATM 1432 O O   . HOH F 3 .  ? 16.361  -7.144  -7.673  1.00 27.94 ? 2009 HOH B O   1 
HETATM 1433 O O   . HOH F 3 .  ? -1.376  16.337  2.975   1.00 32.15 ? 2010 HOH B O   1 
HETATM 1434 O O   . HOH F 3 .  ? -10.117 -1.107  1.518   1.00 23.71 ? 2011 HOH B O   1 
HETATM 1435 O O   . HOH F 3 .  ? -6.128  -3.675  1.272   1.00 11.72 ? 2012 HOH B O   1 
HETATM 1436 O O   . HOH F 3 .  ? 3.097   19.853  9.919   1.00 32.07 ? 2013 HOH B O   1 
HETATM 1437 O O   . HOH F 3 .  ? 4.990   11.596  20.420  1.00 29.09 ? 2014 HOH B O   1 
HETATM 1438 O O   . HOH F 3 .  ? -11.530 -1.569  5.293   1.00 47.37 ? 2015 HOH B O   1 
HETATM 1439 O O   . HOH F 3 .  ? 6.195   15.838  1.683   1.00 26.78 ? 2016 HOH B O   1 
HETATM 1440 O O   . HOH F 3 .  ? -3.552  0.248   18.043  1.00 26.49 ? 2017 HOH B O   1 
HETATM 1441 O O   . HOH F 3 .  ? -0.692  0.192   16.968  1.00 36.92 ? 2018 HOH B O   1 
HETATM 1442 O O   . HOH F 3 .  ? 3.092   4.401   15.244  1.00 20.47 ? 2019 HOH B O   1 
HETATM 1443 O O   . HOH F 3 .  ? -0.016  5.625   18.903  1.00 30.27 ? 2020 HOH B O   1 
HETATM 1444 O O   . HOH F 3 .  ? 14.664  6.839   -13.506 1.00 16.89 ? 2021 HOH B O   1 
HETATM 1445 O O   . HOH F 3 .  ? 16.336  -0.007  -5.814  1.00 37.47 ? 2022 HOH B O   1 
HETATM 1446 O O   . HOH F 3 .  ? 19.418  3.005   -7.699  1.00 34.57 ? 2023 HOH B O   1 
HETATM 1447 O O   . HOH F 3 .  ? 15.241  -4.634  -7.854  1.00 18.05 ? 2024 HOH B O   1 
HETATM 1448 O O   . HOH F 3 .  ? 6.064   14.998  14.127  1.00 22.67 ? 2025 HOH B O   1 
HETATM 1449 O O   . HOH F 3 .  ? 8.148   12.981  -1.694  1.00 10.31 ? 2026 HOH B O   1 
HETATM 1450 O O   . HOH F 3 .  ? -0.996  17.482  12.846  1.00 31.14 ? 2027 HOH B O   1 
HETATM 1451 O O   . HOH F 3 .  ? -5.801  16.858  7.620   1.00 30.07 ? 2028 HOH B O   1 
HETATM 1452 O O   . HOH F 3 .  ? 0.503   15.580  5.967   1.00 18.26 ? 2029 HOH B O   1 
HETATM 1453 O O   . HOH F 3 .  ? 2.638   18.068  12.094  1.00 15.75 ? 2030 HOH B O   1 
HETATM 1454 O O   . HOH F 3 .  ? 9.418   18.217  8.394   1.00 31.97 ? 2031 HOH B O   1 
HETATM 1455 O O   . HOH F 3 .  ? 6.818   9.268   16.967  1.00 29.27 ? 2032 HOH B O   1 
HETATM 1456 O O   . HOH F 3 .  ? 4.534   10.614  17.999  1.00 38.24 ? 2033 HOH B O   1 
HETATM 1457 O O   . HOH F 3 .  ? -8.307  9.413   7.923   1.00 27.93 ? 2034 HOH B O   1 
HETATM 1458 O O   . HOH F 3 .  ? -12.326 0.119   7.565   1.00 37.84 ? 2035 HOH B O   1 
HETATM 1459 O O   . HOH F 3 .  ? -3.119  14.445  10.592  1.00 45.61 ? 2036 HOH B O   1 
HETATM 1460 O O   . HOH F 3 .  ? -12.746 -1.718  9.432   1.00 20.13 ? 2037 HOH B O   1 
HETATM 1461 O O   . HOH F 3 .  ? -10.556 -7.440  20.727  1.00 31.79 ? 2038 HOH B O   1 
HETATM 1462 O O   . HOH F 3 .  ? -11.962 -10.071 18.003  1.00 39.74 ? 2039 HOH B O   1 
HETATM 1463 O O   . HOH F 3 .  ? 4.803   13.663  1.364   1.00 7.66  ? 2040 HOH B O   1 
HETATM 1464 O O   . HOH F 3 .  ? -15.169 -4.902  9.263   1.00 42.73 ? 2041 HOH B O   1 
HETATM 1465 O O   . HOH F 3 .  ? -13.071 -4.455  6.125   1.00 26.72 ? 2042 HOH B O   1 
HETATM 1466 O O   . HOH F 3 .  ? -14.840 -7.795  4.211   1.00 41.50 ? 2043 HOH B O   1 
HETATM 1467 O O   . HOH F 3 .  ? -15.501 -6.952  11.081  1.00 38.09 ? 2044 HOH B O   1 
HETATM 1468 O O   . HOH F 3 .  ? -4.562  -18.822 6.080   1.00 21.79 ? 2045 HOH B O   1 
HETATM 1469 O O   . HOH F 3 .  ? -14.195 -10.782 0.597   1.00 36.89 ? 2046 HOH B O   1 
HETATM 1470 O O   . HOH F 3 .  ? 13.841  9.229   4.903   1.00 3.15  ? 2047 HOH B O   1 
HETATM 1471 O O   . HOH F 3 .  ? 12.476  6.092   0.615   1.00 6.61  ? 2048 HOH B O   1 
HETATM 1472 O O   . HOH F 3 .  ? -2.256  -20.253 0.739   1.00 33.39 ? 2049 HOH B O   1 
HETATM 1473 O O   . HOH F 3 .  ? 0.333   -12.443 -8.724  1.00 34.06 ? 2050 HOH B O   1 
HETATM 1474 O O   . HOH F 3 .  ? -1.648  -17.471 -6.392  1.00 27.42 ? 2051 HOH B O   1 
HETATM 1475 O O   . HOH F 3 .  ? -4.439  -14.374 -5.470  1.00 35.80 ? 2052 HOH B O   1 
HETATM 1476 O O   . HOH F 3 .  ? 13.149  -7.414  4.545   1.00 19.53 ? 2053 HOH B O   1 
HETATM 1477 O O   . HOH F 3 .  ? 14.085  8.452   -0.257  1.00 10.28 ? 2054 HOH B O   1 
HETATM 1478 O O   . HOH F 3 .  ? -7.269  -25.969 12.188  1.00 32.62 ? 2055 HOH B O   1 
HETATM 1479 O O   . HOH F 3 .  ? -0.673  -22.590 11.886  1.00 19.42 ? 2056 HOH B O   1 
HETATM 1480 O O   . HOH F 3 .  ? 13.042  5.353   -11.081 1.00 8.60  ? 2057 HOH B O   1 
HETATM 1481 O O   . HOH F 3 .  ? 14.359  -0.912  -9.937  1.00 38.58 ? 2058 HOH B O   1 
HETATM 1482 O O   . HOH F 3 .  ? 13.837  4.807   -1.420  1.00 11.68 ? 2059 HOH B O   1 
HETATM 1483 O O   . HOH F 3 .  ? 17.110  2.266   -6.739  1.00 26.44 ? 2060 HOH B O   1 
HETATM 1484 O O   . HOH F 3 .  ? 12.561  -4.276  -7.597  1.00 8.83  ? 2061 HOH B O   1 
HETATM 1485 O O   . HOH F 3 .  ? 12.165  -3.156  -10.097 1.00 13.05 ? 2062 HOH B O   1 
HETATM 1486 O O   . HOH F 3 .  ? 13.899  4.118   -12.991 1.00 11.07 ? 2063 HOH B O   1 
HETATM 1487 O O   . HOH F 3 .  ? 7.039   5.355   -15.691 1.00 35.26 ? 2064 HOH B O   1 
HETATM 1488 O O   . HOH F 3 .  ? 8.615   -0.077  -15.208 1.00 32.48 ? 2065 HOH B O   1 
HETATM 1489 O O   . HOH F 3 .  ? 14.717  2.968   -14.857 1.00 29.35 ? 2066 HOH B O   1 
HETATM 1490 O O   . HOH F 3 .  ? 8.874   -1.561  -13.109 1.00 30.47 ? 2067 HOH B O   1 
HETATM 1491 O O   . HOH F 3 .  ? 10.676  12.955  -14.855 1.00 31.12 ? 2068 HOH B O   1 
HETATM 1492 O O   . HOH F 3 .  ? 10.143  7.108   -15.317 1.00 18.26 ? 2069 HOH B O   1 
HETATM 1493 O O   . HOH F 3 .  ? 2.292   14.885  -7.277  1.00 18.27 ? 2070 HOH B O   1 
HETATM 1494 O O   . HOH F 3 .  ? 8.118   13.364  -4.415  1.00 7.47  ? 2071 HOH B O   1 
HETATM 1495 O O   . HOH F 3 .  ? 5.166   15.937  -4.848  1.00 29.28 ? 2072 HOH B O   1 
HETATM 1496 O O   . HOH F 3 .  ? 4.816   15.869  -8.998  1.00 25.74 ? 2073 HOH B O   1 
HETATM 1497 O O   . HOH F 3 .  ? 5.110   13.535  -14.333 1.00 13.35 ? 2074 HOH B O   1 
HETATM 1498 O O   . HOH F 3 .  ? 5.185   16.219  -11.391 1.00 19.67 ? 2075 HOH B O   1 
HETATM 1499 O O   . HOH F 3 .  ? 4.485   6.926   -13.597 1.00 12.82 ? 2076 HOH B O   1 
HETATM 1500 O O   . HOH F 3 .  ? 1.173   12.565  -6.539  1.00 7.57  ? 2077 HOH B O   1 
HETATM 1501 O O   . HOH F 3 .  ? -4.555  8.444   7.504   1.00 22.75 ? 2078 HOH B O   1 
HETATM 1502 O O   . HOH F 3 .  ? -8.024  7.084   6.455   1.00 23.86 ? 2079 HOH B O   1 
HETATM 1503 O O   . HOH F 3 .  ? -10.603 4.260   6.324   1.00 25.44 ? 2080 HOH B O   1 
HETATM 1504 O O   . HOH F 3 .  ? -10.930 2.676   12.683  1.00 31.95 ? 2081 HOH B O   1 
HETATM 1505 O O   . HOH F 3 .  ? -5.799  6.790   16.016  1.00 45.35 ? 2082 HOH B O   1 
HETATM 1506 O O   . HOH F 3 .  ? -8.226  5.911   9.010   1.00 18.30 ? 2083 HOH B O   1 
HETATM 1507 O O   . HOH F 3 .  ? -10.750 3.105   8.722   1.00 29.74 ? 2084 HOH B O   1 
HETATM 1508 O O   . HOH F 3 .  ? -12.242 -0.561  11.838  1.00 14.45 ? 2085 HOH B O   1 
HETATM 1509 O O   . HOH F 3 .  ? -9.282  4.290   17.271  1.00 40.44 ? 2086 HOH B O   1 
HETATM 1510 O O   . HOH F 3 .  ? -12.171 -10.962 15.256  1.00 30.39 ? 2087 HOH B O   1 
HETATM 1511 O O   . HOH F 3 .  ? -13.859 -9.450  16.374  1.00 29.86 ? 2088 HOH B O   1 
HETATM 1512 O O   . HOH F 3 .  ? -9.815  -8.387  18.292  1.00 32.85 ? 2089 HOH B O   1 
HETATM 1513 O O   . HOH F 3 .  ? -10.362 -4.887  20.561  1.00 26.45 ? 2090 HOH B O   1 
HETATM 1514 O O   . HOH F 3 .  ? -14.523 -1.402  13.363  1.00 37.83 ? 2091 HOH B O   1 
HETATM 1515 O O   . HOH F 3 .  ? -12.263 -4.450  8.653   1.00 20.63 ? 2092 HOH B O   1 
HETATM 1516 O O   . HOH F 3 .  ? -12.084 -16.687 12.059  1.00 28.57 ? 2093 HOH B O   1 
HETATM 1517 O O   . HOH F 3 .  ? -9.947  -9.304  14.298  1.00 14.93 ? 2094 HOH B O   1 
HETATM 1518 O O   . HOH F 3 .  ? -11.388 -13.375 14.711  1.00 18.12 ? 2095 HOH B O   1 
HETATM 1519 O O   . HOH F 3 .  ? -9.654  -16.428 13.472  1.00 30.13 ? 2096 HOH B O   1 
HETATM 1520 O O   . HOH F 3 .  ? -12.147 -6.187  4.342   1.00 31.33 ? 2097 HOH B O   1 
HETATM 1521 O O   . HOH F 3 .  ? -13.367 -8.594  11.628  1.00 18.65 ? 2098 HOH B O   1 
HETATM 1522 O O   . HOH F 3 .  ? -13.878 -10.199 4.979   1.00 20.94 ? 2099 HOH B O   1 
HETATM 1523 O O   . HOH F 3 .  ? -7.390  -18.119 6.927   1.00 27.11 ? 2100 HOH B O   1 
HETATM 1524 O O   . HOH F 3 .  ? -13.424 -15.518 9.805   1.00 28.44 ? 2101 HOH B O   1 
HETATM 1525 O O   . HOH F 3 .  ? -14.707 -11.779 7.595   1.00 28.39 ? 2102 HOH B O   1 
HETATM 1526 O O   . HOH F 3 .  ? -13.934 -12.016 2.993   1.00 30.01 ? 2103 HOH B O   1 
HETATM 1527 O O   . HOH F 3 .  ? -10.742 -16.114 3.305   1.00 26.59 ? 2104 HOH B O   1 
HETATM 1528 O O   . HOH F 3 .  ? -7.845  -10.859 -1.940  1.00 36.56 ? 2105 HOH B O   1 
HETATM 1529 O O   . HOH F 3 .  ? -11.624 -11.167 -1.147  1.00 32.12 ? 2106 HOH B O   1 
HETATM 1530 O O   . HOH F 3 .  ? -7.815  -7.123  -3.098  1.00 42.77 ? 2107 HOH B O   1 
HETATM 1531 O O   . HOH F 3 .  ? -9.527  -4.300  -1.515  1.00 30.71 ? 2108 HOH B O   1 
HETATM 1532 O O   . HOH F 3 .  ? -4.435  -18.834 3.384   1.00 18.13 ? 2109 HOH B O   1 
HETATM 1533 O O   . HOH F 3 .  ? -4.921  -18.888 -0.432  1.00 17.37 ? 2110 HOH B O   1 
HETATM 1534 O O   . HOH F 3 .  ? -1.941  -21.974 -1.605  1.00 21.87 ? 2111 HOH B O   1 
HETATM 1535 O O   . HOH F 3 .  ? -3.117  -18.156 -2.439  1.00 19.28 ? 2112 HOH B O   1 
HETATM 1536 O O   . HOH F 3 .  ? 4.119   -13.380 -5.190  1.00 38.41 ? 2113 HOH B O   1 
HETATM 1537 O O   . HOH F 3 .  ? 0.363   -9.832  -4.315  1.00 8.83  ? 2114 HOH B O   1 
HETATM 1538 O O   . HOH F 3 .  ? -2.826  -16.303 -4.273  1.00 22.57 ? 2115 HOH B O   1 
HETATM 1539 O O   . HOH F 3 .  ? 2.767   -12.086 -7.130  1.00 19.87 ? 2116 HOH B O   1 
HETATM 1540 O O   . HOH F 3 .  ? 7.951   -11.916 -3.101  1.00 21.58 ? 2117 HOH B O   1 
HETATM 1541 O O   . HOH F 3 .  ? 8.912   -11.254 0.827   1.00 12.80 ? 2118 HOH B O   1 
HETATM 1542 O O   . HOH F 3 .  ? 8.284   -12.052 5.267   1.00 9.15  ? 2119 HOH B O   1 
HETATM 1543 O O   . HOH F 3 .  ? 10.634  -8.201  3.346   1.00 13.78 ? 2120 HOH B O   1 
HETATM 1544 O O   . HOH F 3 .  ? 6.560   -12.505 6.942   1.00 3.81  ? 2121 HOH B O   1 
HETATM 1545 O O   . HOH F 3 .  ? -0.561  -7.902  7.920   1.00 5.31  ? 2122 HOH B O   1 
HETATM 1546 O O   . HOH F 3 .  ? -9.316  -17.205 10.154  1.00 31.39 ? 2123 HOH B O   1 
HETATM 1547 O O   . HOH F 3 .  ? -7.400  -15.986 14.419  1.00 26.15 ? 2124 HOH B O   1 
HETATM 1548 O O   . HOH F 3 .  ? -7.915  -23.425 12.372  1.00 44.22 ? 2125 HOH B O   1 
HETATM 1549 O O   . HOH F 3 .  ? -3.062  -22.836 8.854   1.00 20.60 ? 2126 HOH B O   1 
HETATM 1550 O O   . HOH F 3 .  ? -4.540  -21.361 6.693   1.00 27.42 ? 2127 HOH B O   1 
HETATM 1551 O O   . HOH F 3 .  ? -7.488  -23.564 16.219  1.00 23.94 ? 2128 HOH B O   1 
HETATM 1552 O O   . HOH F 3 .  ? -4.735  -26.142 13.599  1.00 31.02 ? 2129 HOH B O   1 
HETATM 1553 O O   . HOH F 3 .  ? -1.792  -24.543 13.290  1.00 14.70 ? 2130 HOH B O   1 
HETATM 1554 O O   . HOH F 3 .  ? 1.982   9.505   -16.593 1.00 34.47 ? 2131 HOH B O   1 
HETATM 1555 O O   . HOH F 3 .  ? 0.449   11.367  -13.424 1.00 16.60 ? 2132 HOH B O   1 
HETATM 1556 O O   . HOH F 3 .  ? 4.129   4.303   -12.641 1.00 16.90 ? 2133 HOH B O   1 
# 
